data_2BA0
#
_entry.id   2BA0
#
_cell.length_a   101.570
_cell.length_b   129.590
_cell.length_c   102.330
_cell.angle_alpha   90.00
_cell.angle_beta   101.56
_cell.angle_gamma   90.00
#
_symmetry.space_group_name_H-M   'P 1 21 1'
#
loop_
_entity.id
_entity.type
_entity.pdbx_description
1 polymer 'Archaeal exosome RNA binding protein RRP4'
2 polymer 'Archaeal exosome RNA binding protein RRP41'
3 polymer 'Archaeal exosome RNA binding protein RRP42'
4 water water
#
loop_
_entity_poly.entity_id
_entity_poly.type
_entity_poly.pdbx_seq_one_letter_code
_entity_poly.pdbx_strand_id
1 'polypeptide(L)'
;MRKIVLPGDLLSTNPRAAGYGTYVEGGKVYAKIIGLFDQTETHVRVIPLKGRYTPSVGDVVIGIIREVAANGWAVDIYSP
YQAFLPVSENPEMKPNKKPNEVLDIGDAIIAKVLNIDPKMKVTLTMKDRICRPIRFGRIVAINPARVPRVIGKKGSMIKL
LKSELDVQIVVGQNGLIWVNGDRRKVSIAEEAIYLIEQEAHTEGLTDRVAEFIKRRKADVGIQHHHHHH
;
A,B,C
2 'polypeptide(L)'
;MSEFNEKPEKLIVDGLRLDGRKFDELRPIKIEASVLKRADGSCYLEMGKNKVIAAVFGPREVHPRHLQDPSKAIIRYRYN
MAPFSVEERKRPGPDRRSIEISKVSKEAFEAVIMKELFPRSAIDIFVEVLQADAGSRTACLNAASVALVDAGVPMKGMIT
SVAVGKADGQLVLDPMKEEDNFGEADMPFAFLIRNGKIESIALLQMDGRMTRDEVKQAIELAKKGALQIYEMQREAILRR
YIEVGEEMDEITEGGEDA
;
F,E,D
3 'polypeptide(L)'
;MPEDILVDIKRDYVLSKLRDNERIDGRGFDEFRKVEIIPNVIEKAEGSALVKLGDTQVVVGVKMQPGEPYPDTPDRGVII
VNAELVPLASPTFEPGPPDENSIELARVVDRGIRESEAVDLSKLVIEEGEKVWIVFVDIHALDDDGNLLDASALAAIAAL
MNTKVPAERFDLGEDYLLPVRDLPVSVTSLIVGNKYLVDPSREEMSVGDTTLTITTDKDDNVVAMQKSGGYLLDEKLFDE
LLDVSINCARKLREKFKEI
;
I,H,G
#
# COMPACT_ATOMS: atom_id res chain seq x y z
N ARG A 2 50.74 5.35 -13.32
CA ARG A 2 49.60 4.44 -13.69
C ARG A 2 48.32 5.19 -14.01
N LYS A 3 47.89 5.09 -15.26
CA LYS A 3 46.72 5.78 -15.77
C LYS A 3 45.35 5.38 -15.23
N ILE A 4 44.42 6.34 -15.27
CA ILE A 4 43.03 6.18 -14.84
C ILE A 4 42.14 5.90 -16.06
N VAL A 5 41.25 4.92 -15.93
CA VAL A 5 40.35 4.59 -17.04
C VAL A 5 38.88 4.73 -16.63
N LEU A 6 38.02 4.84 -17.62
CA LEU A 6 36.58 4.97 -17.39
C LEU A 6 35.82 3.82 -18.06
N PRO A 7 34.61 3.52 -17.57
CA PRO A 7 33.84 2.44 -18.19
C PRO A 7 33.70 2.67 -19.69
N GLY A 8 33.90 1.61 -20.47
CA GLY A 8 33.79 1.71 -21.91
C GLY A 8 35.15 1.85 -22.58
N ASP A 9 36.19 2.04 -21.78
CA ASP A 9 37.54 2.18 -22.30
C ASP A 9 38.17 0.85 -22.70
N LEU A 10 38.61 0.76 -23.96
CA LEU A 10 39.24 -0.43 -24.51
C LEU A 10 40.58 -0.64 -23.79
N LEU A 11 40.70 -1.75 -23.06
CA LEU A 11 41.89 -2.01 -22.27
C LEU A 11 42.88 -2.96 -22.93
N SER A 12 42.35 -4.00 -23.56
CA SER A 12 43.20 -4.99 -24.14
C SER A 12 42.53 -5.75 -25.25
N THR A 13 43.36 -6.44 -26.02
CA THR A 13 42.88 -7.19 -27.15
C THR A 13 42.86 -8.71 -26.91
N ASN A 14 43.31 -9.17 -25.73
CA ASN A 14 43.24 -10.60 -25.45
C ASN A 14 42.47 -10.91 -24.16
N PRO A 15 41.22 -11.38 -24.32
CA PRO A 15 40.24 -11.75 -23.27
C PRO A 15 40.62 -12.76 -22.19
N ARG A 16 41.59 -13.62 -22.45
CA ARG A 16 41.97 -14.59 -21.43
C ARG A 16 42.75 -13.95 -20.28
N ALA A 17 43.23 -12.73 -20.48
CA ALA A 17 43.97 -12.06 -19.41
C ALA A 17 43.02 -11.30 -18.47
N ALA A 18 41.83 -10.96 -18.97
CA ALA A 18 40.81 -10.19 -18.26
C ALA A 18 40.42 -10.60 -16.84
N GLY A 19 40.44 -9.64 -15.93
CA GLY A 19 40.07 -9.92 -14.55
C GLY A 19 39.08 -8.93 -13.93
N TYR A 20 39.27 -8.65 -12.65
CA TYR A 20 38.41 -7.73 -11.91
C TYR A 20 38.15 -6.40 -12.61
N GLY A 21 36.93 -5.89 -12.48
CA GLY A 21 36.58 -4.60 -13.05
C GLY A 21 36.55 -4.46 -14.55
N THR A 22 36.55 -5.57 -15.26
CA THR A 22 36.51 -5.53 -16.72
C THR A 22 35.46 -6.50 -17.22
N TYR A 23 35.24 -6.48 -18.53
CA TYR A 23 34.29 -7.39 -19.14
C TYR A 23 34.71 -7.61 -20.59
N VAL A 24 34.25 -8.70 -21.17
CA VAL A 24 34.61 -9.06 -22.54
C VAL A 24 33.44 -9.05 -23.52
N GLU A 25 33.71 -8.56 -24.71
CA GLU A 25 32.71 -8.49 -25.76
C GLU A 25 33.41 -8.40 -27.10
N GLY A 26 33.10 -9.35 -27.97
CA GLY A 26 33.66 -9.36 -29.30
C GLY A 26 35.17 -9.45 -29.36
N GLY A 27 35.77 -10.25 -28.49
CA GLY A 27 37.23 -10.39 -28.51
C GLY A 27 38.00 -9.23 -27.90
N LYS A 28 37.28 -8.24 -27.38
CA LYS A 28 37.95 -7.10 -26.77
C LYS A 28 37.66 -7.01 -25.26
N VAL A 29 38.56 -6.37 -24.52
CA VAL A 29 38.40 -6.22 -23.08
C VAL A 29 38.10 -4.77 -22.76
N TYR A 30 37.05 -4.55 -21.97
CA TYR A 30 36.65 -3.20 -21.58
C TYR A 30 36.56 -3.02 -20.08
N ALA A 31 36.79 -1.78 -19.66
CA ALA A 31 36.68 -1.42 -18.25
C ALA A 31 35.18 -1.20 -18.01
N LYS A 32 34.72 -1.54 -16.80
CA LYS A 32 33.32 -1.38 -16.47
C LYS A 32 33.12 -0.46 -15.27
N ILE A 33 34.23 -0.09 -14.65
CA ILE A 33 34.21 0.81 -13.49
C ILE A 33 35.36 1.80 -13.59
N ILE A 34 35.24 2.93 -12.88
CA ILE A 34 36.32 3.91 -12.89
C ILE A 34 37.44 3.33 -12.02
N GLY A 35 38.68 3.57 -12.41
CA GLY A 35 39.79 3.05 -11.63
C GLY A 35 41.11 3.11 -12.35
N LEU A 36 42.14 2.55 -11.72
CA LEU A 36 43.50 2.52 -12.29
C LEU A 36 43.66 1.28 -13.17
N PHE A 37 44.22 1.47 -14.36
CA PHE A 37 44.46 0.36 -15.27
C PHE A 37 45.62 -0.50 -14.74
N ASP A 38 45.37 -1.80 -14.52
CA ASP A 38 46.42 -2.69 -14.01
C ASP A 38 46.71 -3.82 -15.00
N GLN A 39 47.74 -3.63 -15.83
CA GLN A 39 48.12 -4.62 -16.81
C GLN A 39 49.49 -5.20 -16.52
N THR A 40 49.59 -6.52 -16.57
CA THR A 40 50.86 -7.20 -16.38
C THR A 40 50.96 -8.24 -17.49
N GLU A 41 51.86 -9.20 -17.33
CA GLU A 41 52.02 -10.21 -18.36
C GLU A 41 50.95 -11.29 -18.23
N THR A 42 50.47 -11.51 -17.02
CA THR A 42 49.46 -12.54 -16.83
C THR A 42 48.04 -11.97 -16.83
N HIS A 43 47.89 -10.68 -16.53
CA HIS A 43 46.54 -10.13 -16.47
C HIS A 43 46.31 -8.67 -16.87
N VAL A 44 45.03 -8.34 -17.03
CA VAL A 44 44.55 -7.01 -17.37
C VAL A 44 43.38 -6.72 -16.43
N ARG A 45 43.61 -5.90 -15.41
CA ARG A 45 42.55 -5.59 -14.46
C ARG A 45 42.35 -4.09 -14.30
N VAL A 46 41.39 -3.74 -13.45
CA VAL A 46 41.11 -2.35 -13.14
C VAL A 46 40.95 -2.24 -11.63
N ILE A 47 41.87 -1.52 -10.99
CA ILE A 47 41.83 -1.34 -9.55
C ILE A 47 40.78 -0.28 -9.24
N PRO A 48 39.75 -0.65 -8.47
CA PRO A 48 38.63 0.21 -8.06
C PRO A 48 38.97 1.38 -7.14
N LEU A 49 38.19 2.45 -7.27
CA LEU A 49 38.40 3.65 -6.48
C LEU A 49 37.16 3.93 -5.64
N LYS A 50 36.02 3.48 -6.12
CA LYS A 50 34.75 3.73 -5.44
C LYS A 50 33.79 2.56 -5.51
N GLY A 51 32.66 2.67 -4.82
CA GLY A 51 31.66 1.62 -4.83
C GLY A 51 31.46 0.93 -3.50
N ARG A 52 30.56 -0.04 -3.47
CA ARG A 52 30.32 -0.76 -2.24
C ARG A 52 31.21 -2.00 -2.23
N TYR A 53 31.32 -2.62 -1.06
CA TYR A 53 32.18 -3.79 -0.93
C TYR A 53 31.76 -5.04 -1.68
N THR A 54 32.50 -5.39 -2.72
CA THR A 54 32.21 -6.62 -3.45
C THR A 54 33.30 -7.57 -2.92
N PRO A 55 32.90 -8.61 -2.17
CA PRO A 55 33.86 -9.56 -1.62
C PRO A 55 34.59 -10.44 -2.62
N SER A 56 35.79 -10.87 -2.24
CA SER A 56 36.57 -11.75 -3.07
C SER A 56 37.16 -12.84 -2.17
N VAL A 57 37.32 -14.03 -2.72
CA VAL A 57 37.84 -15.16 -1.96
C VAL A 57 39.09 -14.78 -1.18
N GLY A 58 39.12 -15.15 0.09
CA GLY A 58 40.27 -14.88 0.93
C GLY A 58 40.21 -13.62 1.79
N ASP A 59 39.25 -12.75 1.54
CA ASP A 59 39.15 -11.52 2.32
C ASP A 59 38.75 -11.74 3.78
N VAL A 60 39.35 -10.98 4.68
CA VAL A 60 39.00 -11.07 6.08
C VAL A 60 37.83 -10.10 6.19
N VAL A 61 36.89 -10.39 7.07
CA VAL A 61 35.71 -9.54 7.21
C VAL A 61 35.15 -9.65 8.62
N ILE A 62 34.58 -8.55 9.09
CA ILE A 62 33.97 -8.54 10.42
C ILE A 62 32.47 -8.46 10.18
N GLY A 63 31.73 -9.41 10.75
CA GLY A 63 30.29 -9.40 10.55
C GLY A 63 29.46 -9.47 11.81
N ILE A 64 28.16 -9.24 11.67
CA ILE A 64 27.23 -9.28 12.79
C ILE A 64 26.25 -10.40 12.48
N ILE A 65 26.10 -11.36 13.40
CA ILE A 65 25.16 -12.46 13.15
C ILE A 65 23.73 -11.94 13.10
N ARG A 66 23.11 -12.09 11.93
CA ARG A 66 21.75 -11.62 11.69
C ARG A 66 20.69 -12.64 12.09
N GLU A 67 20.87 -13.88 11.66
CA GLU A 67 19.91 -14.94 11.95
C GLU A 67 20.58 -16.24 12.36
N VAL A 68 19.91 -17.03 13.21
CA VAL A 68 20.45 -18.30 13.68
C VAL A 68 19.72 -19.48 13.02
N ALA A 69 20.47 -20.54 12.76
CA ALA A 69 19.92 -21.75 12.14
C ALA A 69 20.66 -22.96 12.71
N ALA A 70 20.15 -24.16 12.44
CA ALA A 70 20.79 -25.37 12.96
C ALA A 70 21.96 -25.78 12.07
N ASN A 71 21.99 -25.25 10.85
CA ASN A 71 23.06 -25.57 9.92
C ASN A 71 24.10 -24.44 9.87
N GLY A 72 23.88 -23.40 10.66
CA GLY A 72 24.80 -22.28 10.67
C GLY A 72 24.17 -20.93 11.01
N TRP A 73 24.83 -19.85 10.59
CA TRP A 73 24.34 -18.49 10.87
C TRP A 73 24.34 -17.59 9.63
N ALA A 74 23.38 -16.68 9.56
CA ALA A 74 23.31 -15.73 8.47
C ALA A 74 24.07 -14.53 9.05
N VAL A 75 25.14 -14.14 8.37
CA VAL A 75 25.99 -13.04 8.82
C VAL A 75 25.88 -11.84 7.88
N ASP A 76 25.88 -10.63 8.47
CA ASP A 76 25.81 -9.38 7.73
C ASP A 76 27.20 -8.82 7.47
N ILE A 77 27.57 -8.78 6.19
CA ILE A 77 28.88 -8.32 5.72
C ILE A 77 29.00 -6.82 5.47
N TYR A 78 27.87 -6.11 5.42
CA TYR A 78 27.87 -4.67 5.14
C TYR A 78 28.10 -4.53 3.63
N SER A 79 27.52 -5.46 2.87
CA SER A 79 27.63 -5.48 1.40
C SER A 79 26.34 -5.98 0.77
N PRO A 80 26.15 -5.72 -0.53
CA PRO A 80 24.95 -6.18 -1.21
C PRO A 80 24.92 -7.70 -1.36
N TYR A 81 26.01 -8.37 -1.01
CA TYR A 81 26.05 -9.81 -1.11
C TYR A 81 25.76 -10.41 0.26
N GLN A 82 24.91 -11.43 0.28
CA GLN A 82 24.55 -12.10 1.52
C GLN A 82 25.61 -13.13 1.91
N ALA A 83 25.77 -13.37 3.21
CA ALA A 83 26.77 -14.33 3.68
C ALA A 83 26.19 -15.29 4.71
N PHE A 84 26.79 -16.47 4.82
CA PHE A 84 26.34 -17.49 5.76
C PHE A 84 27.50 -18.31 6.29
N LEU A 85 27.53 -18.50 7.61
CA LEU A 85 28.57 -19.28 8.26
C LEU A 85 28.00 -20.65 8.64
N PRO A 86 28.48 -21.71 7.97
CA PRO A 86 27.97 -23.05 8.28
C PRO A 86 28.53 -23.56 9.61
N VAL A 87 27.71 -24.36 10.28
CA VAL A 87 28.09 -24.96 11.57
C VAL A 87 29.40 -25.73 11.45
N SER A 88 29.63 -26.30 10.26
CA SER A 88 30.85 -27.05 9.99
C SER A 88 32.10 -26.18 10.01
N GLU A 89 31.94 -24.87 9.94
CA GLU A 89 33.09 -23.96 9.91
C GLU A 89 33.42 -23.16 11.18
N ASN A 90 32.74 -23.44 12.28
CA ASN A 90 33.03 -22.75 13.54
C ASN A 90 33.48 -23.77 14.58
N PRO A 91 34.80 -23.92 14.74
CA PRO A 91 35.45 -24.85 15.68
C PRO A 91 35.22 -24.59 17.15
N GLU A 92 34.55 -23.49 17.48
CA GLU A 92 34.31 -23.18 18.89
C GLU A 92 33.03 -23.84 19.34
N MET A 93 32.26 -24.36 18.39
CA MET A 93 31.00 -25.01 18.73
C MET A 93 31.15 -26.53 18.77
N LYS A 94 31.23 -27.07 19.98
CA LYS A 94 31.35 -28.50 20.18
C LYS A 94 29.97 -29.13 20.00
N PRO A 95 29.89 -30.24 19.24
CA PRO A 95 28.68 -31.01 18.93
C PRO A 95 27.49 -30.91 19.90
N ASN A 96 27.72 -31.17 21.18
CA ASN A 96 26.63 -31.11 22.16
C ASN A 96 26.03 -29.72 22.33
N LYS A 97 26.75 -28.69 21.91
CA LYS A 97 26.26 -27.33 22.04
C LYS A 97 25.25 -26.94 20.97
N LYS A 98 24.22 -26.20 21.39
CA LYS A 98 23.19 -25.73 20.47
C LYS A 98 23.69 -24.44 19.83
N PRO A 99 23.61 -24.34 18.48
CA PRO A 99 24.06 -23.16 17.75
C PRO A 99 23.88 -21.80 18.45
N ASN A 100 22.79 -21.65 19.21
CA ASN A 100 22.53 -20.40 19.90
C ASN A 100 23.31 -20.27 21.22
N GLU A 101 24.26 -21.17 21.45
CA GLU A 101 25.07 -21.14 22.67
C GLU A 101 26.48 -20.64 22.36
N VAL A 102 26.85 -20.68 21.09
CA VAL A 102 28.17 -20.22 20.66
C VAL A 102 28.06 -18.83 20.04
N LEU A 103 27.08 -18.68 19.15
CA LEU A 103 26.82 -17.45 18.43
C LEU A 103 25.33 -17.19 18.35
N ASP A 104 24.91 -15.97 18.64
CA ASP A 104 23.50 -15.62 18.61
C ASP A 104 23.30 -14.28 17.90
N ILE A 105 22.04 -13.96 17.56
CA ILE A 105 21.71 -12.71 16.87
C ILE A 105 22.27 -11.47 17.58
N GLY A 106 22.95 -10.62 16.81
CA GLY A 106 23.53 -9.41 17.37
C GLY A 106 25.02 -9.50 17.68
N ASP A 107 25.53 -10.72 17.82
CA ASP A 107 26.95 -10.92 18.12
C ASP A 107 27.86 -10.55 16.95
N ALA A 108 29.10 -10.17 17.27
CA ALA A 108 30.08 -9.81 16.25
C ALA A 108 31.13 -10.91 16.08
N ILE A 109 31.68 -11.03 14.87
CA ILE A 109 32.69 -12.04 14.56
C ILE A 109 33.57 -11.58 13.40
N ILE A 110 34.77 -12.13 13.32
CA ILE A 110 35.66 -11.81 12.20
C ILE A 110 35.94 -13.15 11.54
N ALA A 111 35.58 -13.26 10.27
CA ALA A 111 35.74 -14.51 9.54
C ALA A 111 36.51 -14.29 8.25
N LYS A 112 36.46 -15.29 7.37
CA LYS A 112 37.14 -15.23 6.10
C LYS A 112 36.22 -15.68 4.98
N VAL A 113 36.33 -15.02 3.83
CA VAL A 113 35.50 -15.37 2.67
C VAL A 113 35.96 -16.70 2.08
N LEU A 114 35.23 -17.76 2.39
CA LEU A 114 35.54 -19.12 1.94
C LEU A 114 35.21 -19.42 0.47
N ASN A 115 34.01 -19.04 0.04
CA ASN A 115 33.59 -19.31 -1.33
C ASN A 115 32.45 -18.39 -1.78
N ILE A 116 32.46 -18.07 -3.07
CA ILE A 116 31.43 -17.21 -3.67
C ILE A 116 30.78 -17.99 -4.84
N ASP A 117 29.59 -18.52 -4.60
CA ASP A 117 28.88 -19.29 -5.62
C ASP A 117 28.32 -18.39 -6.72
N PRO A 118 27.88 -18.98 -7.85
CA PRO A 118 27.32 -18.23 -8.98
C PRO A 118 26.02 -17.46 -8.68
N LYS A 119 25.29 -17.91 -7.68
CA LYS A 119 24.03 -17.27 -7.30
C LYS A 119 24.33 -16.02 -6.45
N MET A 120 25.61 -15.75 -6.25
CA MET A 120 26.11 -14.62 -5.48
C MET A 120 26.09 -14.74 -3.94
N LYS A 121 25.93 -15.96 -3.43
CA LYS A 121 25.92 -16.16 -1.98
C LYS A 121 27.38 -16.21 -1.58
N VAL A 122 27.66 -15.87 -0.34
CA VAL A 122 29.03 -15.92 0.13
C VAL A 122 29.06 -16.86 1.32
N THR A 123 29.98 -17.83 1.28
CA THR A 123 30.11 -18.78 2.37
C THR A 123 31.30 -18.37 3.22
N LEU A 124 31.04 -18.10 4.49
CA LEU A 124 32.07 -17.68 5.42
C LEU A 124 32.68 -18.81 6.24
N THR A 125 33.93 -18.60 6.66
CA THR A 125 34.62 -19.59 7.47
C THR A 125 35.35 -18.91 8.61
N MET A 126 35.48 -19.61 9.72
CA MET A 126 36.17 -19.08 10.89
C MET A 126 37.39 -19.94 11.18
N LYS A 127 37.56 -20.98 10.36
CA LYS A 127 38.68 -21.90 10.53
C LYS A 127 39.98 -21.31 10.02
N ASP A 128 40.44 -20.25 10.71
CA ASP A 128 41.68 -19.60 10.35
C ASP A 128 42.29 -18.90 11.57
N ARG A 129 43.56 -18.55 11.45
CA ARG A 129 44.30 -17.89 12.53
C ARG A 129 43.66 -16.61 13.03
N ILE A 130 43.52 -15.63 12.14
CA ILE A 130 42.96 -14.33 12.50
C ILE A 130 41.51 -14.36 12.96
N CYS A 131 40.71 -15.25 12.39
CA CYS A 131 39.29 -15.35 12.72
C CYS A 131 39.03 -15.56 14.21
N ARG A 132 37.84 -15.14 14.67
CA ARG A 132 37.47 -15.28 16.08
C ARG A 132 36.18 -14.52 16.40
N PRO A 133 35.52 -14.89 17.51
CA PRO A 133 34.28 -14.22 17.91
C PRO A 133 34.67 -12.94 18.65
N ILE A 134 33.91 -11.87 18.47
CA ILE A 134 34.24 -10.63 19.16
C ILE A 134 33.47 -10.51 20.47
N ARG A 135 34.03 -11.09 21.52
CA ARG A 135 33.42 -11.07 22.85
C ARG A 135 33.79 -9.78 23.60
N PHE A 136 34.94 -9.21 23.26
CA PHE A 136 35.39 -7.98 23.90
C PHE A 136 36.12 -7.07 22.88
N GLY A 137 36.20 -5.78 23.21
CA GLY A 137 36.87 -4.82 22.34
C GLY A 137 35.93 -3.76 21.81
N ARG A 138 36.23 -3.24 20.62
CA ARG A 138 35.38 -2.22 20.00
C ARG A 138 35.38 -2.38 18.49
N ILE A 139 34.32 -1.90 17.86
CA ILE A 139 34.22 -1.98 16.40
C ILE A 139 34.17 -0.57 15.79
N VAL A 140 34.86 -0.41 14.68
CA VAL A 140 34.91 0.86 13.97
C VAL A 140 34.40 0.62 12.55
N ALA A 141 33.58 1.51 12.02
CA ALA A 141 33.09 1.33 10.67
C ALA A 141 33.37 2.55 9.83
N ILE A 142 33.99 2.33 8.67
CA ILE A 142 34.35 3.40 7.76
C ILE A 142 34.02 2.93 6.36
N ASN A 143 33.93 3.86 5.41
CA ASN A 143 33.63 3.46 4.05
C ASN A 143 34.68 2.46 3.52
N PRO A 144 34.22 1.37 2.90
CA PRO A 144 35.16 0.36 2.37
C PRO A 144 36.16 0.94 1.35
N ALA A 145 35.71 1.91 0.58
CA ALA A 145 36.58 2.52 -0.42
C ALA A 145 37.69 3.30 0.27
N ARG A 146 37.66 3.32 1.59
CA ARG A 146 38.63 4.09 2.36
C ARG A 146 39.50 3.13 3.17
N VAL A 147 39.28 1.84 3.00
CA VAL A 147 40.04 0.82 3.69
C VAL A 147 41.52 0.82 3.31
N PRO A 148 41.82 0.78 2.00
CA PRO A 148 43.24 0.79 1.63
C PRO A 148 44.01 1.99 2.18
N ARG A 149 43.30 3.03 2.60
CA ARG A 149 43.96 4.21 3.16
C ARG A 149 44.34 4.05 4.64
N VAL A 150 43.52 3.36 5.44
CA VAL A 150 43.85 3.18 6.85
C VAL A 150 44.95 2.15 7.02
N ILE A 151 45.10 1.30 6.01
CA ILE A 151 46.14 0.28 6.04
C ILE A 151 47.39 0.95 5.48
N GLY A 152 47.21 1.72 4.42
CA GLY A 152 48.34 2.43 3.82
C GLY A 152 49.37 1.63 3.02
N LYS A 153 50.40 2.33 2.54
CA LYS A 153 51.45 1.72 1.75
C LYS A 153 52.25 0.71 2.58
N LYS A 154 52.19 -0.56 2.18
CA LYS A 154 52.89 -1.62 2.88
C LYS A 154 52.51 -1.76 4.35
N GLY A 155 51.29 -1.33 4.69
CA GLY A 155 50.81 -1.41 6.06
C GLY A 155 51.34 -0.31 6.97
N SER A 156 51.98 0.69 6.39
CA SER A 156 52.54 1.80 7.16
C SER A 156 51.56 2.53 8.10
N MET A 157 50.29 2.61 7.72
CA MET A 157 49.30 3.28 8.58
C MET A 157 48.89 2.45 9.79
N ILE A 158 48.39 1.25 9.57
CA ILE A 158 47.99 0.42 10.70
C ILE A 158 49.16 0.26 11.64
N LYS A 159 50.36 0.12 11.09
CA LYS A 159 51.55 -0.04 11.91
C LYS A 159 51.67 1.14 12.87
N LEU A 160 51.59 2.35 12.32
CA LEU A 160 51.69 3.56 13.14
C LEU A 160 50.66 3.46 14.27
N LEU A 161 49.45 3.03 13.92
CA LEU A 161 48.37 2.89 14.89
C LEU A 161 48.59 1.74 15.86
N LYS A 162 48.96 0.57 15.36
CA LYS A 162 49.19 -0.59 16.22
C LYS A 162 50.31 -0.27 17.20
N SER A 163 51.40 0.29 16.66
CA SER A 163 52.55 0.64 17.47
C SER A 163 52.30 1.79 18.43
N GLU A 164 52.20 3.00 17.89
CA GLU A 164 51.99 4.20 18.70
C GLU A 164 50.90 4.17 19.77
N LEU A 165 49.98 3.22 19.69
CA LEU A 165 48.91 3.13 20.67
C LEU A 165 48.86 1.75 21.33
N ASP A 166 49.77 0.88 20.94
CA ASP A 166 49.84 -0.46 21.50
C ASP A 166 48.47 -1.11 21.63
N VAL A 167 47.75 -1.17 20.51
CA VAL A 167 46.43 -1.78 20.49
C VAL A 167 46.34 -2.83 19.40
N GLN A 168 45.40 -3.75 19.55
CA GLN A 168 45.20 -4.80 18.56
C GLN A 168 44.23 -4.25 17.51
N ILE A 169 44.53 -4.48 16.24
CA ILE A 169 43.66 -4.00 15.16
C ILE A 169 43.56 -4.96 13.99
N VAL A 170 42.32 -5.30 13.61
CA VAL A 170 42.09 -6.18 12.47
C VAL A 170 41.14 -5.43 11.53
N VAL A 171 41.68 -4.96 10.41
CA VAL A 171 40.88 -4.24 9.43
C VAL A 171 40.19 -5.20 8.48
N GLY A 172 38.86 -5.19 8.47
CA GLY A 172 38.14 -6.06 7.57
C GLY A 172 38.05 -5.35 6.24
N GLN A 173 38.00 -6.11 5.14
CA GLN A 173 37.89 -5.49 3.82
C GLN A 173 36.59 -4.74 3.66
N ASN A 174 35.53 -5.24 4.29
CA ASN A 174 34.21 -4.62 4.19
C ASN A 174 34.11 -3.24 4.87
N GLY A 175 35.17 -2.83 5.54
CA GLY A 175 35.13 -1.55 6.19
C GLY A 175 34.83 -1.64 7.67
N LEU A 176 34.67 -2.85 8.19
CA LEU A 176 34.44 -3.00 9.63
C LEU A 176 35.78 -3.35 10.27
N ILE A 177 36.15 -2.57 11.28
CA ILE A 177 37.41 -2.75 11.98
C ILE A 177 37.25 -3.03 13.47
N TRP A 178 38.09 -3.92 13.97
CA TRP A 178 38.06 -4.31 15.39
C TRP A 178 39.29 -3.80 16.13
N VAL A 179 39.08 -3.17 17.28
CA VAL A 179 40.19 -2.63 18.10
C VAL A 179 40.09 -3.05 19.58
N ASN A 180 41.23 -3.45 20.16
CA ASN A 180 41.25 -3.85 21.56
C ASN A 180 42.49 -3.36 22.29
N GLY A 181 42.37 -3.18 23.61
CA GLY A 181 43.47 -2.70 24.42
C GLY A 181 43.05 -1.73 25.50
N ASP A 182 43.97 -0.90 25.95
CA ASP A 182 43.67 0.10 26.97
C ASP A 182 42.53 1.00 26.47
N ARG A 183 41.41 1.02 27.18
CA ARG A 183 40.26 1.82 26.76
C ARG A 183 40.65 3.24 26.38
N ARG A 184 41.56 3.85 27.12
CA ARG A 184 41.99 5.20 26.80
C ARG A 184 42.68 5.21 25.45
N LYS A 185 43.44 4.16 25.16
CA LYS A 185 44.14 4.06 23.88
C LYS A 185 43.25 3.58 22.74
N VAL A 186 42.31 2.69 23.03
CA VAL A 186 41.41 2.21 21.99
C VAL A 186 40.54 3.37 21.47
N SER A 187 40.21 4.32 22.34
CA SER A 187 39.39 5.44 21.93
C SER A 187 40.18 6.34 20.97
N ILE A 188 41.48 6.52 21.25
CA ILE A 188 42.31 7.37 20.40
C ILE A 188 42.38 6.75 19.02
N ALA A 189 42.40 5.43 18.97
CA ALA A 189 42.46 4.74 17.69
C ALA A 189 41.20 5.09 16.89
N GLU A 190 40.05 4.97 17.54
CA GLU A 190 38.78 5.31 16.90
C GLU A 190 38.91 6.70 16.27
N GLU A 191 39.13 7.69 17.13
CA GLU A 191 39.28 9.08 16.70
C GLU A 191 40.17 9.26 15.46
N ALA A 192 41.34 8.62 15.47
CA ALA A 192 42.28 8.74 14.38
C ALA A 192 41.82 8.06 13.11
N ILE A 193 41.12 6.94 13.24
CA ILE A 193 40.64 6.23 12.05
C ILE A 193 39.53 7.05 11.38
N TYR A 194 38.74 7.75 12.19
CA TYR A 194 37.67 8.56 11.64
C TYR A 194 38.26 9.78 10.96
N LEU A 195 39.33 10.35 11.53
CA LEU A 195 39.95 11.49 10.90
C LEU A 195 40.49 11.08 9.54
N ILE A 196 41.24 9.98 9.54
CA ILE A 196 41.84 9.43 8.33
C ILE A 196 40.78 9.22 7.25
N GLU A 197 39.59 8.82 7.67
CA GLU A 197 38.48 8.56 6.75
C GLU A 197 37.91 9.82 6.13
N GLN A 198 37.84 10.90 6.91
CA GLN A 198 37.30 12.18 6.42
C GLN A 198 38.34 12.98 5.64
N GLU A 199 39.62 12.74 5.95
CA GLU A 199 40.74 13.45 5.34
C GLU A 199 40.58 13.74 3.85
N ALA A 200 40.46 15.02 3.52
CA ALA A 200 40.29 15.46 2.15
C ALA A 200 41.59 15.50 1.34
N HIS A 201 42.72 15.70 2.02
CA HIS A 201 43.99 15.76 1.32
C HIS A 201 45.04 14.90 2.03
N THR A 202 45.42 13.82 1.36
CA THR A 202 46.39 12.85 1.88
C THR A 202 47.83 13.19 1.50
N GLU A 203 48.30 14.36 1.94
CA GLU A 203 49.65 14.81 1.65
C GLU A 203 50.66 14.10 2.55
N GLY A 204 50.69 14.48 3.82
CA GLY A 204 51.59 13.87 4.77
C GLY A 204 50.74 13.35 5.89
N LEU A 205 49.66 12.67 5.50
CA LEU A 205 48.70 12.12 6.45
C LEU A 205 49.37 11.24 7.48
N THR A 206 50.35 10.43 7.07
CA THR A 206 51.03 9.55 8.01
C THR A 206 51.67 10.35 9.14
N ASP A 207 52.18 11.53 8.82
CA ASP A 207 52.81 12.38 9.82
C ASP A 207 51.82 13.12 10.70
N ARG A 208 50.71 13.57 10.12
CA ARG A 208 49.69 14.29 10.86
C ARG A 208 48.97 13.39 11.85
N VAL A 209 48.87 12.11 11.52
CA VAL A 209 48.23 11.13 12.38
C VAL A 209 49.06 10.88 13.63
N ALA A 210 50.38 10.86 13.46
CA ALA A 210 51.32 10.65 14.56
C ALA A 210 51.30 11.86 15.48
N GLU A 211 51.06 13.03 14.89
CA GLU A 211 51.00 14.28 15.63
C GLU A 211 49.66 14.44 16.35
N PHE A 212 48.67 13.65 15.92
CA PHE A 212 47.35 13.67 16.53
C PHE A 212 47.40 12.70 17.73
N ILE A 213 47.92 11.51 17.48
CA ILE A 213 48.06 10.50 18.53
C ILE A 213 48.99 11.05 19.62
N LYS A 214 49.81 12.02 19.23
CA LYS A 214 50.76 12.66 20.12
C LYS A 214 50.02 13.58 21.07
N ARG A 215 49.42 14.63 20.51
CA ARG A 215 48.68 15.59 21.30
C ARG A 215 47.53 14.91 22.04
N ARG A 216 46.94 13.92 21.39
CA ARG A 216 45.82 13.21 21.97
C ARG A 216 46.23 12.38 23.18
N LYS A 217 47.45 11.86 23.17
CA LYS A 217 47.91 11.07 24.30
C LYS A 217 48.19 11.99 25.49
N ALA A 218 48.38 13.28 25.21
CA ALA A 218 48.62 14.27 26.25
C ALA A 218 47.49 14.22 27.28
N ASP A 219 46.30 14.64 26.86
CA ASP A 219 45.14 14.62 27.74
C ASP A 219 44.82 13.20 28.22
N ARG B 2 -22.92 -38.44 -26.64
CA ARG B 2 -23.21 -37.98 -25.24
C ARG B 2 -23.77 -36.56 -25.18
N LYS B 3 -24.34 -36.21 -24.03
CA LYS B 3 -24.92 -34.90 -23.85
C LYS B 3 -24.05 -33.98 -23.01
N ILE B 4 -24.10 -32.69 -23.33
CA ILE B 4 -23.36 -31.69 -22.58
C ILE B 4 -24.30 -31.26 -21.45
N VAL B 5 -23.76 -31.21 -20.24
CA VAL B 5 -24.55 -30.81 -19.07
C VAL B 5 -23.94 -29.57 -18.41
N LEU B 6 -24.78 -28.77 -17.75
CA LEU B 6 -24.32 -27.54 -17.09
C LEU B 6 -24.39 -27.62 -15.56
N PRO B 7 -23.58 -26.78 -14.85
CA PRO B 7 -23.64 -26.82 -13.37
C PRO B 7 -25.07 -26.62 -12.88
N GLY B 8 -25.46 -27.44 -11.92
CA GLY B 8 -26.82 -27.35 -11.39
C GLY B 8 -27.73 -28.44 -11.93
N ASP B 9 -27.35 -29.05 -13.05
CA ASP B 9 -28.16 -30.09 -13.64
C ASP B 9 -28.18 -31.37 -12.78
N LEU B 10 -29.36 -31.98 -12.68
CA LEU B 10 -29.57 -33.20 -11.90
C LEU B 10 -29.11 -34.45 -12.67
N LEU B 11 -28.21 -35.21 -12.10
CA LEU B 11 -27.66 -36.39 -12.75
C LEU B 11 -28.10 -37.75 -12.19
N SER B 12 -28.45 -37.80 -10.91
CA SER B 12 -28.84 -39.06 -10.27
C SER B 12 -29.49 -38.85 -8.92
N THR B 13 -30.11 -39.91 -8.39
CA THR B 13 -30.75 -39.87 -7.07
C THR B 13 -29.96 -40.78 -6.14
N ASN B 14 -28.88 -41.36 -6.66
CA ASN B 14 -28.07 -42.23 -5.84
C ASN B 14 -26.72 -41.57 -5.52
N PRO B 15 -26.65 -40.87 -4.37
CA PRO B 15 -25.40 -40.20 -3.99
C PRO B 15 -24.17 -41.10 -3.88
N ARG B 16 -24.36 -42.41 -3.79
CA ARG B 16 -23.21 -43.30 -3.70
C ARG B 16 -22.54 -43.42 -5.05
N ALA B 17 -23.15 -42.83 -6.08
CA ALA B 17 -22.59 -42.83 -7.43
C ALA B 17 -21.98 -41.47 -7.79
N ALA B 18 -22.00 -40.54 -6.84
CA ALA B 18 -21.46 -39.21 -7.06
C ALA B 18 -20.00 -39.30 -7.45
N GLY B 19 -19.71 -39.02 -8.73
CA GLY B 19 -18.34 -39.08 -9.21
C GLY B 19 -17.69 -37.73 -9.51
N TYR B 20 -16.72 -37.76 -10.41
CA TYR B 20 -15.97 -36.57 -10.80
C TYR B 20 -16.83 -35.51 -11.47
N GLY B 21 -16.70 -34.28 -10.99
CA GLY B 21 -17.44 -33.15 -11.53
C GLY B 21 -18.84 -33.01 -10.99
N THR B 22 -19.13 -33.69 -9.89
CA THR B 22 -20.46 -33.66 -9.29
C THR B 22 -20.43 -33.45 -7.78
N TYR B 23 -21.60 -33.16 -7.20
CA TYR B 23 -21.69 -32.97 -5.76
C TYR B 23 -23.09 -33.41 -5.28
N VAL B 24 -23.22 -33.62 -3.96
CA VAL B 24 -24.47 -34.07 -3.37
C VAL B 24 -25.14 -33.03 -2.48
N GLU B 25 -26.44 -32.87 -2.66
CA GLU B 25 -27.23 -31.92 -1.88
C GLU B 25 -28.65 -32.48 -1.76
N GLY B 26 -29.15 -32.56 -0.53
CA GLY B 26 -30.47 -33.10 -0.31
C GLY B 26 -30.64 -34.51 -0.83
N GLY B 27 -29.57 -35.29 -0.75
CA GLY B 27 -29.61 -36.66 -1.22
C GLY B 27 -29.63 -36.84 -2.72
N LYS B 28 -29.24 -35.80 -3.45
CA LYS B 28 -29.23 -35.89 -4.91
C LYS B 28 -27.88 -35.52 -5.49
N VAL B 29 -27.65 -35.85 -6.76
CA VAL B 29 -26.39 -35.58 -7.42
C VAL B 29 -26.51 -34.60 -8.56
N TYR B 30 -25.78 -33.49 -8.46
CA TYR B 30 -25.80 -32.48 -9.52
C TYR B 30 -24.42 -32.30 -10.15
N ALA B 31 -24.41 -31.72 -11.34
CA ALA B 31 -23.15 -31.45 -12.03
C ALA B 31 -22.67 -30.11 -11.45
N LYS B 32 -21.36 -29.94 -11.31
CA LYS B 32 -20.84 -28.67 -10.80
C LYS B 32 -20.01 -27.91 -11.83
N ILE B 33 -19.66 -28.58 -12.93
CA ILE B 33 -18.90 -27.95 -14.01
C ILE B 33 -19.61 -28.28 -15.31
N ILE B 34 -19.19 -27.64 -16.40
CA ILE B 34 -19.75 -27.90 -17.73
C ILE B 34 -18.98 -29.10 -18.26
N GLY B 35 -19.61 -29.91 -19.10
CA GLY B 35 -18.94 -31.08 -19.64
C GLY B 35 -19.85 -32.18 -20.16
N LEU B 36 -19.26 -33.33 -20.47
CA LEU B 36 -20.00 -34.48 -20.98
C LEU B 36 -20.48 -35.39 -19.86
N PHE B 37 -21.75 -35.79 -19.91
CA PHE B 37 -22.28 -36.70 -18.91
C PHE B 37 -21.90 -38.12 -19.30
N ASP B 38 -21.33 -38.86 -18.34
CA ASP B 38 -20.90 -40.22 -18.60
C ASP B 38 -21.13 -41.12 -17.40
N GLN B 39 -21.59 -42.34 -17.65
CA GLN B 39 -21.84 -43.30 -16.59
C GLN B 39 -20.96 -44.53 -16.70
N THR B 40 -20.32 -44.90 -15.59
CA THR B 40 -19.47 -46.08 -15.56
C THR B 40 -20.35 -47.17 -14.94
N GLU B 41 -19.77 -48.28 -14.50
CA GLU B 41 -20.59 -49.32 -13.90
C GLU B 41 -20.66 -49.15 -12.39
N THR B 42 -20.16 -48.01 -11.92
CA THR B 42 -20.16 -47.70 -10.49
C THR B 42 -20.56 -46.25 -10.23
N HIS B 43 -19.84 -45.32 -10.83
CA HIS B 43 -20.10 -43.90 -10.63
C HIS B 43 -20.80 -43.22 -11.80
N VAL B 44 -21.22 -42.00 -11.54
CA VAL B 44 -21.87 -41.15 -12.52
C VAL B 44 -20.87 -39.97 -12.49
N ARG B 45 -20.44 -39.51 -13.66
CA ARG B 45 -19.46 -38.42 -13.71
C ARG B 45 -19.71 -37.37 -14.79
N VAL B 46 -18.84 -36.37 -14.83
CA VAL B 46 -18.93 -35.29 -15.83
C VAL B 46 -17.53 -35.09 -16.37
N ILE B 47 -17.31 -35.49 -17.62
CA ILE B 47 -16.00 -35.31 -18.25
C ILE B 47 -15.89 -33.83 -18.60
N PRO B 48 -14.86 -33.15 -18.06
CA PRO B 48 -14.59 -31.71 -18.26
C PRO B 48 -14.23 -31.24 -19.68
N LEU B 49 -14.42 -29.94 -19.92
CA LEU B 49 -14.12 -29.35 -21.22
C LEU B 49 -13.24 -28.09 -21.08
N LYS B 50 -13.36 -27.40 -19.95
CA LYS B 50 -12.58 -26.19 -19.71
C LYS B 50 -12.13 -26.09 -18.27
N GLY B 51 -11.33 -25.08 -17.96
CA GLY B 51 -10.84 -24.89 -16.61
C GLY B 51 -9.38 -25.25 -16.41
N ARG B 52 -8.90 -25.02 -15.20
CA ARG B 52 -7.52 -25.31 -14.84
C ARG B 52 -7.37 -26.74 -14.31
N TYR B 53 -6.12 -27.20 -14.20
CA TYR B 53 -5.86 -28.55 -13.72
C TYR B 53 -6.21 -28.86 -12.28
N THR B 54 -7.09 -29.85 -12.10
CA THR B 54 -7.51 -30.29 -10.78
C THR B 54 -7.04 -31.74 -10.67
N PRO B 55 -6.01 -31.99 -9.84
CA PRO B 55 -5.49 -33.35 -9.67
C PRO B 55 -6.46 -34.28 -8.95
N SER B 56 -6.46 -35.54 -9.37
CA SER B 56 -7.31 -36.54 -8.75
C SER B 56 -6.39 -37.65 -8.22
N VAL B 57 -6.76 -38.91 -8.43
CA VAL B 57 -5.96 -40.01 -7.94
C VAL B 57 -5.38 -40.88 -9.05
N GLY B 58 -4.05 -40.96 -9.11
CA GLY B 58 -3.40 -41.79 -10.10
C GLY B 58 -2.93 -41.10 -11.36
N ASP B 59 -3.06 -39.78 -11.41
CA ASP B 59 -2.64 -39.04 -12.59
C ASP B 59 -1.16 -38.72 -12.52
N VAL B 60 -0.51 -38.87 -13.67
CA VAL B 60 0.91 -38.60 -13.79
C VAL B 60 1.08 -37.12 -14.09
N VAL B 61 2.04 -36.49 -13.45
CA VAL B 61 2.30 -35.08 -13.68
C VAL B 61 3.80 -34.85 -13.74
N ILE B 62 4.20 -33.73 -14.30
CA ILE B 62 5.61 -33.37 -14.39
C ILE B 62 5.71 -32.01 -13.71
N GLY B 63 6.68 -31.87 -12.81
CA GLY B 63 6.82 -30.61 -12.11
C GLY B 63 8.26 -30.16 -11.94
N ILE B 64 8.43 -29.03 -11.28
CA ILE B 64 9.73 -28.43 -11.03
C ILE B 64 9.88 -28.20 -9.52
N ILE B 65 10.97 -28.69 -8.94
CA ILE B 65 11.19 -28.51 -7.50
C ILE B 65 11.54 -27.08 -7.15
N ARG B 66 10.58 -26.38 -6.55
CA ARG B 66 10.71 -24.97 -6.16
C ARG B 66 11.58 -24.79 -4.91
N GLU B 67 11.32 -25.58 -3.87
CA GLU B 67 12.08 -25.49 -2.63
C GLU B 67 12.29 -26.89 -2.02
N VAL B 68 13.27 -26.99 -1.12
CA VAL B 68 13.57 -28.26 -0.48
C VAL B 68 13.38 -28.26 1.04
N ALA B 69 12.43 -29.08 1.50
CA ALA B 69 12.14 -29.19 2.93
C ALA B 69 12.74 -30.48 3.51
N ALA B 70 13.31 -30.37 4.72
CA ALA B 70 13.95 -31.49 5.40
C ALA B 70 13.31 -32.87 5.20
N ASN B 71 11.99 -32.96 5.32
CA ASN B 71 11.31 -34.24 5.18
C ASN B 71 10.93 -34.61 3.75
N GLY B 72 11.60 -34.02 2.76
CA GLY B 72 11.29 -34.32 1.37
C GLY B 72 11.59 -33.18 0.41
N TRP B 73 10.79 -33.07 -0.64
CA TRP B 73 10.98 -32.01 -1.65
C TRP B 73 9.63 -31.40 -2.03
N ALA B 74 9.59 -30.08 -2.14
CA ALA B 74 8.36 -29.40 -2.53
C ALA B 74 8.40 -29.18 -4.04
N VAL B 75 7.42 -29.76 -4.74
CA VAL B 75 7.36 -29.66 -6.19
C VAL B 75 6.19 -28.82 -6.66
N ASP B 76 6.43 -27.97 -7.65
CA ASP B 76 5.42 -27.10 -8.24
C ASP B 76 4.82 -27.83 -9.43
N ILE B 77 3.51 -28.09 -9.39
CA ILE B 77 2.83 -28.81 -10.47
C ILE B 77 1.98 -27.92 -11.36
N TYR B 78 2.15 -26.61 -11.19
CA TYR B 78 1.43 -25.63 -11.98
C TYR B 78 -0.09 -25.85 -12.09
N SER B 79 -0.77 -25.58 -10.98
CA SER B 79 -2.22 -25.70 -10.85
C SER B 79 -2.53 -25.05 -9.52
N PRO B 80 -3.82 -24.81 -9.22
CA PRO B 80 -4.17 -24.18 -7.94
C PRO B 80 -3.81 -24.95 -6.67
N TYR B 81 -3.52 -26.24 -6.81
CA TYR B 81 -3.18 -27.06 -5.64
C TYR B 81 -1.69 -27.07 -5.34
N GLN B 82 -1.35 -27.32 -4.08
CA GLN B 82 0.05 -27.38 -3.64
C GLN B 82 0.52 -28.83 -3.71
N ALA B 83 1.84 -29.03 -3.79
CA ALA B 83 2.38 -30.39 -3.86
C ALA B 83 3.68 -30.58 -3.10
N PHE B 84 3.91 -31.81 -2.63
CA PHE B 84 5.11 -32.13 -1.86
C PHE B 84 5.45 -33.62 -2.03
N LEU B 85 6.73 -33.92 -2.21
CA LEU B 85 7.18 -35.30 -2.40
C LEU B 85 7.99 -35.81 -1.21
N PRO B 86 7.35 -36.63 -0.35
CA PRO B 86 8.01 -37.20 0.83
C PRO B 86 9.18 -38.11 0.46
N VAL B 87 10.22 -38.10 1.29
CA VAL B 87 11.39 -38.92 1.05
C VAL B 87 10.98 -40.38 1.11
N SER B 88 9.79 -40.63 1.67
CA SER B 88 9.24 -41.96 1.82
C SER B 88 9.01 -42.67 0.49
N GLU B 89 8.59 -41.91 -0.52
CA GLU B 89 8.32 -42.49 -1.83
C GLU B 89 9.21 -41.93 -2.93
N ASN B 90 10.46 -42.38 -2.93
CA ASN B 90 11.46 -41.96 -3.91
C ASN B 90 12.68 -42.87 -3.73
N PRO B 91 12.58 -44.12 -4.21
CA PRO B 91 13.64 -45.13 -4.11
C PRO B 91 14.94 -44.68 -4.75
N GLU B 92 15.74 -43.95 -4.00
CA GLU B 92 17.01 -43.43 -4.47
C GLU B 92 17.75 -42.91 -3.24
N MET B 93 16.96 -42.52 -2.25
CA MET B 93 17.44 -41.97 -1.00
C MET B 93 17.88 -43.03 0.03
N LYS B 94 18.73 -43.96 -0.37
CA LYS B 94 19.21 -44.99 0.55
C LYS B 94 20.01 -44.28 1.65
N PRO B 95 19.68 -44.54 2.93
CA PRO B 95 20.31 -43.95 4.11
C PRO B 95 21.38 -42.86 3.91
N ASN B 96 22.55 -43.24 3.39
CA ASN B 96 23.64 -42.29 3.19
C ASN B 96 23.30 -41.01 2.42
N LYS B 97 22.52 -41.13 1.35
CA LYS B 97 22.17 -39.98 0.53
C LYS B 97 21.26 -38.97 1.25
N LYS B 98 21.55 -37.69 1.04
CA LYS B 98 20.82 -36.57 1.65
C LYS B 98 19.74 -36.05 0.71
N PRO B 99 18.60 -35.61 1.27
CA PRO B 99 17.49 -35.10 0.47
C PRO B 99 17.88 -33.99 -0.51
N ASN B 100 18.48 -32.92 0.01
CA ASN B 100 18.90 -31.78 -0.79
C ASN B 100 19.79 -32.12 -1.99
N GLU B 101 20.47 -33.27 -1.93
CA GLU B 101 21.37 -33.66 -3.01
C GLU B 101 20.77 -34.64 -4.04
N VAL B 102 19.69 -35.33 -3.68
CA VAL B 102 19.05 -36.26 -4.61
C VAL B 102 18.19 -35.50 -5.62
N LEU B 103 17.50 -34.48 -5.13
CA LEU B 103 16.64 -33.64 -5.94
C LEU B 103 16.77 -32.18 -5.49
N ASP B 104 17.72 -31.47 -6.09
CA ASP B 104 17.97 -30.07 -5.75
C ASP B 104 16.94 -29.17 -6.41
N ILE B 105 16.78 -27.97 -5.85
CA ILE B 105 15.82 -26.99 -6.37
C ILE B 105 16.05 -26.76 -7.85
N GLY B 106 14.97 -26.64 -8.61
CA GLY B 106 15.07 -26.40 -10.04
C GLY B 106 14.92 -27.64 -10.92
N ASP B 107 15.28 -28.80 -10.37
CA ASP B 107 15.17 -30.07 -11.09
C ASP B 107 13.73 -30.36 -11.49
N ALA B 108 13.56 -30.91 -12.70
CA ALA B 108 12.24 -31.25 -13.19
C ALA B 108 12.04 -32.74 -12.93
N ILE B 109 10.80 -33.15 -12.67
CA ILE B 109 10.52 -34.54 -12.41
C ILE B 109 9.16 -34.96 -12.94
N ILE B 110 8.98 -36.26 -13.15
CA ILE B 110 7.71 -36.79 -13.60
C ILE B 110 7.25 -37.71 -12.49
N ALA B 111 6.23 -37.27 -11.75
CA ALA B 111 5.70 -38.05 -10.63
C ALA B 111 4.25 -38.43 -10.84
N LYS B 112 3.67 -39.06 -9.83
CA LYS B 112 2.29 -39.49 -9.89
C LYS B 112 1.57 -39.04 -8.61
N VAL B 113 0.31 -38.61 -8.75
CA VAL B 113 -0.46 -38.15 -7.59
C VAL B 113 -0.82 -39.31 -6.65
N LEU B 114 -0.23 -39.28 -5.45
CA LEU B 114 -0.45 -40.31 -4.43
C LEU B 114 -1.70 -40.13 -3.58
N ASN B 115 -1.90 -38.91 -3.08
CA ASN B 115 -3.06 -38.63 -2.23
C ASN B 115 -3.42 -37.15 -2.09
N ILE B 116 -4.70 -36.87 -1.86
CA ILE B 116 -5.21 -35.52 -1.67
C ILE B 116 -6.10 -35.51 -0.43
N ASP B 117 -5.55 -34.99 0.68
CA ASP B 117 -6.27 -34.92 1.95
C ASP B 117 -7.30 -33.79 1.98
N PRO B 118 -8.20 -33.80 2.99
CA PRO B 118 -9.23 -32.78 3.13
C PRO B 118 -8.74 -31.33 3.09
N LYS B 119 -7.47 -31.12 3.41
CA LYS B 119 -6.90 -29.78 3.40
C LYS B 119 -6.48 -29.40 1.98
N MET B 120 -6.74 -30.29 1.03
CA MET B 120 -6.41 -30.08 -0.37
C MET B 120 -4.93 -30.13 -0.75
N LYS B 121 -4.06 -30.40 0.21
CA LYS B 121 -2.64 -30.50 -0.09
C LYS B 121 -2.41 -31.82 -0.83
N VAL B 122 -1.49 -31.82 -1.81
CA VAL B 122 -1.23 -33.02 -2.58
C VAL B 122 0.17 -33.59 -2.39
N THR B 123 0.25 -34.92 -2.29
CA THR B 123 1.52 -35.63 -2.11
C THR B 123 1.86 -36.44 -3.36
N LEU B 124 3.06 -36.18 -3.90
CA LEU B 124 3.52 -36.86 -5.11
C LEU B 124 4.26 -38.16 -4.81
N THR B 125 4.42 -39.00 -5.83
CA THR B 125 5.12 -40.27 -5.69
C THR B 125 6.03 -40.52 -6.88
N MET B 126 7.10 -41.26 -6.66
CA MET B 126 8.02 -41.60 -7.73
C MET B 126 8.15 -43.11 -7.84
N LYS B 127 7.49 -43.81 -6.93
CA LYS B 127 7.51 -45.26 -6.90
C LYS B 127 6.63 -45.84 -7.99
N ASP B 128 7.02 -45.63 -9.24
CA ASP B 128 6.29 -46.15 -10.38
C ASP B 128 7.24 -46.24 -11.55
N ARG B 129 6.94 -47.14 -12.47
CA ARG B 129 7.77 -47.34 -13.66
C ARG B 129 7.97 -46.07 -14.46
N ILE B 130 6.88 -45.35 -14.72
CA ILE B 130 6.94 -44.13 -15.52
C ILE B 130 7.70 -42.97 -14.88
N CYS B 131 7.69 -42.89 -13.56
CA CYS B 131 8.38 -41.81 -12.84
C CYS B 131 9.90 -41.81 -12.98
N ARG B 132 10.46 -40.64 -13.25
CA ARG B 132 11.90 -40.50 -13.42
C ARG B 132 12.31 -39.02 -13.45
N PRO B 133 13.44 -38.68 -12.80
CA PRO B 133 13.88 -37.29 -12.81
C PRO B 133 14.31 -36.83 -14.21
N ILE B 134 13.68 -35.76 -14.69
CA ILE B 134 13.97 -35.21 -16.02
C ILE B 134 15.38 -34.61 -16.03
N ARG B 135 16.34 -35.32 -16.61
CA ARG B 135 17.71 -34.82 -16.66
C ARG B 135 18.12 -34.29 -18.05
N PHE B 136 17.45 -34.79 -19.08
CA PHE B 136 17.75 -34.34 -20.44
C PHE B 136 16.48 -34.30 -21.28
N GLY B 137 16.58 -33.69 -22.46
CA GLY B 137 15.44 -33.58 -23.33
C GLY B 137 14.97 -32.14 -23.37
N ARG B 138 13.66 -31.92 -23.39
CA ARG B 138 13.08 -30.58 -23.42
C ARG B 138 11.67 -30.68 -22.82
N ILE B 139 11.13 -29.55 -22.36
CA ILE B 139 9.79 -29.53 -21.78
C ILE B 139 8.89 -28.57 -22.54
N VAL B 140 7.65 -28.98 -22.76
CA VAL B 140 6.68 -28.19 -23.49
C VAL B 140 5.47 -27.84 -22.62
N ALA B 141 4.89 -26.67 -22.86
CA ALA B 141 3.76 -26.24 -22.08
C ALA B 141 2.54 -25.91 -22.93
N ILE B 142 1.45 -26.65 -22.71
CA ILE B 142 0.21 -26.45 -23.43
C ILE B 142 -0.92 -26.31 -22.43
N ASN B 143 -2.10 -25.94 -22.89
CA ASN B 143 -3.24 -25.78 -22.01
C ASN B 143 -3.74 -27.14 -21.55
N PRO B 144 -3.72 -27.41 -20.24
CA PRO B 144 -4.19 -28.71 -19.76
C PRO B 144 -5.54 -29.12 -20.34
N ALA B 145 -6.38 -28.13 -20.64
CA ALA B 145 -7.69 -28.43 -21.21
C ALA B 145 -7.49 -29.10 -22.55
N ARG B 146 -6.30 -28.94 -23.10
CA ARG B 146 -5.98 -29.51 -24.39
C ARG B 146 -5.20 -30.84 -24.33
N VAL B 147 -4.89 -31.31 -23.12
CA VAL B 147 -4.13 -32.56 -22.96
C VAL B 147 -4.74 -33.77 -23.69
N PRO B 148 -6.06 -33.99 -23.54
CA PRO B 148 -6.62 -35.15 -24.23
C PRO B 148 -6.41 -35.13 -25.74
N ARG B 149 -6.52 -33.96 -26.34
CA ARG B 149 -6.34 -33.84 -27.78
C ARG B 149 -4.96 -34.26 -28.29
N VAL B 150 -3.91 -33.90 -27.57
CA VAL B 150 -2.54 -34.27 -27.95
C VAL B 150 -2.34 -35.78 -27.79
N ILE B 151 -3.11 -36.38 -26.89
CA ILE B 151 -3.09 -37.82 -26.64
C ILE B 151 -4.42 -38.30 -27.24
N GLY B 152 -4.57 -38.10 -28.54
CA GLY B 152 -5.80 -38.47 -29.23
C GLY B 152 -6.48 -39.78 -28.89
N LYS B 153 -7.46 -40.14 -29.71
CA LYS B 153 -8.22 -41.38 -29.54
C LYS B 153 -7.29 -42.59 -29.47
N LYS B 154 -7.38 -43.34 -28.39
CA LYS B 154 -6.54 -44.53 -28.22
C LYS B 154 -5.06 -44.16 -28.31
N GLY B 155 -4.72 -42.96 -27.83
CA GLY B 155 -3.32 -42.52 -27.87
C GLY B 155 -2.76 -42.30 -29.26
N SER B 156 -3.67 -42.25 -30.23
CA SER B 156 -3.34 -42.08 -31.63
C SER B 156 -2.29 -41.01 -31.97
N MET B 157 -2.47 -39.79 -31.48
CA MET B 157 -1.54 -38.68 -31.77
C MET B 157 -0.14 -38.85 -31.22
N ILE B 158 -0.01 -38.97 -29.91
CA ILE B 158 1.33 -39.12 -29.33
C ILE B 158 2.14 -40.22 -30.01
N LYS B 159 1.47 -41.31 -30.41
CA LYS B 159 2.16 -42.39 -31.08
C LYS B 159 2.62 -41.94 -32.46
N LEU B 160 1.74 -41.24 -33.16
CA LEU B 160 2.06 -40.74 -34.50
C LEU B 160 3.32 -39.87 -34.39
N LEU B 161 3.33 -38.97 -33.41
CA LEU B 161 4.46 -38.08 -33.19
C LEU B 161 5.65 -38.84 -32.62
N LYS B 162 5.38 -39.93 -31.90
CA LYS B 162 6.47 -40.74 -31.34
C LYS B 162 7.11 -41.55 -32.45
N SER B 163 6.26 -42.26 -33.20
CA SER B 163 6.71 -43.10 -34.29
C SER B 163 7.42 -42.34 -35.42
N GLU B 164 6.74 -41.39 -36.02
CA GLU B 164 7.32 -40.62 -37.12
C GLU B 164 8.57 -39.83 -36.80
N LEU B 165 8.69 -39.34 -35.57
CA LEU B 165 9.86 -38.54 -35.18
C LEU B 165 10.86 -39.30 -34.32
N ASP B 166 10.51 -40.51 -33.93
CA ASP B 166 11.42 -41.32 -33.12
C ASP B 166 11.83 -40.56 -31.86
N VAL B 167 10.87 -40.25 -31.00
CA VAL B 167 11.17 -39.52 -29.77
C VAL B 167 10.36 -40.06 -28.59
N GLN B 168 10.84 -39.79 -27.38
CA GLN B 168 10.10 -40.23 -26.21
C GLN B 168 9.20 -39.06 -25.77
N ILE B 169 7.99 -39.36 -25.35
CA ILE B 169 7.09 -38.31 -24.92
C ILE B 169 6.24 -38.73 -23.74
N VAL B 170 6.18 -37.87 -22.73
CA VAL B 170 5.36 -38.13 -21.56
C VAL B 170 4.48 -36.91 -21.32
N VAL B 171 3.18 -37.06 -21.55
CA VAL B 171 2.24 -35.98 -21.39
C VAL B 171 1.68 -35.87 -19.97
N GLY B 172 2.14 -34.87 -19.25
CA GLY B 172 1.63 -34.68 -17.90
C GLY B 172 0.21 -34.17 -18.01
N GLN B 173 -0.59 -34.39 -16.97
CA GLN B 173 -1.96 -33.92 -16.96
C GLN B 173 -1.97 -32.44 -16.65
N ASN B 174 -0.95 -31.99 -15.93
CA ASN B 174 -0.83 -30.60 -15.56
C ASN B 174 -0.54 -29.73 -16.79
N GLY B 175 -0.41 -30.36 -17.96
CA GLY B 175 -0.14 -29.61 -19.18
C GLY B 175 1.32 -29.57 -19.58
N LEU B 176 2.20 -29.99 -18.68
CA LEU B 176 3.64 -30.02 -18.97
C LEU B 176 3.99 -31.32 -19.70
N ILE B 177 4.81 -31.20 -20.74
CA ILE B 177 5.18 -32.35 -21.56
C ILE B 177 6.70 -32.49 -21.75
N TRP B 178 7.21 -33.70 -21.51
CA TRP B 178 8.64 -34.00 -21.66
C TRP B 178 8.90 -34.72 -22.98
N VAL B 179 9.80 -34.17 -23.78
CA VAL B 179 10.16 -34.75 -25.07
C VAL B 179 11.67 -34.84 -25.19
N ASN B 180 12.18 -36.02 -25.53
CA ASN B 180 13.61 -36.21 -25.65
C ASN B 180 14.01 -37.03 -26.87
N GLY B 181 15.20 -36.76 -27.38
CA GLY B 181 15.71 -37.46 -28.55
C GLY B 181 16.63 -36.60 -29.38
N ASP B 182 16.81 -36.94 -30.65
CA ASP B 182 17.66 -36.16 -31.53
C ASP B 182 17.20 -34.71 -31.52
N ARG B 183 18.08 -33.80 -31.09
CA ARG B 183 17.81 -32.37 -31.00
C ARG B 183 16.84 -31.82 -32.07
N ARG B 184 17.23 -31.92 -33.33
CA ARG B 184 16.42 -31.43 -34.44
C ARG B 184 15.03 -32.07 -34.46
N LYS B 185 14.98 -33.36 -34.17
CA LYS B 185 13.73 -34.10 -34.16
C LYS B 185 12.78 -33.67 -33.04
N VAL B 186 13.35 -33.20 -31.93
CA VAL B 186 12.55 -32.74 -30.81
C VAL B 186 11.87 -31.42 -31.16
N SER B 187 12.64 -30.52 -31.78
CA SER B 187 12.15 -29.21 -32.19
C SER B 187 10.95 -29.34 -33.12
N ILE B 188 11.01 -30.29 -34.04
CA ILE B 188 9.92 -30.52 -34.97
C ILE B 188 8.68 -31.02 -34.23
N ALA B 189 8.89 -31.83 -33.20
CA ALA B 189 7.79 -32.37 -32.42
C ALA B 189 7.15 -31.28 -31.57
N GLU B 190 7.96 -30.35 -31.09
CA GLU B 190 7.46 -29.24 -30.26
C GLU B 190 6.56 -28.31 -31.07
N GLU B 191 6.90 -28.11 -32.33
CA GLU B 191 6.13 -27.25 -33.22
C GLU B 191 4.78 -27.89 -33.50
N ALA B 192 4.79 -29.20 -33.71
CA ALA B 192 3.56 -29.95 -34.00
C ALA B 192 2.62 -29.87 -32.80
N ILE B 193 3.17 -30.05 -31.60
CA ILE B 193 2.38 -29.99 -30.39
C ILE B 193 1.68 -28.61 -30.26
N TYR B 194 2.42 -27.52 -30.47
CA TYR B 194 1.84 -26.17 -30.40
C TYR B 194 0.84 -25.95 -31.54
N LEU B 195 1.04 -26.66 -32.65
CA LEU B 195 0.15 -26.56 -33.81
C LEU B 195 -1.18 -27.22 -33.46
N ILE B 196 -1.10 -28.37 -32.80
CA ILE B 196 -2.26 -29.14 -32.36
C ILE B 196 -3.09 -28.41 -31.29
N GLU B 197 -2.43 -27.91 -30.26
CA GLU B 197 -3.07 -27.20 -29.16
C GLU B 197 -3.82 -25.95 -29.60
N GLN B 198 -3.23 -25.22 -30.54
CA GLN B 198 -3.80 -23.98 -31.07
C GLN B 198 -4.86 -24.20 -32.15
N GLU B 199 -4.86 -25.39 -32.75
CA GLU B 199 -5.79 -25.74 -33.82
C GLU B 199 -7.25 -25.35 -33.57
N ALA B 200 -7.89 -24.80 -34.60
CA ALA B 200 -9.29 -24.38 -34.49
C ALA B 200 -10.27 -25.54 -34.59
N HIS B 201 -10.19 -26.30 -35.68
CA HIS B 201 -11.10 -27.42 -35.89
C HIS B 201 -10.38 -28.77 -35.98
N THR B 202 -10.79 -29.70 -35.14
CA THR B 202 -10.17 -31.02 -35.08
C THR B 202 -10.26 -31.84 -36.37
N GLU B 203 -11.24 -31.51 -37.22
CA GLU B 203 -11.43 -32.16 -38.53
C GLU B 203 -10.46 -33.30 -38.81
N GLY B 204 -9.43 -33.02 -39.61
CA GLY B 204 -8.46 -34.06 -39.92
C GLY B 204 -7.06 -33.70 -39.44
N LEU B 205 -6.97 -33.23 -38.19
CA LEU B 205 -5.71 -32.82 -37.60
C LEU B 205 -4.57 -33.83 -37.81
N THR B 206 -4.85 -35.09 -37.46
CA THR B 206 -3.87 -36.18 -37.57
C THR B 206 -3.09 -36.25 -38.88
N ASP B 207 -3.77 -36.20 -40.02
CA ASP B 207 -3.08 -36.23 -41.31
C ASP B 207 -2.25 -34.96 -41.44
N ARG B 208 -2.89 -33.83 -41.17
CA ARG B 208 -2.23 -32.53 -41.24
C ARG B 208 -0.97 -32.51 -40.38
N VAL B 209 -1.01 -33.21 -39.25
CA VAL B 209 0.14 -33.26 -38.36
C VAL B 209 1.22 -34.14 -38.99
N ALA B 210 0.81 -35.24 -39.62
CA ALA B 210 1.76 -36.13 -40.28
C ALA B 210 2.33 -35.42 -41.52
N GLU B 211 1.46 -34.84 -42.33
CA GLU B 211 1.91 -34.11 -43.52
C GLU B 211 2.89 -33.04 -43.05
N PHE B 212 2.53 -32.36 -41.96
CA PHE B 212 3.37 -31.31 -41.40
C PHE B 212 4.74 -31.86 -40.98
N ILE B 213 4.73 -32.94 -40.21
CA ILE B 213 5.95 -33.58 -39.75
C ILE B 213 6.79 -33.98 -40.96
N LYS B 214 6.09 -34.38 -42.01
CA LYS B 214 6.73 -34.80 -43.26
C LYS B 214 7.42 -33.61 -43.94
N ARG B 215 6.62 -32.68 -44.43
CA ARG B 215 7.13 -31.49 -45.12
C ARG B 215 8.15 -30.72 -44.31
N ARG B 216 7.95 -30.66 -42.99
CA ARG B 216 8.85 -29.93 -42.10
C ARG B 216 10.17 -30.68 -41.91
N LYS B 217 10.10 -32.01 -41.94
CA LYS B 217 11.27 -32.86 -41.76
C LYS B 217 12.20 -32.81 -42.97
N ALA B 218 11.65 -32.47 -44.13
CA ALA B 218 12.43 -32.38 -45.36
C ALA B 218 13.26 -31.11 -45.44
N ASP B 219 12.60 -29.97 -45.20
CA ASP B 219 13.23 -28.67 -45.26
C ASP B 219 14.46 -28.52 -44.35
N VAL B 220 14.51 -29.30 -43.28
CA VAL B 220 15.64 -29.23 -42.35
C VAL B 220 16.77 -30.19 -42.75
N GLY B 221 16.47 -31.10 -43.66
CA GLY B 221 17.47 -32.07 -44.10
C GLY B 221 17.16 -33.49 -43.69
N ILE B 222 17.61 -33.86 -42.50
CA ILE B 222 17.39 -35.20 -41.95
C ILE B 222 18.04 -36.31 -42.80
N GLN B 223 17.33 -36.74 -43.84
CA GLN B 223 17.77 -37.79 -44.75
C GLN B 223 17.94 -39.11 -44.00
N ARG C 2 -6.96 -2.52 52.25
CA ARG C 2 -6.04 -2.25 51.10
C ARG C 2 -6.64 -1.26 50.13
N LYS C 3 -5.91 -0.17 49.91
CA LYS C 3 -6.34 0.89 49.01
C LYS C 3 -5.91 0.63 47.57
N ILE C 4 -6.44 1.44 46.66
CA ILE C 4 -6.12 1.37 45.25
C ILE C 4 -5.00 2.39 44.98
N VAL C 5 -3.99 1.98 44.22
CA VAL C 5 -2.90 2.87 43.87
C VAL C 5 -2.91 3.05 42.35
N LEU C 6 -2.40 4.19 41.88
CA LEU C 6 -2.36 4.47 40.44
C LEU C 6 -0.93 4.53 39.95
N PRO C 7 -0.70 4.25 38.65
CA PRO C 7 0.68 4.31 38.17
C PRO C 7 1.34 5.66 38.50
N GLY C 8 2.52 5.60 39.11
CA GLY C 8 3.23 6.82 39.47
C GLY C 8 3.18 7.08 40.98
N ASP C 9 2.40 6.27 41.69
CA ASP C 9 2.30 6.42 43.15
C ASP C 9 3.47 5.81 43.89
N LEU C 10 3.96 6.51 44.92
CA LEU C 10 5.09 6.05 45.71
C LEU C 10 4.68 4.93 46.64
N LEU C 11 5.40 3.81 46.57
CA LEU C 11 5.10 2.65 47.39
C LEU C 11 6.15 2.36 48.45
N SER C 12 7.41 2.61 48.11
CA SER C 12 8.51 2.36 49.04
C SER C 12 9.77 3.14 48.68
N THR C 13 10.59 3.37 49.69
CA THR C 13 11.84 4.09 49.51
C THR C 13 12.95 3.07 49.31
N ASN C 14 12.70 1.82 49.71
CA ASN C 14 13.66 0.74 49.56
C ASN C 14 13.36 -0.07 48.29
N PRO C 15 14.25 0.02 47.28
CA PRO C 15 14.11 -0.68 45.99
C PRO C 15 14.34 -2.18 46.04
N ARG C 16 14.75 -2.68 47.21
CA ARG C 16 14.99 -4.10 47.38
C ARG C 16 13.65 -4.78 47.60
N ALA C 17 12.59 -3.97 47.61
CA ALA C 17 11.24 -4.47 47.84
C ALA C 17 10.31 -4.42 46.63
N ALA C 18 10.77 -3.83 45.54
CA ALA C 18 9.95 -3.72 44.33
C ALA C 18 9.44 -5.06 43.85
N GLY C 19 8.11 -5.22 43.85
CA GLY C 19 7.51 -6.46 43.39
C GLY C 19 6.67 -6.25 42.13
N TYR C 20 5.78 -7.20 41.87
CA TYR C 20 4.93 -7.15 40.68
C TYR C 20 4.16 -5.85 40.54
N GLY C 21 4.16 -5.31 39.32
CA GLY C 21 3.43 -4.09 39.05
C GLY C 21 4.09 -2.80 39.51
N THR C 22 5.39 -2.87 39.78
CA THR C 22 6.13 -1.69 40.23
C THR C 22 7.42 -1.53 39.43
N TYR C 23 8.14 -0.46 39.69
CA TYR C 23 9.39 -0.22 39.00
C TYR C 23 10.26 0.71 39.82
N VAL C 24 11.57 0.59 39.66
CA VAL C 24 12.52 1.40 40.41
C VAL C 24 13.12 2.53 39.59
N GLU C 25 13.12 3.73 40.17
CA GLU C 25 13.67 4.92 39.52
C GLU C 25 14.14 5.87 40.63
N GLY C 26 15.37 6.39 40.48
CA GLY C 26 15.91 7.30 41.47
C GLY C 26 16.01 6.66 42.84
N GLY C 27 16.12 5.33 42.86
CA GLY C 27 16.23 4.63 44.13
C GLY C 27 14.94 4.55 44.91
N LYS C 28 13.81 4.56 44.21
CA LYS C 28 12.49 4.50 44.84
C LYS C 28 11.61 3.52 44.07
N VAL C 29 10.51 3.12 44.68
CA VAL C 29 9.59 2.17 44.04
C VAL C 29 8.25 2.84 43.76
N TYR C 30 7.79 2.76 42.52
CA TYR C 30 6.51 3.35 42.12
C TYR C 30 5.62 2.30 41.47
N ALA C 31 4.32 2.52 41.52
CA ALA C 31 3.38 1.59 40.91
C ALA C 31 3.28 1.95 39.43
N LYS C 32 3.10 0.94 38.58
CA LYS C 32 3.01 1.25 37.16
C LYS C 32 1.63 0.93 36.56
N ILE C 33 0.80 0.26 37.34
CA ILE C 33 -0.53 -0.09 36.88
C ILE C 33 -1.53 0.22 37.97
N ILE C 34 -2.81 0.33 37.61
CA ILE C 34 -3.85 0.56 38.59
C ILE C 34 -4.01 -0.76 39.33
N GLY C 35 -4.21 -0.71 40.64
CA GLY C 35 -4.37 -1.94 41.38
C GLY C 35 -4.34 -1.78 42.88
N LEU C 36 -4.51 -2.93 43.56
CA LEU C 36 -4.51 -3.00 45.02
C LEU C 36 -3.11 -3.07 45.58
N PHE C 37 -2.76 -2.12 46.42
CA PHE C 37 -1.45 -2.08 47.04
C PHE C 37 -1.34 -3.13 48.16
N ASP C 38 -0.54 -4.16 47.93
CA ASP C 38 -0.36 -5.21 48.93
C ASP C 38 0.98 -5.04 49.64
N GLN C 39 0.93 -4.70 50.91
CA GLN C 39 2.15 -4.50 51.68
C GLN C 39 2.47 -5.74 52.49
N THR C 40 3.62 -6.34 52.23
CA THR C 40 4.06 -7.51 52.97
C THR C 40 5.47 -7.19 53.44
N GLU C 41 6.23 -8.21 53.79
CA GLU C 41 7.59 -7.99 54.23
C GLU C 41 8.54 -8.86 53.42
N THR C 42 8.39 -8.78 52.11
CA THR C 42 9.23 -9.51 51.19
C THR C 42 9.17 -8.73 49.88
N HIS C 43 7.99 -8.19 49.60
CA HIS C 43 7.75 -7.40 48.40
C HIS C 43 6.74 -6.29 48.66
N VAL C 44 6.73 -5.33 47.75
CA VAL C 44 5.81 -4.21 47.79
C VAL C 44 5.21 -4.29 46.40
N ARG C 45 4.21 -5.14 46.27
CA ARG C 45 3.55 -5.37 44.99
C ARG C 45 2.24 -4.62 44.83
N VAL C 46 1.68 -4.70 43.63
CA VAL C 46 0.40 -4.07 43.28
C VAL C 46 -0.42 -5.12 42.54
N ILE C 47 -1.45 -5.67 43.19
CA ILE C 47 -2.28 -6.68 42.55
C ILE C 47 -3.06 -5.98 41.45
N PRO C 48 -2.89 -6.42 40.19
CA PRO C 48 -3.58 -5.82 39.04
C PRO C 48 -5.09 -6.03 39.01
N LEU C 49 -5.79 -5.09 38.38
CA LEU C 49 -7.25 -5.14 38.29
C LEU C 49 -7.73 -5.20 36.84
N LYS C 50 -6.87 -4.79 35.91
CA LYS C 50 -7.25 -4.81 34.52
C LYS C 50 -6.09 -5.11 33.57
N GLY C 51 -6.39 -5.28 32.29
CA GLY C 51 -5.35 -5.55 31.32
C GLY C 51 -5.41 -6.91 30.64
N ARG C 52 -4.52 -7.12 29.67
CA ARG C 52 -4.47 -8.38 28.96
C ARG C 52 -3.63 -9.36 29.77
N TYR C 53 -3.75 -10.65 29.43
CA TYR C 53 -3.02 -11.69 30.15
C TYR C 53 -1.50 -11.70 29.93
N THR C 54 -0.75 -11.77 31.03
CA THR C 54 0.70 -11.84 30.96
C THR C 54 1.08 -13.05 31.83
N PRO C 55 1.34 -14.21 31.18
CA PRO C 55 1.68 -15.43 31.90
C PRO C 55 2.86 -15.33 32.84
N SER C 56 3.03 -16.38 33.62
CA SER C 56 4.10 -16.50 34.60
C SER C 56 4.32 -17.98 34.86
N VAL C 57 5.56 -18.35 35.14
CA VAL C 57 5.90 -19.74 35.38
C VAL C 57 4.95 -20.42 36.38
N GLY C 58 4.42 -21.56 35.96
CA GLY C 58 3.52 -22.32 36.81
C GLY C 58 2.04 -22.19 36.47
N ASP C 59 1.68 -21.20 35.66
CA ASP C 59 0.28 -21.03 35.30
C ASP C 59 -0.26 -22.14 34.42
N VAL C 60 -1.51 -22.51 34.68
CA VAL C 60 -2.19 -23.52 33.90
C VAL C 60 -3.00 -22.70 32.91
N VAL C 61 -2.66 -22.84 31.64
CA VAL C 61 -3.33 -22.08 30.61
C VAL C 61 -3.98 -23.02 29.59
N ILE C 62 -5.01 -22.55 28.91
CA ILE C 62 -5.68 -23.34 27.89
C ILE C 62 -5.41 -22.68 26.55
N GLY C 63 -4.65 -23.37 25.69
CA GLY C 63 -4.33 -22.79 24.40
C GLY C 63 -4.93 -23.55 23.23
N ILE C 64 -4.62 -23.10 22.02
CA ILE C 64 -5.11 -23.73 20.80
C ILE C 64 -3.97 -23.86 19.81
N ILE C 65 -3.89 -25.00 19.13
CA ILE C 65 -2.83 -25.23 18.15
C ILE C 65 -3.01 -24.34 16.92
N ARG C 66 -1.93 -23.64 16.58
CA ARG C 66 -1.91 -22.68 15.48
C ARG C 66 -0.92 -23.03 14.35
N GLU C 67 0.20 -23.64 14.71
CA GLU C 67 1.20 -24.01 13.72
C GLU C 67 1.82 -25.37 14.08
N VAL C 68 2.22 -26.13 13.08
CA VAL C 68 2.83 -27.44 13.29
C VAL C 68 4.25 -27.50 12.74
N ALA C 69 5.13 -28.18 13.47
CA ALA C 69 6.53 -28.33 13.06
C ALA C 69 7.14 -29.50 13.81
N ALA C 70 8.39 -29.85 13.46
CA ALA C 70 9.07 -30.96 14.11
C ALA C 70 9.59 -30.59 15.48
N ASN C 71 10.22 -29.43 15.61
CA ASN C 71 10.76 -29.01 16.90
C ASN C 71 9.65 -28.89 17.96
N GLY C 72 8.41 -28.82 17.51
CA GLY C 72 7.28 -28.70 18.43
C GLY C 72 6.04 -28.03 17.86
N TRP C 73 5.23 -27.43 18.72
CA TRP C 73 3.99 -26.76 18.31
C TRP C 73 3.91 -25.30 18.74
N ALA C 74 3.26 -24.48 17.92
CA ALA C 74 3.07 -23.06 18.22
C ALA C 74 1.63 -22.97 18.71
N VAL C 75 1.44 -22.40 19.90
CA VAL C 75 0.10 -22.31 20.47
C VAL C 75 -0.32 -20.90 20.82
N ASP C 76 -1.59 -20.59 20.58
CA ASP C 76 -2.13 -19.29 20.90
C ASP C 76 -2.72 -19.38 22.31
N ILE C 77 -2.17 -18.61 23.24
CA ILE C 77 -2.67 -18.62 24.60
C ILE C 77 -3.44 -17.33 24.86
N TYR C 78 -3.68 -16.59 23.77
CA TYR C 78 -4.41 -15.34 23.84
C TYR C 78 -3.77 -14.32 24.76
N SER C 79 -2.65 -13.75 24.29
CA SER C 79 -1.89 -12.75 25.01
C SER C 79 -0.87 -12.09 24.10
N PRO C 80 -0.33 -10.94 24.51
CA PRO C 80 0.66 -10.30 23.64
C PRO C 80 2.00 -11.08 23.64
N TYR C 81 2.05 -12.13 24.46
CA TYR C 81 3.24 -12.98 24.54
C TYR C 81 3.00 -14.25 23.73
N GLN C 82 3.93 -14.59 22.83
CA GLN C 82 3.79 -15.79 21.99
C GLN C 82 4.21 -17.06 22.75
N ALA C 83 3.61 -18.20 22.40
CA ALA C 83 3.91 -19.45 23.09
C ALA C 83 4.24 -20.64 22.19
N PHE C 84 5.09 -21.53 22.69
CA PHE C 84 5.50 -22.71 21.93
C PHE C 84 5.55 -23.96 22.81
N LEU C 85 5.08 -25.07 22.24
CA LEU C 85 5.05 -26.37 22.92
C LEU C 85 6.04 -27.30 22.20
N PRO C 86 7.24 -27.48 22.76
CA PRO C 86 8.24 -28.37 22.14
C PRO C 86 7.86 -29.84 22.24
N VAL C 87 8.43 -30.65 21.35
CA VAL C 87 8.17 -32.09 21.33
C VAL C 87 8.76 -32.72 22.58
N SER C 88 9.88 -32.19 23.03
CA SER C 88 10.57 -32.67 24.22
C SER C 88 9.72 -32.56 25.50
N GLU C 89 8.58 -31.88 25.41
CA GLU C 89 7.71 -31.72 26.58
C GLU C 89 6.28 -32.21 26.45
N ASN C 90 6.04 -33.16 25.55
CA ASN C 90 4.70 -33.71 25.36
C ASN C 90 4.73 -35.23 25.56
N PRO C 91 4.43 -35.69 26.77
CA PRO C 91 4.43 -37.12 27.11
C PRO C 91 3.88 -38.04 26.04
N GLU C 92 2.71 -37.71 25.51
CA GLU C 92 2.07 -38.55 24.49
C GLU C 92 2.90 -38.66 23.20
N MET C 93 3.97 -37.88 23.11
CA MET C 93 4.82 -37.90 21.93
C MET C 93 5.69 -39.15 21.90
N LYS C 94 5.67 -39.86 20.77
CA LYS C 94 6.44 -41.09 20.59
C LYS C 94 7.31 -41.00 19.33
N PRO C 95 8.52 -41.56 19.36
CA PRO C 95 9.45 -41.55 18.22
C PRO C 95 8.93 -42.29 16.98
N ASN C 96 7.91 -43.12 17.18
CA ASN C 96 7.31 -43.87 16.09
C ASN C 96 6.75 -42.96 15.01
N LYS C 97 5.54 -42.45 15.25
CA LYS C 97 4.86 -41.56 14.31
C LYS C 97 5.37 -40.12 14.42
N LYS C 98 4.99 -39.30 13.44
CA LYS C 98 5.41 -37.90 13.40
C LYS C 98 4.52 -36.98 14.23
N PRO C 99 5.02 -35.77 14.56
CA PRO C 99 4.28 -34.79 15.35
C PRO C 99 2.94 -34.39 14.73
N ASN C 100 2.89 -34.43 13.40
CA ASN C 100 1.67 -34.08 12.68
C ASN C 100 0.48 -34.91 13.12
N GLU C 101 0.72 -36.15 13.53
CA GLU C 101 -0.33 -37.05 13.95
C GLU C 101 -0.67 -36.98 15.44
N VAL C 102 -0.07 -36.03 16.15
CA VAL C 102 -0.31 -35.86 17.57
C VAL C 102 -1.22 -34.66 17.84
N LEU C 103 -0.88 -33.52 17.24
CA LEU C 103 -1.67 -32.30 17.38
C LEU C 103 -1.72 -31.52 16.07
N ASP C 104 -2.93 -31.18 15.63
CA ASP C 104 -3.11 -30.43 14.38
C ASP C 104 -3.42 -28.96 14.59
N ILE C 105 -3.21 -28.18 13.53
CA ILE C 105 -3.43 -26.74 13.53
C ILE C 105 -4.87 -26.35 13.85
N GLY C 106 -5.38 -26.74 15.02
CA GLY C 106 -6.74 -26.38 15.38
C GLY C 106 -7.22 -26.94 16.71
N ASP C 107 -6.44 -27.85 17.30
CA ASP C 107 -6.78 -28.47 18.57
C ASP C 107 -6.60 -27.59 19.81
N ALA C 108 -7.32 -27.93 20.88
CA ALA C 108 -7.24 -27.19 22.14
C ALA C 108 -6.54 -28.03 23.21
N ILE C 109 -5.52 -27.44 23.82
CA ILE C 109 -4.77 -28.14 24.86
C ILE C 109 -4.86 -27.39 26.18
N ILE C 110 -4.43 -28.06 27.23
CA ILE C 110 -4.43 -27.50 28.57
C ILE C 110 -3.00 -27.75 29.04
N ALA C 111 -2.23 -26.68 29.23
CA ALA C 111 -0.84 -26.84 29.61
C ALA C 111 -0.40 -25.90 30.72
N LYS C 112 0.89 -25.97 31.03
CA LYS C 112 1.51 -25.13 32.04
C LYS C 112 2.61 -24.29 31.42
N VAL C 113 2.78 -23.07 31.92
CA VAL C 113 3.84 -22.21 31.40
C VAL C 113 5.11 -22.69 32.06
N LEU C 114 6.01 -23.27 31.27
CA LEU C 114 7.26 -23.78 31.80
C LEU C 114 8.31 -22.67 31.99
N ASN C 115 8.44 -21.80 30.99
CA ASN C 115 9.41 -20.72 31.10
C ASN C 115 9.16 -19.60 30.12
N ILE C 116 9.41 -18.38 30.58
CA ILE C 116 9.25 -17.17 29.78
C ILE C 116 10.61 -16.45 29.75
N ASP C 117 11.30 -16.55 28.63
CA ASP C 117 12.63 -15.95 28.47
C ASP C 117 12.65 -14.43 28.25
N PRO C 118 13.86 -13.85 28.10
CA PRO C 118 14.06 -12.41 27.88
C PRO C 118 13.29 -11.76 26.74
N LYS C 119 13.06 -12.49 25.66
CA LYS C 119 12.34 -11.94 24.52
C LYS C 119 10.83 -12.12 24.67
N MET C 120 10.38 -12.42 25.89
CA MET C 120 8.97 -12.63 26.16
C MET C 120 8.39 -13.82 25.39
N LYS C 121 9.25 -14.75 25.03
CA LYS C 121 8.82 -15.94 24.30
C LYS C 121 8.44 -16.96 25.38
N VAL C 122 7.19 -17.40 25.38
CA VAL C 122 6.72 -18.35 26.37
C VAL C 122 6.89 -19.80 25.93
N THR C 123 7.40 -20.62 26.83
CA THR C 123 7.61 -22.03 26.55
C THR C 123 6.61 -22.84 27.36
N LEU C 124 5.83 -23.68 26.66
CA LEU C 124 4.82 -24.49 27.33
C LEU C 124 5.29 -25.91 27.66
N THR C 125 4.41 -26.67 28.30
CA THR C 125 4.69 -28.06 28.66
C THR C 125 3.39 -28.74 29.02
N MET C 126 3.28 -30.04 28.73
CA MET C 126 2.07 -30.79 29.04
C MET C 126 2.37 -31.95 29.98
N LYS C 127 3.61 -32.02 30.47
CA LYS C 127 4.03 -33.08 31.37
C LYS C 127 3.49 -32.88 32.78
N ASP C 128 2.18 -32.73 32.92
CA ASP C 128 1.62 -32.55 34.24
C ASP C 128 0.34 -33.31 34.42
N ARG C 129 0.06 -33.65 35.67
CA ARG C 129 -1.13 -34.39 36.04
C ARG C 129 -2.39 -33.76 35.41
N ILE C 130 -2.47 -32.43 35.47
CA ILE C 130 -3.62 -31.70 34.94
C ILE C 130 -3.64 -31.48 33.44
N CYS C 131 -2.47 -31.49 32.80
CA CYS C 131 -2.38 -31.27 31.35
C CYS C 131 -2.94 -32.43 30.54
N ARG C 132 -3.59 -32.11 29.43
CA ARG C 132 -4.18 -33.11 28.57
C ARG C 132 -4.81 -32.48 27.34
N PRO C 133 -4.73 -33.15 26.19
CA PRO C 133 -5.34 -32.58 25.00
C PRO C 133 -6.86 -32.63 25.15
N ILE C 134 -7.53 -31.50 24.95
CA ILE C 134 -8.98 -31.45 25.09
C ILE C 134 -9.64 -32.00 23.83
N ARG C 135 -10.57 -32.95 24.03
CA ARG C 135 -11.31 -33.57 22.95
C ARG C 135 -12.68 -33.97 23.49
N PHE C 136 -13.08 -33.31 24.57
CA PHE C 136 -14.36 -33.57 25.24
C PHE C 136 -14.88 -32.31 25.91
N GLY C 137 -16.10 -32.40 26.45
CA GLY C 137 -16.69 -31.26 27.14
C GLY C 137 -16.85 -29.98 26.33
N ARG C 138 -16.78 -28.85 27.01
CA ARG C 138 -16.92 -27.55 26.36
C ARG C 138 -15.94 -26.54 26.91
N ILE C 139 -15.67 -25.51 26.10
CA ILE C 139 -14.76 -24.45 26.50
C ILE C 139 -15.48 -23.11 26.62
N VAL C 140 -15.32 -22.45 27.76
CA VAL C 140 -15.93 -21.14 27.94
C VAL C 140 -14.77 -20.14 28.02
N ALA C 141 -14.97 -18.94 27.49
CA ALA C 141 -13.92 -17.92 27.51
C ALA C 141 -14.42 -16.64 28.18
N ILE C 142 -13.75 -16.24 29.25
CA ILE C 142 -14.12 -15.03 29.98
C ILE C 142 -12.92 -14.08 29.97
N ASN C 143 -13.15 -12.83 30.31
CA ASN C 143 -12.04 -11.88 30.34
C ASN C 143 -11.08 -12.29 31.45
N PRO C 144 -9.79 -12.46 31.13
CA PRO C 144 -8.80 -12.86 32.13
C PRO C 144 -8.83 -12.11 33.48
N ALA C 145 -9.19 -10.84 33.46
CA ALA C 145 -9.24 -10.07 34.70
C ALA C 145 -10.43 -10.49 35.54
N ARG C 146 -11.22 -11.42 35.02
CA ARG C 146 -12.41 -11.88 35.71
C ARG C 146 -12.26 -13.31 36.28
N VAL C 147 -11.10 -13.92 36.09
CA VAL C 147 -10.89 -15.28 36.59
C VAL C 147 -10.85 -15.41 38.10
N PRO C 148 -10.33 -14.39 38.81
CA PRO C 148 -10.29 -14.52 40.27
C PRO C 148 -11.69 -14.49 40.92
N ARG C 149 -12.68 -13.99 40.17
CA ARG C 149 -14.05 -13.95 40.67
C ARG C 149 -14.69 -15.33 40.48
N VAL C 150 -14.39 -15.97 39.34
CA VAL C 150 -14.92 -17.30 39.04
C VAL C 150 -14.34 -18.40 39.93
N ILE C 151 -13.13 -18.17 40.45
CA ILE C 151 -12.51 -19.15 41.34
C ILE C 151 -13.02 -18.86 42.76
N GLY C 152 -13.32 -17.59 43.02
CA GLY C 152 -13.82 -17.21 44.32
C GLY C 152 -12.76 -17.23 45.41
N LYS C 153 -13.11 -16.72 46.59
CA LYS C 153 -12.18 -16.69 47.71
C LYS C 153 -11.78 -18.10 48.14
N LYS C 154 -10.49 -18.33 48.26
CA LYS C 154 -9.97 -19.63 48.65
C LYS C 154 -10.57 -20.74 47.81
N GLY C 155 -10.87 -20.44 46.55
CA GLY C 155 -11.43 -21.44 45.66
C GLY C 155 -12.91 -21.66 45.91
N SER C 156 -13.43 -20.89 46.86
CA SER C 156 -14.84 -20.94 47.25
C SER C 156 -15.79 -21.21 46.07
N MET C 157 -15.70 -20.37 45.04
CA MET C 157 -16.55 -20.44 43.84
C MET C 157 -16.56 -21.71 42.97
N ILE C 158 -15.42 -22.14 42.45
CA ILE C 158 -15.44 -23.33 41.61
C ILE C 158 -15.78 -24.57 42.44
N LYS C 159 -15.54 -24.50 43.74
CA LYS C 159 -15.86 -25.64 44.59
C LYS C 159 -17.38 -25.73 44.60
N LEU C 160 -18.02 -24.58 44.72
CA LEU C 160 -19.48 -24.50 44.73
C LEU C 160 -20.08 -24.98 43.40
N LEU C 161 -19.36 -24.72 42.31
CA LEU C 161 -19.84 -25.14 40.98
C LEU C 161 -19.67 -26.63 40.78
N LYS C 162 -18.46 -27.11 41.06
CA LYS C 162 -18.14 -28.52 40.90
C LYS C 162 -19.11 -29.43 41.66
N SER C 163 -19.34 -29.12 42.93
CA SER C 163 -20.21 -29.90 43.77
C SER C 163 -21.69 -29.90 43.38
N GLU C 164 -22.35 -28.74 43.49
CA GLU C 164 -23.77 -28.66 43.16
C GLU C 164 -24.13 -29.07 41.74
N LEU C 165 -23.13 -29.25 40.88
CA LEU C 165 -23.41 -29.63 39.50
C LEU C 165 -22.69 -30.88 39.08
N ASP C 166 -21.89 -31.45 39.98
CA ASP C 166 -21.14 -32.66 39.66
C ASP C 166 -20.48 -32.46 38.31
N VAL C 167 -19.60 -31.46 38.23
CA VAL C 167 -18.93 -31.16 36.98
C VAL C 167 -17.43 -31.02 37.16
N GLN C 168 -16.69 -31.30 36.10
CA GLN C 168 -15.24 -31.18 36.14
C GLN C 168 -14.92 -29.81 35.55
N ILE C 169 -14.13 -29.02 36.26
CA ILE C 169 -13.78 -27.69 35.78
C ILE C 169 -12.30 -27.37 35.98
N VAL C 170 -11.71 -26.71 34.98
CA VAL C 170 -10.31 -26.30 35.03
C VAL C 170 -10.19 -24.88 34.50
N VAL C 171 -9.88 -23.94 35.40
CA VAL C 171 -9.77 -22.54 35.04
C VAL C 171 -8.37 -22.14 34.58
N GLY C 172 -8.27 -21.78 33.31
CA GLY C 172 -7.00 -21.34 32.79
C GLY C 172 -6.85 -19.89 33.18
N GLN C 173 -5.62 -19.43 33.33
CA GLN C 173 -5.37 -18.05 33.71
C GLN C 173 -5.64 -17.07 32.59
N ASN C 174 -5.36 -17.48 31.37
CA ASN C 174 -5.57 -16.62 30.21
C ASN C 174 -7.06 -16.29 30.06
N GLY C 175 -7.90 -16.98 30.83
CA GLY C 175 -9.32 -16.73 30.78
C GLY C 175 -10.12 -17.86 30.13
N LEU C 176 -9.41 -18.85 29.59
CA LEU C 176 -10.10 -19.96 28.95
C LEU C 176 -10.36 -21.09 29.94
N ILE C 177 -11.63 -21.45 30.08
CA ILE C 177 -12.03 -22.48 31.03
C ILE C 177 -12.58 -23.73 30.37
N TRP C 178 -12.18 -24.89 30.87
CA TRP C 178 -12.70 -26.15 30.34
C TRP C 178 -13.69 -26.76 31.30
N VAL C 179 -14.84 -27.16 30.77
CA VAL C 179 -15.89 -27.77 31.55
C VAL C 179 -16.26 -29.12 30.93
N ASN C 180 -16.49 -30.12 31.78
CA ASN C 180 -16.85 -31.46 31.31
C ASN C 180 -17.87 -32.09 32.25
N GLY C 181 -18.73 -32.95 31.70
CA GLY C 181 -19.74 -33.60 32.49
C GLY C 181 -20.98 -33.96 31.67
N ASP C 182 -22.11 -34.11 32.35
CA ASP C 182 -23.35 -34.46 31.68
C ASP C 182 -23.93 -33.24 30.97
N ARG C 183 -23.96 -33.30 29.64
CA ARG C 183 -24.47 -32.21 28.81
C ARG C 183 -25.31 -31.18 29.56
N ARG C 184 -26.45 -31.59 30.08
CA ARG C 184 -27.34 -30.67 30.80
C ARG C 184 -26.74 -29.92 31.99
N LYS C 185 -25.85 -30.56 32.73
CA LYS C 185 -25.22 -29.90 33.87
C LYS C 185 -24.12 -28.95 33.43
N VAL C 186 -23.42 -29.30 32.35
CA VAL C 186 -22.36 -28.44 31.82
C VAL C 186 -22.95 -27.11 31.34
N SER C 187 -24.10 -27.20 30.69
CA SER C 187 -24.78 -26.02 30.15
C SER C 187 -25.16 -25.03 31.24
N ILE C 188 -25.57 -25.52 32.41
CA ILE C 188 -25.96 -24.64 33.51
C ILE C 188 -24.71 -23.99 34.13
N ALA C 189 -23.64 -24.77 34.25
CA ALA C 189 -22.38 -24.28 34.82
C ALA C 189 -21.84 -23.22 33.88
N GLU C 190 -21.93 -23.51 32.59
CA GLU C 190 -21.49 -22.61 31.55
C GLU C 190 -22.22 -21.29 31.78
N GLU C 191 -23.54 -21.35 31.74
CA GLU C 191 -24.40 -20.18 31.93
C GLU C 191 -24.06 -19.40 33.20
N ALA C 192 -23.81 -20.11 34.28
CA ALA C 192 -23.49 -19.49 35.56
C ALA C 192 -22.16 -18.74 35.50
N ILE C 193 -21.17 -19.32 34.82
CA ILE C 193 -19.86 -18.68 34.71
C ILE C 193 -19.98 -17.35 33.97
N TYR C 194 -20.73 -17.35 32.88
CA TYR C 194 -20.93 -16.16 32.07
C TYR C 194 -21.68 -15.09 32.87
N LEU C 195 -22.71 -15.49 33.60
CA LEU C 195 -23.47 -14.53 34.40
C LEU C 195 -22.60 -13.97 35.51
N ILE C 196 -21.70 -14.80 36.05
CA ILE C 196 -20.80 -14.35 37.11
C ILE C 196 -19.83 -13.31 36.56
N GLU C 197 -19.46 -13.47 35.29
CA GLU C 197 -18.53 -12.55 34.66
C GLU C 197 -19.12 -11.17 34.42
N GLN C 198 -20.43 -11.10 34.24
CA GLN C 198 -21.12 -9.83 33.98
C GLN C 198 -21.64 -9.15 35.24
N GLU C 199 -21.63 -9.86 36.36
CA GLU C 199 -22.12 -9.33 37.63
C GLU C 199 -21.62 -7.92 37.91
N ALA C 200 -22.56 -7.01 38.15
CA ALA C 200 -22.27 -5.62 38.44
C ALA C 200 -21.85 -5.41 39.91
N HIS C 201 -22.59 -6.02 40.81
CA HIS C 201 -22.33 -5.94 42.24
C HIS C 201 -22.06 -7.33 42.76
N THR C 202 -20.94 -7.50 43.44
CA THR C 202 -20.56 -8.81 43.91
C THR C 202 -20.67 -9.12 45.40
N GLU C 203 -21.27 -8.22 46.17
CA GLU C 203 -21.43 -8.44 47.61
C GLU C 203 -22.52 -9.48 47.82
N GLY C 204 -22.11 -10.69 48.20
CA GLY C 204 -23.07 -11.77 48.43
C GLY C 204 -23.32 -12.57 47.17
N LEU C 205 -22.32 -12.58 46.30
CA LEU C 205 -22.42 -13.27 45.00
C LEU C 205 -22.47 -14.79 45.11
N THR C 206 -21.74 -15.34 46.07
CA THR C 206 -21.70 -16.78 46.25
C THR C 206 -23.04 -17.40 46.68
N ASP C 207 -23.73 -16.74 47.59
CA ASP C 207 -25.02 -17.26 48.03
C ASP C 207 -26.04 -17.11 46.90
N ARG C 208 -25.91 -16.02 46.15
CA ARG C 208 -26.81 -15.75 45.03
C ARG C 208 -26.64 -16.78 43.91
N VAL C 209 -25.43 -17.31 43.76
CA VAL C 209 -25.15 -18.30 42.74
C VAL C 209 -25.69 -19.65 43.22
N ALA C 210 -25.94 -19.75 44.52
CA ALA C 210 -26.49 -20.98 45.09
C ALA C 210 -27.97 -21.05 44.74
N GLU C 211 -28.68 -19.96 44.97
CA GLU C 211 -30.10 -19.88 44.67
C GLU C 211 -30.34 -20.02 43.17
N PHE C 212 -29.29 -19.84 42.39
CA PHE C 212 -29.38 -19.97 40.94
C PHE C 212 -29.19 -21.45 40.57
N ILE C 213 -28.18 -22.07 41.18
CA ILE C 213 -27.88 -23.47 40.94
C ILE C 213 -29.08 -24.32 41.34
N LYS C 214 -29.90 -23.80 42.25
CA LYS C 214 -31.10 -24.52 42.69
C LYS C 214 -32.27 -24.23 41.76
N ARG C 215 -32.58 -22.95 41.56
CA ARG C 215 -33.69 -22.58 40.70
C ARG C 215 -33.58 -23.19 39.31
N ARG C 216 -32.35 -23.34 38.81
CA ARG C 216 -32.11 -23.94 37.49
C ARG C 216 -32.09 -25.45 37.58
N LYS C 217 -31.90 -25.94 38.80
CA LYS C 217 -31.85 -27.37 39.05
C LYS C 217 -33.27 -27.86 39.36
N ALA C 218 -34.15 -26.93 39.72
CA ALA C 218 -35.53 -27.26 40.03
C ALA C 218 -36.35 -27.03 38.76
N ASP C 219 -36.53 -25.75 38.42
CA ASP C 219 -37.28 -25.39 37.22
C ASP C 219 -36.47 -25.67 35.96
N LYS D 7 -12.02 41.17 16.46
CA LYS D 7 -13.38 41.71 16.80
C LYS D 7 -13.55 42.03 18.29
N PRO D 8 -12.72 41.43 19.15
CA PRO D 8 -12.91 41.76 20.58
C PRO D 8 -11.93 42.84 21.04
N GLU D 9 -12.39 43.72 21.94
CA GLU D 9 -11.53 44.77 22.49
C GLU D 9 -11.52 44.54 23.99
N LYS D 10 -10.32 44.41 24.55
CA LYS D 10 -10.18 44.17 25.97
C LYS D 10 -10.65 42.77 26.37
N LEU D 11 -9.72 41.82 26.33
CA LEU D 11 -10.00 40.44 26.70
C LEU D 11 -9.92 40.32 28.22
N ILE D 12 -9.21 41.24 28.85
CA ILE D 12 -9.07 41.22 30.30
C ILE D 12 -9.62 42.51 30.89
N VAL D 13 -10.94 42.56 31.08
CA VAL D 13 -11.57 43.76 31.65
C VAL D 13 -11.77 43.64 33.16
N ASP D 14 -11.32 44.67 33.88
CA ASP D 14 -11.45 44.70 35.34
C ASP D 14 -10.96 43.42 36.02
N GLY D 15 -9.82 42.91 35.57
CA GLY D 15 -9.27 41.70 36.15
C GLY D 15 -9.98 40.42 35.78
N LEU D 16 -10.99 40.50 34.91
CA LEU D 16 -11.74 39.32 34.52
C LEU D 16 -11.81 39.11 33.01
N ARG D 17 -11.92 37.85 32.61
CA ARG D 17 -12.01 37.52 31.20
C ARG D 17 -13.47 37.51 30.74
N LEU D 18 -13.66 37.39 29.43
CA LEU D 18 -14.98 37.41 28.84
C LEU D 18 -15.94 36.37 29.39
N ASP D 19 -15.43 35.19 29.71
CA ASP D 19 -16.28 34.12 30.25
C ASP D 19 -16.46 34.34 31.75
N GLY D 20 -15.88 35.44 32.24
CA GLY D 20 -16.01 35.80 33.63
C GLY D 20 -14.94 35.34 34.61
N ARG D 21 -14.04 34.45 34.18
CA ARG D 21 -13.04 33.97 35.13
C ARG D 21 -11.74 34.77 35.27
N LYS D 22 -11.03 34.48 36.35
CA LYS D 22 -9.77 35.12 36.66
C LYS D 22 -8.68 34.55 35.77
N PHE D 23 -7.47 35.10 35.87
CA PHE D 23 -6.38 34.63 35.03
C PHE D 23 -5.89 33.23 35.33
N ASP D 24 -5.96 32.80 36.59
CA ASP D 24 -5.45 31.48 36.91
C ASP D 24 -6.48 30.39 37.15
N GLU D 25 -7.61 30.46 36.45
CA GLU D 25 -8.62 29.42 36.62
C GLU D 25 -9.00 28.62 35.37
N LEU D 26 -9.11 27.31 35.55
CA LEU D 26 -9.47 26.37 34.48
C LEU D 26 -10.93 26.56 34.15
N ARG D 27 -11.39 25.89 33.10
CA ARG D 27 -12.78 25.94 32.68
C ARG D 27 -13.46 24.72 33.31
N PRO D 28 -14.79 24.68 33.38
CA PRO D 28 -15.43 23.51 33.98
C PRO D 28 -15.01 22.21 33.30
N ILE D 29 -14.74 21.19 34.12
CA ILE D 29 -14.29 19.89 33.62
C ILE D 29 -15.06 18.67 34.14
N LYS D 30 -15.27 17.69 33.25
CA LYS D 30 -15.97 16.45 33.60
C LYS D 30 -15.15 15.26 33.07
N ILE D 31 -14.92 14.26 33.91
CA ILE D 31 -14.12 13.09 33.50
C ILE D 31 -14.76 11.75 33.85
N GLU D 32 -14.90 10.88 32.84
CA GLU D 32 -15.49 9.57 33.03
C GLU D 32 -14.63 8.44 32.45
N ALA D 33 -14.20 7.53 33.33
CA ALA D 33 -13.39 6.40 32.97
C ALA D 33 -14.26 5.20 32.56
N SER D 34 -13.69 4.26 31.81
CA SER D 34 -14.38 3.04 31.40
C SER D 34 -15.77 3.26 30.79
N VAL D 35 -15.82 3.94 29.65
CA VAL D 35 -17.09 4.23 29.00
C VAL D 35 -17.41 3.40 27.76
N LEU D 36 -16.38 2.80 27.17
CA LEU D 36 -16.60 1.98 25.97
C LEU D 36 -16.45 0.52 26.33
N LYS D 37 -17.22 -0.33 25.66
CA LYS D 37 -17.21 -1.76 25.94
C LYS D 37 -16.21 -2.52 25.10
N ARG D 38 -16.09 -2.14 23.83
CA ARG D 38 -15.17 -2.83 22.93
C ARG D 38 -13.68 -2.49 23.09
N ALA D 39 -13.38 -1.37 23.75
CA ALA D 39 -11.98 -0.98 23.94
C ALA D 39 -11.37 -1.53 25.24
N ASP D 40 -10.05 -1.63 25.25
CA ASP D 40 -9.31 -2.12 26.41
C ASP D 40 -9.24 -1.05 27.50
N GLY D 41 -9.45 0.18 27.08
CA GLY D 41 -9.42 1.30 28.01
C GLY D 41 -10.10 2.47 27.32
N SER D 42 -10.75 3.33 28.09
CA SER D 42 -11.43 4.46 27.48
C SER D 42 -11.77 5.55 28.48
N CYS D 43 -12.07 6.72 27.96
CA CYS D 43 -12.40 7.84 28.81
C CYS D 43 -13.19 8.90 28.06
N TYR D 44 -14.16 9.49 28.75
CA TYR D 44 -14.96 10.56 28.20
C TYR D 44 -14.50 11.78 28.98
N LEU D 45 -14.24 12.89 28.29
CA LEU D 45 -13.73 14.07 28.95
C LEU D 45 -14.29 15.32 28.30
N GLU D 46 -14.72 16.27 29.14
CA GLU D 46 -15.26 17.55 28.69
C GLU D 46 -14.35 18.62 29.30
N MET D 47 -13.90 19.56 28.46
CA MET D 47 -13.04 20.67 28.90
C MET D 47 -13.62 21.89 28.17
N GLY D 48 -14.49 22.64 28.85
CA GLY D 48 -15.11 23.79 28.22
C GLY D 48 -16.12 23.27 27.21
N LYS D 49 -16.17 23.85 26.02
CA LYS D 49 -17.12 23.36 25.01
C LYS D 49 -16.56 22.06 24.41
N ASN D 50 -15.37 21.67 24.84
CA ASN D 50 -14.75 20.46 24.35
C ASN D 50 -15.43 19.20 24.88
N LYS D 51 -15.69 18.25 23.96
CA LYS D 51 -16.28 16.97 24.30
C LYS D 51 -15.43 15.97 23.52
N VAL D 52 -14.59 15.23 24.23
CA VAL D 52 -13.72 14.28 23.57
C VAL D 52 -13.81 12.88 24.15
N ILE D 53 -13.47 11.88 23.34
CA ILE D 53 -13.53 10.49 23.79
C ILE D 53 -12.26 9.75 23.37
N ALA D 54 -11.68 9.03 24.32
CA ALA D 54 -10.45 8.28 24.06
C ALA D 54 -10.64 6.78 24.23
N ALA D 55 -10.02 6.01 23.32
CA ALA D 55 -10.07 4.55 23.37
C ALA D 55 -8.65 4.02 23.22
N VAL D 56 -8.36 2.92 23.90
CA VAL D 56 -7.04 2.29 23.84
C VAL D 56 -7.18 0.79 23.59
N PHE D 57 -6.43 0.28 22.62
CA PHE D 57 -6.48 -1.15 22.32
C PHE D 57 -5.19 -1.83 22.76
N GLY D 58 -5.25 -2.34 24.00
CA GLY D 58 -4.16 -3.01 24.70
C GLY D 58 -3.13 -3.65 23.81
N PRO D 59 -1.92 -3.92 24.32
CA PRO D 59 -0.90 -4.55 23.48
C PRO D 59 -1.46 -5.70 22.62
N ARG D 60 -1.61 -5.42 21.33
CA ARG D 60 -2.13 -6.36 20.35
C ARG D 60 -1.01 -6.66 19.37
N GLU D 61 -1.14 -7.75 18.64
CA GLU D 61 -0.13 -8.14 17.66
C GLU D 61 -0.23 -7.28 16.41
N VAL D 62 0.81 -6.49 16.14
CA VAL D 62 0.84 -5.65 14.94
C VAL D 62 0.95 -6.62 13.77
N HIS D 63 0.17 -6.43 12.72
CA HIS D 63 0.21 -7.40 11.62
C HIS D 63 1.14 -7.19 10.42
N PRO D 64 1.17 -5.99 9.84
CA PRO D 64 2.12 -5.92 8.73
C PRO D 64 3.55 -6.00 9.29
N ARG D 65 4.08 -7.22 9.30
CA ARG D 65 5.41 -7.48 9.83
C ARG D 65 6.58 -6.70 9.23
N HIS D 66 6.38 -5.44 8.87
CA HIS D 66 7.46 -4.61 8.34
C HIS D 66 7.51 -3.38 9.23
N LEU D 67 6.47 -3.22 10.05
CA LEU D 67 6.36 -2.12 11.00
C LEU D 67 6.56 -2.68 12.39
N GLN D 68 6.59 -4.00 12.46
CA GLN D 68 6.77 -4.68 13.72
C GLN D 68 8.18 -4.51 14.29
N ASP D 69 8.29 -3.91 15.46
CA ASP D 69 9.58 -3.72 16.11
C ASP D 69 9.85 -4.95 16.97
N PRO D 70 11.06 -5.53 16.89
CA PRO D 70 11.40 -6.72 17.68
C PRO D 70 11.86 -6.53 19.13
N SER D 71 12.16 -5.30 19.53
CA SER D 71 12.62 -5.07 20.91
C SER D 71 11.61 -4.36 21.81
N LYS D 72 10.55 -3.82 21.23
CA LYS D 72 9.55 -3.13 22.03
C LYS D 72 8.25 -2.93 21.28
N ALA D 73 7.26 -2.37 21.97
CA ALA D 73 5.97 -2.11 21.36
C ALA D 73 6.06 -0.79 20.61
N ILE D 74 5.28 -0.63 19.54
CA ILE D 74 5.27 0.65 18.83
C ILE D 74 4.01 1.33 19.34
N ILE D 75 4.06 2.65 19.46
CA ILE D 75 2.90 3.40 19.93
C ILE D 75 2.24 4.16 18.80
N ARG D 76 0.93 4.02 18.67
CA ARG D 76 0.21 4.74 17.63
C ARG D 76 -0.87 5.61 18.27
N TYR D 77 -0.95 6.86 17.81
CA TYR D 77 -1.92 7.82 18.33
C TYR D 77 -2.54 8.51 17.13
N ARG D 78 -3.85 8.73 17.17
CA ARG D 78 -4.53 9.36 16.06
C ARG D 78 -5.60 10.32 16.56
N TYR D 79 -5.36 11.60 16.33
CA TYR D 79 -6.30 12.63 16.72
C TYR D 79 -7.22 12.83 15.51
N ASN D 80 -8.52 12.98 15.74
CA ASN D 80 -9.43 13.17 14.63
C ASN D 80 -10.66 13.96 15.05
N MET D 81 -11.03 14.95 14.24
CA MET D 81 -12.19 15.76 14.53
C MET D 81 -13.42 15.27 13.76
N ALA D 82 -14.52 15.04 14.48
CA ALA D 82 -15.75 14.61 13.83
C ALA D 82 -16.16 15.76 12.92
N PRO D 83 -16.70 15.45 11.74
CA PRO D 83 -17.09 16.54 10.84
C PRO D 83 -17.98 17.60 11.44
N PHE D 84 -18.82 17.21 12.41
CA PHE D 84 -19.74 18.14 13.08
C PHE D 84 -19.18 18.78 14.33
N SER D 85 -17.88 18.63 14.60
CA SER D 85 -17.29 19.21 15.81
C SER D 85 -17.03 20.72 15.79
N VAL D 86 -17.04 21.30 14.59
CA VAL D 86 -16.76 22.72 14.44
C VAL D 86 -17.86 23.48 13.71
N GLU D 87 -17.93 24.78 13.96
CA GLU D 87 -18.93 25.66 13.37
C GLU D 87 -19.24 25.39 11.90
N GLU D 88 -18.20 25.21 11.10
CA GLU D 88 -18.35 24.96 9.67
C GLU D 88 -17.96 23.50 9.41
N ARG D 89 -18.86 22.73 8.81
CA ARG D 89 -18.60 21.32 8.54
C ARG D 89 -17.22 21.05 7.93
N LYS D 90 -16.44 20.22 8.62
CA LYS D 90 -15.09 19.86 8.19
C LYS D 90 -15.01 18.54 7.45
N ARG D 91 -14.52 18.59 6.21
CA ARG D 91 -14.38 17.41 5.35
C ARG D 91 -13.65 16.27 6.09
N PRO D 92 -14.28 15.08 6.20
CA PRO D 92 -13.62 13.97 6.88
C PRO D 92 -12.29 13.57 6.27
N GLY D 93 -11.33 13.20 7.12
CA GLY D 93 -10.00 12.81 6.65
C GLY D 93 -8.88 13.61 7.31
N PRO D 94 -7.68 13.03 7.41
CA PRO D 94 -6.58 13.76 8.04
C PRO D 94 -6.06 14.94 7.22
N ASP D 95 -5.67 15.99 7.93
CA ASP D 95 -5.12 17.19 7.33
C ASP D 95 -3.79 17.47 8.03
N ARG D 96 -2.97 18.30 7.42
CA ARG D 96 -1.66 18.59 7.97
C ARG D 96 -1.66 18.81 9.48
N ARG D 97 -2.62 19.56 10.01
CA ARG D 97 -2.58 19.80 11.44
C ARG D 97 -2.97 18.58 12.28
N SER D 98 -3.89 17.76 11.77
CA SER D 98 -4.33 16.56 12.47
C SER D 98 -3.14 15.62 12.60
N ILE D 99 -2.41 15.46 11.49
CA ILE D 99 -1.24 14.57 11.48
C ILE D 99 -0.17 15.06 12.45
N GLU D 100 -0.03 16.37 12.59
CA GLU D 100 0.98 16.92 13.48
C GLU D 100 0.60 16.73 14.94
N ILE D 101 -0.67 16.97 15.25
CA ILE D 101 -1.14 16.80 16.62
C ILE D 101 -0.97 15.32 16.98
N SER D 102 -1.32 14.45 16.05
CA SER D 102 -1.17 13.02 16.28
C SER D 102 0.29 12.65 16.53
N LYS D 103 1.19 13.31 15.82
CA LYS D 103 2.60 12.98 15.96
C LYS D 103 3.14 13.45 17.29
N VAL D 104 2.85 14.70 17.62
CA VAL D 104 3.33 15.26 18.86
C VAL D 104 2.74 14.55 20.08
N SER D 105 1.51 14.06 19.95
CA SER D 105 0.82 13.37 21.03
C SER D 105 1.36 11.96 21.23
N LYS D 106 1.70 11.30 20.13
CA LYS D 106 2.23 9.95 20.18
C LYS D 106 3.54 10.01 20.94
N GLU D 107 4.38 10.98 20.57
CA GLU D 107 5.67 11.17 21.19
C GLU D 107 5.48 11.39 22.68
N ALA D 108 4.45 12.14 23.05
CA ALA D 108 4.18 12.42 24.46
C ALA D 108 4.02 11.13 25.27
N PHE D 109 3.39 10.12 24.68
CA PHE D 109 3.20 8.88 25.40
C PHE D 109 4.34 7.88 25.26
N GLU D 110 5.15 8.03 24.22
CA GLU D 110 6.28 7.14 24.04
C GLU D 110 7.24 7.35 25.21
N ALA D 111 7.25 8.56 25.76
CA ALA D 111 8.10 8.93 26.88
C ALA D 111 7.63 8.40 28.24
N VAL D 112 6.43 7.83 28.28
CA VAL D 112 5.88 7.34 29.53
C VAL D 112 5.46 5.87 29.57
N ILE D 113 5.02 5.35 28.44
CA ILE D 113 4.60 3.94 28.37
C ILE D 113 5.84 3.05 28.32
N MET D 114 5.78 1.94 29.03
CA MET D 114 6.89 1.00 29.09
C MET D 114 6.72 -0.02 27.98
N LYS D 115 6.98 0.43 26.76
CA LYS D 115 6.85 -0.38 25.56
C LYS D 115 7.82 -1.56 25.53
N GLU D 116 8.88 -1.47 26.32
CA GLU D 116 9.88 -2.52 26.39
C GLU D 116 9.26 -3.83 26.89
N LEU D 117 8.12 -3.74 27.56
CA LEU D 117 7.44 -4.91 28.11
C LEU D 117 6.59 -5.69 27.11
N PHE D 118 6.43 -5.17 25.90
CA PHE D 118 5.61 -5.85 24.90
C PHE D 118 6.19 -5.91 23.49
N PRO D 119 7.29 -6.66 23.31
CA PRO D 119 7.91 -6.77 22.00
C PRO D 119 6.92 -7.25 20.95
N ARG D 120 7.12 -6.80 19.72
CA ARG D 120 6.29 -7.18 18.58
C ARG D 120 4.83 -6.76 18.69
N SER D 121 4.48 -6.07 19.77
CA SER D 121 3.10 -5.62 19.97
C SER D 121 2.88 -4.14 19.65
N ALA D 122 1.62 -3.73 19.60
CA ALA D 122 1.28 -2.36 19.32
C ALA D 122 0.20 -1.85 20.25
N ILE D 123 0.33 -0.59 20.68
CA ILE D 123 -0.66 0.05 21.54
C ILE D 123 -1.28 1.20 20.75
N ASP D 124 -2.52 0.99 20.31
CA ASP D 124 -3.23 1.96 19.51
C ASP D 124 -4.11 2.87 20.37
N ILE D 125 -3.91 4.18 20.26
CA ILE D 125 -4.66 5.15 21.04
C ILE D 125 -5.47 6.00 20.09
N PHE D 126 -6.79 5.87 20.13
CA PHE D 126 -7.64 6.66 19.25
C PHE D 126 -8.46 7.65 20.03
N VAL D 127 -8.31 8.91 19.65
CA VAL D 127 -9.00 10.01 20.31
C VAL D 127 -9.86 10.79 19.34
N GLU D 128 -11.15 10.90 19.63
CA GLU D 128 -12.05 11.66 18.77
C GLU D 128 -12.68 12.84 19.48
N VAL D 129 -12.61 14.00 18.84
CA VAL D 129 -13.21 15.20 19.39
C VAL D 129 -14.57 15.36 18.71
N LEU D 130 -15.62 15.18 19.50
CA LEU D 130 -16.98 15.26 19.03
C LEU D 130 -17.47 16.70 18.98
N GLN D 131 -16.88 17.56 19.81
CA GLN D 131 -17.19 18.99 19.80
C GLN D 131 -15.90 19.74 20.15
N ALA D 132 -15.48 20.64 19.27
CA ALA D 132 -14.24 21.38 19.48
C ALA D 132 -14.39 22.79 20.02
N ASP D 133 -13.35 23.18 20.76
CA ASP D 133 -13.20 24.52 21.35
C ASP D 133 -11.66 24.61 21.46
N ALA D 134 -11.14 25.73 21.94
CA ALA D 134 -9.71 25.83 22.07
C ALA D 134 -9.23 24.76 23.07
N GLY D 135 -8.07 24.19 22.79
CA GLY D 135 -7.49 23.19 23.65
C GLY D 135 -7.93 21.76 23.40
N SER D 136 -8.62 21.49 22.30
CA SER D 136 -9.08 20.12 22.04
C SER D 136 -7.94 19.14 22.09
N ARG D 137 -6.76 19.63 21.76
CA ARG D 137 -5.54 18.82 21.74
C ARG D 137 -5.06 18.51 23.17
N THR D 138 -5.23 19.46 24.07
CA THR D 138 -4.82 19.24 25.47
C THR D 138 -5.83 18.31 26.13
N ALA D 139 -7.11 18.52 25.80
CA ALA D 139 -8.20 17.73 26.33
C ALA D 139 -8.04 16.25 25.96
N CYS D 140 -7.68 15.99 24.71
CA CYS D 140 -7.47 14.61 24.26
C CYS D 140 -6.39 13.90 25.07
N LEU D 141 -5.27 14.59 25.31
CA LEU D 141 -4.19 13.96 26.05
C LEU D 141 -4.68 13.58 27.44
N ASN D 142 -5.38 14.49 28.09
CA ASN D 142 -5.89 14.22 29.42
C ASN D 142 -6.77 12.97 29.36
N ALA D 143 -7.60 12.89 28.32
CA ALA D 143 -8.46 11.74 28.14
C ALA D 143 -7.62 10.50 27.88
N ALA D 144 -6.69 10.60 26.94
CA ALA D 144 -5.82 9.49 26.58
C ALA D 144 -5.12 8.88 27.80
N SER D 145 -4.66 9.76 28.68
CA SER D 145 -3.97 9.32 29.88
C SER D 145 -4.89 8.38 30.68
N VAL D 146 -6.08 8.86 31.00
CA VAL D 146 -7.01 8.04 31.74
C VAL D 146 -7.31 6.69 31.05
N ALA D 147 -7.53 6.69 29.74
CA ALA D 147 -7.83 5.44 29.02
C ALA D 147 -6.71 4.42 29.21
N LEU D 148 -5.46 4.86 29.04
CA LEU D 148 -4.31 3.98 29.20
C LEU D 148 -4.34 3.35 30.58
N VAL D 149 -4.53 4.17 31.61
CA VAL D 149 -4.60 3.66 32.99
C VAL D 149 -5.69 2.60 33.07
N ASP D 150 -6.87 2.96 32.57
CA ASP D 150 -8.07 2.14 32.54
C ASP D 150 -7.88 0.88 31.70
N ALA D 151 -6.86 0.88 30.84
CA ALA D 151 -6.60 -0.28 29.98
C ALA D 151 -5.53 -1.23 30.55
N GLY D 152 -4.94 -0.83 31.67
CA GLY D 152 -3.93 -1.65 32.28
C GLY D 152 -2.54 -1.57 31.66
N VAL D 153 -2.24 -0.55 30.85
CA VAL D 153 -0.90 -0.51 30.28
C VAL D 153 0.06 0.17 31.26
N PRO D 154 1.24 -0.43 31.47
CA PRO D 154 2.26 0.10 32.39
C PRO D 154 2.76 1.48 31.96
N MET D 155 2.78 2.42 32.90
CA MET D 155 3.22 3.78 32.63
C MET D 155 4.04 4.33 33.78
N LYS D 156 5.03 5.16 33.49
CA LYS D 156 5.84 5.73 34.55
C LYS D 156 4.94 6.50 35.52
N GLY D 157 3.95 7.17 34.96
CA GLY D 157 3.04 7.95 35.77
C GLY D 157 1.90 8.38 34.89
N MET D 158 1.22 9.46 35.25
CA MET D 158 0.11 9.96 34.45
C MET D 158 0.46 11.24 33.72
N ILE D 159 -0.18 11.44 32.57
CA ILE D 159 0.09 12.61 31.76
C ILE D 159 -1.07 13.60 31.85
N THR D 160 -0.76 14.83 32.28
CA THR D 160 -1.78 15.87 32.41
C THR D 160 -1.38 17.04 31.53
N SER D 161 -2.34 17.57 30.79
CA SER D 161 -2.04 18.65 29.85
C SER D 161 -2.97 19.85 29.99
N VAL D 162 -2.43 21.03 29.67
CA VAL D 162 -3.18 22.26 29.69
C VAL D 162 -2.40 23.30 28.92
N ALA D 163 -3.10 24.30 28.40
CA ALA D 163 -2.45 25.36 27.63
C ALA D 163 -2.49 26.68 28.39
N VAL D 164 -1.55 27.56 28.02
CA VAL D 164 -1.45 28.89 28.60
C VAL D 164 -1.49 29.87 27.42
N GLY D 165 -2.35 30.87 27.50
CA GLY D 165 -2.41 31.85 26.42
C GLY D 165 -1.93 33.19 26.92
N LYS D 166 -1.97 34.19 26.06
CA LYS D 166 -1.58 35.55 26.44
C LYS D 166 -2.56 36.54 25.84
N ALA D 167 -3.32 37.19 26.72
CA ALA D 167 -4.32 38.17 26.31
C ALA D 167 -4.02 39.52 26.93
N ASP D 168 -3.90 40.54 26.08
CA ASP D 168 -3.61 41.89 26.53
C ASP D 168 -2.46 41.95 27.51
N GLY D 169 -1.34 41.33 27.14
CA GLY D 169 -0.16 41.32 27.99
C GLY D 169 -0.25 40.38 29.17
N GLN D 170 -1.45 39.92 29.47
CA GLN D 170 -1.68 39.01 30.59
C GLN D 170 -1.67 37.53 30.18
N LEU D 171 -0.95 36.72 30.96
CA LEU D 171 -0.86 35.29 30.73
C LEU D 171 -2.12 34.67 31.31
N VAL D 172 -2.82 33.84 30.53
CA VAL D 172 -4.04 33.22 31.04
C VAL D 172 -4.08 31.69 30.93
N LEU D 173 -4.61 31.04 31.96
CA LEU D 173 -4.71 29.58 31.98
C LEU D 173 -5.89 29.10 31.10
N ASP D 174 -5.73 27.91 30.54
CA ASP D 174 -6.75 27.30 29.67
C ASP D 174 -7.49 28.31 28.78
N PRO D 175 -6.78 28.94 27.83
CA PRO D 175 -7.47 29.91 26.98
C PRO D 175 -8.71 29.43 26.24
N MET D 176 -9.64 30.37 26.02
CA MET D 176 -10.90 30.10 25.34
C MET D 176 -10.74 30.53 23.89
N LYS D 177 -11.73 30.24 23.06
CA LYS D 177 -11.66 30.58 21.64
C LYS D 177 -11.23 32.02 21.34
N GLU D 178 -11.79 32.98 22.07
CA GLU D 178 -11.47 34.39 21.85
C GLU D 178 -10.01 34.71 22.15
N GLU D 179 -9.54 34.27 23.32
CA GLU D 179 -8.16 34.52 23.73
C GLU D 179 -7.19 33.88 22.74
N ASP D 180 -7.57 32.73 22.21
CA ASP D 180 -6.75 32.02 21.25
C ASP D 180 -6.82 32.70 19.88
N ASN D 181 -8.02 33.06 19.44
CA ASN D 181 -8.17 33.70 18.14
C ASN D 181 -7.74 35.15 18.05
N PHE D 182 -7.56 35.82 19.20
CA PHE D 182 -7.15 37.22 19.17
C PHE D 182 -6.07 37.59 20.18
N GLY D 183 -5.51 36.59 20.85
CA GLY D 183 -4.46 36.86 21.81
C GLY D 183 -3.11 37.01 21.13
N GLU D 184 -2.05 37.10 21.94
CA GLU D 184 -0.71 37.25 21.41
C GLU D 184 0.14 35.98 21.48
N ALA D 185 -0.40 34.92 22.07
CA ALA D 185 0.34 33.67 22.20
C ALA D 185 -0.44 32.49 22.77
N ASP D 186 -0.20 31.31 22.22
CA ASP D 186 -0.85 30.09 22.69
C ASP D 186 0.26 29.09 22.97
N MET D 187 0.30 28.52 24.17
CA MET D 187 1.35 27.57 24.50
C MET D 187 0.89 26.32 25.26
N PRO D 188 0.56 25.25 24.52
CA PRO D 188 0.12 23.98 25.14
C PRO D 188 1.25 23.22 25.83
N PHE D 189 0.97 22.70 27.02
CA PHE D 189 1.93 21.93 27.79
C PHE D 189 1.38 20.56 28.16
N ALA D 190 2.25 19.69 28.67
CA ALA D 190 1.85 18.37 29.13
C ALA D 190 2.99 17.85 30.00
N PHE D 191 2.65 17.48 31.23
CA PHE D 191 3.65 16.99 32.17
C PHE D 191 3.39 15.57 32.66
N LEU D 192 4.46 14.94 33.11
CA LEU D 192 4.38 13.62 33.67
C LEU D 192 4.22 13.89 35.16
N ILE D 193 3.12 13.43 35.76
CA ILE D 193 2.92 13.63 37.18
C ILE D 193 2.98 12.28 37.91
N ARG D 194 3.62 12.27 39.07
CA ARG D 194 3.73 11.03 39.84
C ARG D 194 2.90 11.04 41.14
N ASN D 195 3.53 11.33 42.26
CA ASN D 195 2.80 11.34 43.51
C ASN D 195 2.33 12.77 43.76
N GLY D 196 1.61 13.32 42.78
CA GLY D 196 1.13 14.69 42.90
C GLY D 196 2.27 15.69 42.69
N LYS D 197 3.26 15.28 41.91
CA LYS D 197 4.44 16.08 41.63
C LYS D 197 4.76 16.21 40.12
N ILE D 198 4.90 17.44 39.61
CA ILE D 198 5.27 17.61 38.20
C ILE D 198 6.70 17.10 38.06
N GLU D 199 6.87 15.94 37.44
CA GLU D 199 8.18 15.33 37.25
C GLU D 199 9.00 15.91 36.10
N SER D 200 8.35 16.10 34.95
CA SER D 200 9.03 16.66 33.78
C SER D 200 8.02 16.97 32.68
N ILE D 201 8.51 17.58 31.60
CA ILE D 201 7.67 17.97 30.47
C ILE D 201 7.59 16.87 29.42
N ALA D 202 6.39 16.65 28.89
CA ALA D 202 6.18 15.61 27.89
C ALA D 202 5.77 16.21 26.57
N LEU D 203 5.10 17.35 26.61
CA LEU D 203 4.70 18.04 25.40
C LEU D 203 4.92 19.55 25.59
N LEU D 204 5.36 20.23 24.54
CA LEU D 204 5.63 21.66 24.62
C LEU D 204 5.59 22.22 23.22
N GLN D 205 4.77 23.25 23.02
CA GLN D 205 4.64 23.93 21.73
C GLN D 205 4.25 25.38 22.00
N MET D 206 4.74 26.28 21.18
CA MET D 206 4.41 27.68 21.35
C MET D 206 4.31 28.38 20.02
N ASP D 207 3.38 29.32 19.95
CA ASP D 207 3.16 30.13 18.78
C ASP D 207 2.76 31.48 19.31
N GLY D 208 3.36 32.54 18.78
CA GLY D 208 3.01 33.87 19.24
C GLY D 208 4.22 34.77 19.33
N ARG D 209 4.26 35.54 20.41
CA ARG D 209 5.33 36.47 20.63
C ARG D 209 5.40 36.63 22.14
N MET D 210 6.48 36.13 22.74
CA MET D 210 6.63 36.23 24.18
C MET D 210 8.06 36.58 24.49
N THR D 211 8.29 37.03 25.72
CA THR D 211 9.61 37.39 26.15
C THR D 211 10.18 36.19 26.90
N ARG D 212 11.49 36.20 27.11
CA ARG D 212 12.16 35.12 27.81
C ARG D 212 11.56 34.98 29.20
N ASP D 213 11.14 36.11 29.77
CA ASP D 213 10.55 36.11 31.11
C ASP D 213 9.10 35.62 31.12
N GLU D 214 8.34 35.93 30.08
CA GLU D 214 6.95 35.47 30.03
C GLU D 214 6.86 33.95 29.81
N VAL D 215 7.75 33.40 29.00
CA VAL D 215 7.74 31.96 28.77
C VAL D 215 7.86 31.26 30.13
N LYS D 216 8.90 31.60 30.87
CA LYS D 216 9.10 30.96 32.17
C LYS D 216 7.91 31.11 33.12
N GLN D 217 7.17 32.21 32.97
CA GLN D 217 6.01 32.43 33.82
C GLN D 217 4.84 31.55 33.37
N ALA D 218 4.80 31.26 32.07
CA ALA D 218 3.77 30.41 31.51
C ALA D 218 3.92 29.00 32.08
N ILE D 219 5.15 28.50 32.16
CA ILE D 219 5.36 27.17 32.67
C ILE D 219 4.84 26.99 34.09
N GLU D 220 5.09 27.98 34.93
CA GLU D 220 4.61 27.91 36.30
C GLU D 220 3.09 28.01 36.35
N LEU D 221 2.52 28.82 35.45
CA LEU D 221 1.07 28.97 35.41
C LEU D 221 0.50 27.61 35.02
N ALA D 222 1.07 27.03 33.96
CA ALA D 222 0.64 25.74 33.43
C ALA D 222 0.77 24.64 34.48
N LYS D 223 1.86 24.65 35.25
CA LYS D 223 2.08 23.63 36.28
C LYS D 223 1.00 23.61 37.37
N LYS D 224 0.43 24.77 37.68
CA LYS D 224 -0.58 24.85 38.71
C LYS D 224 -1.90 24.26 38.18
N GLY D 225 -2.26 24.65 36.97
CA GLY D 225 -3.49 24.14 36.39
C GLY D 225 -3.37 22.65 36.19
N ALA D 226 -2.16 22.19 35.83
CA ALA D 226 -1.92 20.79 35.60
C ALA D 226 -2.21 19.95 36.83
N LEU D 227 -1.69 20.36 37.97
CA LEU D 227 -1.91 19.61 39.21
C LEU D 227 -3.41 19.55 39.54
N GLN D 228 -4.10 20.65 39.28
CA GLN D 228 -5.53 20.70 39.53
C GLN D 228 -6.21 19.63 38.68
N ILE D 229 -5.91 19.62 37.38
CA ILE D 229 -6.48 18.62 36.48
C ILE D 229 -6.09 17.20 36.86
N TYR D 230 -4.93 17.06 37.49
CA TYR D 230 -4.43 15.77 37.93
C TYR D 230 -5.23 15.12 39.07
N GLU D 231 -5.84 15.94 39.93
CA GLU D 231 -6.66 15.39 41.01
C GLU D 231 -8.02 15.02 40.44
N MET D 232 -8.42 15.71 39.38
CA MET D 232 -9.67 15.41 38.74
C MET D 232 -9.53 14.07 38.03
N GLN D 233 -8.33 13.78 37.54
CA GLN D 233 -8.09 12.51 36.86
C GLN D 233 -8.13 11.37 37.87
N ARG D 234 -7.50 11.57 39.02
CA ARG D 234 -7.48 10.56 40.07
C ARG D 234 -8.88 10.22 40.56
N GLU D 235 -9.61 11.26 40.98
CA GLU D 235 -10.97 11.10 41.49
C GLU D 235 -11.83 10.34 40.48
N ALA D 236 -11.75 10.72 39.21
CA ALA D 236 -12.52 10.06 38.16
C ALA D 236 -12.19 8.56 38.16
N ILE D 237 -10.91 8.26 38.25
CA ILE D 237 -10.45 6.87 38.24
C ILE D 237 -10.85 6.09 39.49
N LEU D 238 -10.45 6.59 40.65
CA LEU D 238 -10.77 5.91 41.90
C LEU D 238 -12.26 5.63 42.02
N ARG D 239 -13.07 6.67 41.85
CA ARG D 239 -14.52 6.56 41.92
C ARG D 239 -15.00 5.36 41.10
N ARG D 240 -14.51 5.29 39.87
CA ARG D 240 -14.87 4.23 38.96
C ARG D 240 -14.44 2.85 39.45
N TYR D 241 -13.27 2.76 40.08
CA TYR D 241 -12.75 1.47 40.53
C TYR D 241 -12.97 1.01 41.98
N ILE D 242 -13.54 1.88 42.82
CA ILE D 242 -13.78 1.55 44.23
C ILE D 242 -14.42 0.18 44.48
N GLU D 243 -15.42 -0.18 43.68
CA GLU D 243 -16.11 -1.44 43.83
C GLU D 243 -15.22 -2.66 43.55
N VAL D 244 -14.65 -2.74 42.36
CA VAL D 244 -13.80 -3.86 41.98
C VAL D 244 -12.61 -4.00 42.92
N GLY D 245 -12.10 -2.86 43.39
CA GLY D 245 -10.96 -2.88 44.28
C GLY D 245 -11.32 -3.65 45.54
N GLU D 246 -12.49 -3.34 46.08
CA GLU D 246 -12.99 -3.99 47.28
C GLU D 246 -13.29 -5.47 47.04
N GLU D 247 -13.73 -5.79 45.83
CA GLU D 247 -14.02 -7.18 45.49
C GLU D 247 -12.73 -7.98 45.52
N MET D 248 -11.66 -7.40 44.97
CA MET D 248 -10.36 -8.07 44.91
C MET D 248 -9.71 -8.21 46.28
N ASP D 249 -9.96 -7.26 47.17
CA ASP D 249 -9.41 -7.31 48.53
C ASP D 249 -10.12 -8.37 49.36
N GLU D 250 -11.33 -8.74 48.96
CA GLU D 250 -12.11 -9.76 49.67
C GLU D 250 -11.76 -11.15 49.16
N ILE D 251 -11.49 -11.24 47.86
CA ILE D 251 -11.13 -12.50 47.23
C ILE D 251 -9.67 -12.81 47.50
N THR D 252 -8.83 -11.82 47.25
CA THR D 252 -7.39 -11.92 47.45
C THR D 252 -7.06 -11.71 48.93
N LYS E 10 -47.35 10.20 -18.47
CA LYS E 10 -47.81 8.86 -18.02
C LYS E 10 -46.86 7.79 -18.55
N LEU E 11 -46.52 6.81 -17.72
CA LEU E 11 -45.60 5.75 -18.11
C LEU E 11 -46.31 4.60 -18.82
N ILE E 12 -47.23 3.94 -18.12
CA ILE E 12 -47.95 2.83 -18.73
C ILE E 12 -49.32 3.33 -19.18
N VAL E 13 -49.45 3.51 -20.50
CA VAL E 13 -50.69 3.98 -21.10
C VAL E 13 -51.30 2.94 -22.02
N ASP E 14 -52.51 2.49 -21.66
CA ASP E 14 -53.22 1.47 -22.43
C ASP E 14 -52.64 0.08 -22.21
N GLY E 15 -52.17 -0.18 -20.99
CA GLY E 15 -51.60 -1.47 -20.69
C GLY E 15 -50.18 -1.65 -21.20
N LEU E 16 -49.75 -0.79 -22.13
CA LEU E 16 -48.41 -0.88 -22.67
C LEU E 16 -47.46 0.15 -22.09
N ARG E 17 -46.16 -0.14 -22.19
CA ARG E 17 -45.11 0.74 -21.67
C ARG E 17 -44.41 1.52 -22.79
N LEU E 18 -43.69 2.57 -22.45
CA LEU E 18 -43.01 3.37 -23.46
C LEU E 18 -42.30 2.60 -24.58
N ASP E 19 -41.42 1.67 -24.22
CA ASP E 19 -40.70 0.91 -25.23
C ASP E 19 -41.66 -0.01 -25.98
N GLY E 20 -42.89 -0.06 -25.51
CA GLY E 20 -43.90 -0.87 -26.18
C GLY E 20 -44.15 -2.27 -25.65
N ARG E 21 -43.56 -2.64 -24.52
CA ARG E 21 -43.78 -3.98 -24.01
C ARG E 21 -44.76 -4.08 -22.85
N LYS E 22 -45.20 -5.30 -22.57
CA LYS E 22 -46.14 -5.54 -21.49
C LYS E 22 -45.41 -5.54 -20.16
N PHE E 23 -46.17 -5.63 -19.09
CA PHE E 23 -45.58 -5.61 -17.76
C PHE E 23 -44.70 -6.81 -17.45
N ASP E 24 -44.98 -7.95 -18.07
CA ASP E 24 -44.19 -9.15 -17.79
C ASP E 24 -43.24 -9.57 -18.90
N GLU E 25 -42.65 -8.60 -19.59
CA GLU E 25 -41.74 -8.91 -20.70
C GLU E 25 -40.34 -8.28 -20.62
N LEU E 26 -39.35 -9.08 -20.98
CA LEU E 26 -37.96 -8.66 -20.98
C LEU E 26 -37.62 -7.87 -22.23
N ARG E 27 -36.52 -7.13 -22.19
CA ARG E 27 -36.07 -6.38 -23.36
C ARG E 27 -35.24 -7.38 -24.20
N PRO E 28 -34.91 -7.02 -25.45
CA PRO E 28 -34.12 -8.01 -26.20
C PRO E 28 -32.81 -8.38 -25.50
N ILE E 29 -32.39 -9.62 -25.69
CA ILE E 29 -31.17 -10.13 -25.07
C ILE E 29 -30.33 -10.95 -26.03
N LYS E 30 -29.01 -10.75 -25.99
CA LYS E 30 -28.09 -11.52 -26.81
C LYS E 30 -26.89 -11.88 -25.98
N ILE E 31 -26.57 -13.16 -25.96
CA ILE E 31 -25.46 -13.69 -25.17
C ILE E 31 -24.45 -14.46 -26.02
N GLU E 32 -23.17 -14.27 -25.74
CA GLU E 32 -22.12 -14.98 -26.47
C GLU E 32 -21.08 -15.51 -25.47
N ALA E 33 -21.06 -16.81 -25.29
CA ALA E 33 -20.12 -17.44 -24.39
C ALA E 33 -18.75 -17.50 -25.06
N SER E 34 -17.68 -17.39 -24.28
CA SER E 34 -16.30 -17.45 -24.78
C SER E 34 -16.02 -16.50 -25.95
N VAL E 35 -15.54 -15.31 -25.66
CA VAL E 35 -15.24 -14.35 -26.72
C VAL E 35 -13.86 -13.77 -26.53
N LEU E 36 -13.28 -13.99 -25.35
CA LEU E 36 -11.96 -13.50 -25.04
C LEU E 36 -10.96 -14.65 -25.05
N LYS E 37 -9.85 -14.44 -25.76
CA LYS E 37 -8.82 -15.47 -25.86
C LYS E 37 -7.93 -15.58 -24.63
N ARG E 38 -7.59 -14.47 -24.01
CA ARG E 38 -6.72 -14.56 -22.86
C ARG E 38 -7.36 -14.67 -21.49
N ALA E 39 -8.69 -14.79 -21.45
CA ALA E 39 -9.39 -14.94 -20.17
C ALA E 39 -9.53 -16.45 -19.91
N ASP E 40 -9.91 -16.83 -18.71
CA ASP E 40 -10.09 -18.25 -18.41
C ASP E 40 -11.52 -18.57 -18.84
N GLY E 41 -12.37 -17.57 -18.73
CA GLY E 41 -13.77 -17.70 -19.12
C GLY E 41 -14.28 -16.31 -19.50
N SER E 42 -15.24 -16.25 -20.42
CA SER E 42 -15.76 -14.94 -20.82
C SER E 42 -17.16 -14.97 -21.41
N CYS E 43 -17.78 -13.80 -21.45
CA CYS E 43 -19.11 -13.65 -21.99
C CYS E 43 -19.48 -12.25 -22.42
N TYR E 44 -20.04 -12.13 -23.61
CA TYR E 44 -20.50 -10.86 -24.14
C TYR E 44 -22.03 -10.88 -24.00
N LEU E 45 -22.58 -9.89 -23.32
CA LEU E 45 -24.02 -9.85 -23.09
C LEU E 45 -24.64 -8.51 -23.44
N GLU E 46 -25.75 -8.56 -24.17
CA GLU E 46 -26.54 -7.39 -24.54
C GLU E 46 -27.92 -7.59 -23.91
N MET E 47 -28.38 -6.61 -23.16
CA MET E 47 -29.68 -6.65 -22.50
C MET E 47 -30.22 -5.25 -22.60
N GLY E 48 -31.06 -5.01 -23.60
CA GLY E 48 -31.59 -3.66 -23.78
C GLY E 48 -30.49 -2.90 -24.48
N LYS E 49 -30.21 -1.67 -24.07
CA LYS E 49 -29.13 -0.92 -24.72
C LYS E 49 -27.82 -1.19 -23.97
N ASN E 50 -27.84 -2.18 -23.10
CA ASN E 50 -26.65 -2.56 -22.37
C ASN E 50 -25.74 -3.43 -23.23
N LYS E 51 -24.47 -3.05 -23.32
CA LYS E 51 -23.45 -3.83 -24.04
C LYS E 51 -22.38 -3.99 -22.96
N VAL E 52 -22.32 -5.18 -22.38
CA VAL E 52 -21.37 -5.48 -21.32
C VAL E 52 -20.58 -6.74 -21.65
N ILE E 53 -19.40 -6.86 -21.07
CA ILE E 53 -18.51 -8.01 -21.28
C ILE E 53 -17.92 -8.50 -19.95
N ALA E 54 -17.90 -9.82 -19.76
CA ALA E 54 -17.38 -10.42 -18.55
C ALA E 54 -16.18 -11.31 -18.81
N ALA E 55 -15.24 -11.28 -17.86
CA ALA E 55 -14.03 -12.09 -17.96
C ALA E 55 -13.75 -12.67 -16.58
N VAL E 56 -13.41 -13.95 -16.54
CA VAL E 56 -13.08 -14.58 -15.27
C VAL E 56 -11.68 -15.18 -15.35
N PHE E 57 -10.93 -15.12 -14.26
CA PHE E 57 -9.61 -15.69 -14.25
C PHE E 57 -9.52 -16.75 -13.17
N GLY E 58 -9.73 -18.00 -13.63
CA GLY E 58 -9.73 -19.21 -12.82
C GLY E 58 -8.87 -19.17 -11.60
N PRO E 59 -9.19 -20.01 -10.61
CA PRO E 59 -8.44 -20.10 -9.35
C PRO E 59 -6.94 -19.86 -9.53
N ARG E 60 -6.50 -18.63 -9.24
CA ARG E 60 -5.10 -18.24 -9.35
C ARG E 60 -4.62 -17.92 -7.95
N GLU E 61 -3.32 -17.72 -7.80
CA GLU E 61 -2.73 -17.41 -6.51
C GLU E 61 -2.90 -15.94 -6.12
N VAL E 62 -3.55 -15.68 -4.99
CA VAL E 62 -3.75 -14.30 -4.53
C VAL E 62 -2.37 -13.82 -4.13
N HIS E 63 -1.90 -12.67 -4.62
CA HIS E 63 -0.54 -12.27 -4.27
C HIS E 63 -0.26 -11.42 -3.04
N PRO E 64 -1.14 -10.46 -2.72
CA PRO E 64 -0.77 -9.72 -1.51
C PRO E 64 -1.02 -10.68 -0.32
N ARG E 65 -0.11 -11.64 -0.21
CA ARG E 65 -0.11 -12.71 0.80
C ARG E 65 -1.01 -12.59 2.04
N HIS E 66 -1.27 -11.39 2.54
CA HIS E 66 -2.12 -11.26 3.73
C HIS E 66 -3.61 -11.45 3.44
N LEU E 67 -3.99 -11.36 2.17
CA LEU E 67 -5.38 -11.53 1.80
C LEU E 67 -5.72 -13.02 1.61
N GLN E 68 -4.68 -13.81 1.46
CA GLN E 68 -4.79 -15.24 1.24
C GLN E 68 -5.58 -15.96 2.34
N ASP E 69 -6.72 -16.58 1.98
CA ASP E 69 -7.53 -17.32 2.95
C ASP E 69 -7.03 -18.77 2.97
N PRO E 70 -6.57 -19.24 4.13
CA PRO E 70 -6.04 -20.60 4.32
C PRO E 70 -6.95 -21.80 4.12
N SER E 71 -8.27 -21.62 4.17
CA SER E 71 -9.16 -22.77 4.00
C SER E 71 -10.11 -22.73 2.81
N LYS E 72 -9.97 -21.72 1.96
CA LYS E 72 -10.83 -21.61 0.79
C LYS E 72 -10.43 -20.45 -0.12
N ALA E 73 -11.04 -20.45 -1.30
CA ALA E 73 -10.78 -19.42 -2.29
C ALA E 73 -11.48 -18.14 -1.89
N ILE E 74 -10.91 -17.00 -2.28
CA ILE E 74 -11.58 -15.74 -1.98
C ILE E 74 -12.12 -15.31 -3.33
N ILE E 75 -13.21 -14.55 -3.31
CA ILE E 75 -13.82 -14.09 -4.54
C ILE E 75 -13.73 -12.58 -4.63
N ARG E 76 -13.35 -12.09 -5.80
CA ARG E 76 -13.22 -10.66 -6.01
C ARG E 76 -14.00 -10.27 -7.25
N TYR E 77 -14.89 -9.29 -7.11
CA TYR E 77 -15.71 -8.87 -8.23
C TYR E 77 -15.57 -7.39 -8.45
N ARG E 78 -15.48 -6.97 -9.71
CA ARG E 78 -15.35 -5.56 -9.99
C ARG E 78 -16.22 -5.11 -11.15
N TYR E 79 -17.17 -4.24 -10.84
CA TYR E 79 -18.10 -3.68 -11.79
C TYR E 79 -17.45 -2.38 -12.23
N ASN E 80 -17.43 -2.11 -13.52
CA ASN E 80 -16.79 -0.88 -14.00
C ASN E 80 -17.44 -0.35 -15.27
N MET E 81 -17.55 0.96 -15.37
CA MET E 81 -18.15 1.60 -16.53
C MET E 81 -17.10 2.36 -17.33
N ALA E 82 -17.02 2.08 -18.64
CA ALA E 82 -16.08 2.77 -19.51
C ALA E 82 -16.50 4.22 -19.52
N PRO E 83 -15.54 5.15 -19.66
CA PRO E 83 -15.97 6.55 -19.66
C PRO E 83 -16.95 6.92 -20.77
N PHE E 84 -16.98 6.12 -21.83
CA PHE E 84 -17.87 6.37 -22.95
C PHE E 84 -19.17 5.54 -22.98
N SER E 85 -19.54 4.95 -21.85
CA SER E 85 -20.76 4.13 -21.80
C SER E 85 -22.01 4.94 -21.36
N VAL E 86 -21.79 6.20 -20.99
CA VAL E 86 -22.91 7.04 -20.56
C VAL E 86 -23.05 8.28 -21.43
N GLU E 87 -24.09 9.08 -21.17
CA GLU E 87 -24.36 10.30 -21.92
C GLU E 87 -23.25 11.33 -21.73
N GLU E 88 -22.84 11.53 -20.48
CA GLU E 88 -21.79 12.47 -20.15
C GLU E 88 -20.55 11.68 -19.74
N ARG E 89 -19.47 11.79 -20.52
CA ARG E 89 -18.22 11.08 -20.25
C ARG E 89 -17.93 10.97 -18.76
N LYS E 90 -17.65 9.76 -18.31
CA LYS E 90 -17.39 9.49 -16.89
C LYS E 90 -15.92 9.43 -16.52
N ARG E 91 -15.55 10.17 -15.48
CA ARG E 91 -14.18 10.18 -14.99
C ARG E 91 -13.85 8.74 -14.57
N PRO E 92 -12.90 8.08 -15.26
CA PRO E 92 -12.49 6.69 -14.95
C PRO E 92 -12.13 6.44 -13.49
N GLY E 93 -12.42 5.23 -13.02
CA GLY E 93 -12.13 4.91 -11.63
C GLY E 93 -13.40 4.59 -10.87
N PRO E 94 -13.29 3.99 -9.67
CA PRO E 94 -14.46 3.63 -8.86
C PRO E 94 -15.10 4.76 -8.05
N ASP E 95 -16.42 4.70 -7.95
CA ASP E 95 -17.18 5.67 -7.18
C ASP E 95 -17.82 4.86 -6.06
N ARG E 96 -18.71 5.48 -5.28
CA ARG E 96 -19.30 4.74 -4.18
C ARG E 96 -20.31 3.68 -4.61
N ARG E 97 -21.08 3.93 -5.65
CA ARG E 97 -22.05 2.92 -6.02
C ARG E 97 -21.42 1.76 -6.78
N SER E 98 -20.30 2.00 -7.45
CA SER E 98 -19.60 0.93 -8.17
C SER E 98 -19.06 -0.02 -7.11
N ILE E 99 -18.58 0.57 -6.02
CA ILE E 99 -18.04 -0.20 -4.92
C ILE E 99 -19.15 -1.05 -4.33
N GLU E 100 -20.34 -0.47 -4.13
CA GLU E 100 -21.43 -1.26 -3.57
C GLU E 100 -21.89 -2.31 -4.56
N ILE E 101 -21.99 -1.96 -5.84
CA ILE E 101 -22.42 -2.95 -6.81
C ILE E 101 -21.43 -4.09 -6.85
N SER E 102 -20.15 -3.77 -6.73
CA SER E 102 -19.14 -4.81 -6.74
C SER E 102 -19.30 -5.73 -5.51
N LYS E 103 -19.53 -5.12 -4.36
CA LYS E 103 -19.67 -5.88 -3.13
C LYS E 103 -20.88 -6.80 -3.12
N VAL E 104 -22.02 -6.28 -3.53
CA VAL E 104 -23.22 -7.09 -3.54
C VAL E 104 -23.12 -8.23 -4.56
N SER E 105 -22.68 -7.93 -5.77
CA SER E 105 -22.53 -8.95 -6.81
C SER E 105 -21.58 -10.05 -6.33
N LYS E 106 -20.48 -9.66 -5.71
CA LYS E 106 -19.49 -10.59 -5.20
C LYS E 106 -20.11 -11.53 -4.16
N GLU E 107 -21.01 -11.00 -3.33
CA GLU E 107 -21.67 -11.83 -2.32
C GLU E 107 -22.61 -12.86 -2.96
N ALA E 108 -23.19 -12.51 -4.10
CA ALA E 108 -24.08 -13.42 -4.80
C ALA E 108 -23.34 -14.64 -5.30
N PHE E 109 -22.12 -14.45 -5.77
CA PHE E 109 -21.35 -15.58 -6.26
C PHE E 109 -20.64 -16.35 -5.17
N GLU E 110 -20.45 -15.71 -4.04
CA GLU E 110 -19.82 -16.36 -2.90
C GLU E 110 -20.73 -17.50 -2.41
N ALA E 111 -22.03 -17.34 -2.63
CA ALA E 111 -23.00 -18.35 -2.21
C ALA E 111 -23.28 -19.44 -3.24
N VAL E 112 -22.55 -19.44 -4.35
CA VAL E 112 -22.79 -20.44 -5.37
C VAL E 112 -21.53 -21.19 -5.80
N ILE E 113 -20.38 -20.52 -5.70
CA ILE E 113 -19.09 -21.11 -6.06
C ILE E 113 -18.59 -21.96 -4.91
N MET E 114 -18.08 -23.14 -5.22
CA MET E 114 -17.57 -24.03 -4.20
C MET E 114 -16.12 -23.64 -3.95
N LYS E 115 -15.96 -22.48 -3.31
CA LYS E 115 -14.66 -21.92 -3.02
C LYS E 115 -13.82 -22.75 -2.05
N GLU E 116 -14.43 -23.76 -1.44
CA GLU E 116 -13.72 -24.59 -0.48
C GLU E 116 -12.74 -25.53 -1.16
N LEU E 117 -12.94 -25.75 -2.46
CA LEU E 117 -12.07 -26.63 -3.23
C LEU E 117 -10.70 -26.02 -3.51
N PHE E 118 -10.64 -24.68 -3.54
CA PHE E 118 -9.39 -23.99 -3.84
C PHE E 118 -8.87 -23.04 -2.75
N PRO E 119 -8.35 -23.60 -1.65
CA PRO E 119 -7.81 -22.77 -0.56
C PRO E 119 -6.59 -21.96 -1.03
N ARG E 120 -6.41 -20.78 -0.45
CA ARG E 120 -5.28 -19.91 -0.79
C ARG E 120 -5.38 -19.31 -2.20
N SER E 121 -6.40 -19.70 -2.95
CA SER E 121 -6.56 -19.20 -4.30
C SER E 121 -7.58 -18.09 -4.43
N ALA E 122 -7.62 -17.46 -5.61
CA ALA E 122 -8.56 -16.38 -5.86
C ALA E 122 -9.20 -16.53 -7.24
N ILE E 123 -10.50 -16.23 -7.30
CA ILE E 123 -11.23 -16.28 -8.55
C ILE E 123 -11.70 -14.86 -8.83
N ASP E 124 -11.07 -14.23 -9.81
CA ASP E 124 -11.38 -12.85 -10.15
C ASP E 124 -12.38 -12.71 -11.28
N ILE E 125 -13.42 -11.94 -11.01
CA ILE E 125 -14.46 -11.72 -12.00
C ILE E 125 -14.47 -10.24 -12.37
N PHE E 126 -14.26 -9.93 -13.64
CA PHE E 126 -14.25 -8.54 -14.10
C PHE E 126 -15.39 -8.33 -15.06
N VAL E 127 -16.13 -7.25 -14.86
CA VAL E 127 -17.22 -6.93 -15.75
C VAL E 127 -17.11 -5.47 -16.16
N GLU E 128 -17.10 -5.23 -17.47
CA GLU E 128 -17.02 -3.87 -17.96
C GLU E 128 -18.24 -3.54 -18.80
N VAL E 129 -18.89 -2.43 -18.49
CA VAL E 129 -20.06 -2.02 -19.25
C VAL E 129 -19.57 -1.05 -20.33
N LEU E 130 -19.61 -1.51 -21.58
CA LEU E 130 -19.16 -0.70 -22.70
C LEU E 130 -20.23 0.32 -23.08
N GLN E 131 -21.49 -0.03 -22.85
CA GLN E 131 -22.61 0.88 -23.10
C GLN E 131 -23.62 0.60 -21.99
N ALA E 132 -24.02 1.66 -21.29
CA ALA E 132 -24.93 1.52 -20.18
C ALA E 132 -26.36 1.96 -20.41
N ASP E 133 -27.28 1.23 -19.77
CA ASP E 133 -28.71 1.53 -19.83
C ASP E 133 -29.22 1.19 -18.45
N ALA E 134 -30.54 1.09 -18.28
CA ALA E 134 -31.07 0.76 -16.97
C ALA E 134 -30.75 -0.71 -16.74
N GLY E 135 -30.61 -1.09 -15.47
CA GLY E 135 -30.32 -2.47 -15.12
C GLY E 135 -28.94 -3.05 -15.41
N SER E 136 -27.96 -2.21 -15.73
CA SER E 136 -26.61 -2.72 -16.04
C SER E 136 -26.14 -3.71 -14.99
N ARG E 137 -26.44 -3.39 -13.74
CA ARG E 137 -26.11 -4.23 -12.59
C ARG E 137 -26.52 -5.67 -12.92
N THR E 138 -27.76 -5.79 -13.34
CA THR E 138 -28.39 -7.05 -13.74
C THR E 138 -27.72 -7.74 -14.93
N ALA E 139 -27.43 -6.96 -15.96
CA ALA E 139 -26.78 -7.45 -17.16
C ALA E 139 -25.41 -8.06 -16.82
N CYS E 140 -24.65 -7.40 -15.97
CA CYS E 140 -23.33 -7.90 -15.59
C CYS E 140 -23.39 -9.26 -14.86
N LEU E 141 -24.34 -9.39 -13.93
CA LEU E 141 -24.47 -10.65 -13.21
C LEU E 141 -24.74 -11.81 -14.17
N ASN E 142 -25.66 -11.61 -15.10
CA ASN E 142 -25.97 -12.65 -16.05
C ASN E 142 -24.71 -12.98 -16.88
N ALA E 143 -23.95 -11.96 -17.25
CA ALA E 143 -22.74 -12.16 -18.03
C ALA E 143 -21.70 -12.95 -17.23
N ALA E 144 -21.46 -12.50 -16.01
CA ALA E 144 -20.49 -13.15 -15.15
C ALA E 144 -20.81 -14.62 -14.94
N SER E 145 -22.08 -14.93 -14.73
CA SER E 145 -22.53 -16.29 -14.51
C SER E 145 -22.12 -17.23 -15.66
N VAL E 146 -22.24 -16.73 -16.90
CA VAL E 146 -21.85 -17.50 -18.06
C VAL E 146 -20.33 -17.65 -18.17
N ALA E 147 -19.62 -16.59 -17.81
CA ALA E 147 -18.16 -16.61 -17.89
C ALA E 147 -17.61 -17.56 -16.86
N LEU E 148 -18.31 -17.72 -15.76
CA LEU E 148 -17.85 -18.64 -14.73
C LEU E 148 -17.97 -20.07 -15.22
N VAL E 149 -19.05 -20.38 -15.92
CA VAL E 149 -19.25 -21.71 -16.44
C VAL E 149 -18.22 -21.97 -17.53
N ASP E 150 -18.02 -20.96 -18.37
CA ASP E 150 -17.08 -21.04 -19.48
C ASP E 150 -15.65 -21.17 -18.98
N ALA E 151 -15.39 -20.69 -17.76
CA ALA E 151 -14.07 -20.75 -17.18
C ALA E 151 -13.84 -22.11 -16.54
N GLY E 152 -14.92 -22.87 -16.41
CA GLY E 152 -14.81 -24.19 -15.81
C GLY E 152 -14.70 -24.25 -14.30
N VAL E 153 -15.21 -23.25 -13.58
CA VAL E 153 -15.13 -23.30 -12.13
C VAL E 153 -16.39 -23.97 -11.59
N PRO E 154 -16.27 -24.71 -10.48
CA PRO E 154 -17.35 -25.44 -9.80
C PRO E 154 -18.41 -24.55 -9.17
N MET E 155 -19.67 -24.85 -9.44
CA MET E 155 -20.77 -24.05 -8.89
C MET E 155 -21.97 -24.92 -8.53
N LYS E 156 -22.79 -24.44 -7.61
CA LYS E 156 -23.99 -25.20 -7.23
C LYS E 156 -24.94 -25.14 -8.39
N GLY E 157 -24.77 -24.12 -9.22
CA GLY E 157 -25.64 -23.95 -10.36
C GLY E 157 -25.51 -22.55 -10.92
N MET E 158 -26.36 -22.23 -11.87
CA MET E 158 -26.34 -20.92 -12.50
C MET E 158 -27.05 -19.82 -11.70
N ILE E 159 -26.59 -18.59 -11.88
CA ILE E 159 -27.20 -17.45 -11.21
C ILE E 159 -27.79 -16.58 -12.28
N THR E 160 -29.05 -16.19 -12.11
CA THR E 160 -29.69 -15.33 -13.11
C THR E 160 -30.27 -14.12 -12.41
N SER E 161 -30.21 -12.97 -13.07
CA SER E 161 -30.68 -11.73 -12.46
C SER E 161 -31.51 -10.87 -13.39
N VAL E 162 -32.46 -10.15 -12.78
CA VAL E 162 -33.35 -9.27 -13.49
C VAL E 162 -33.96 -8.33 -12.43
N ALA E 163 -34.46 -7.18 -12.84
CA ALA E 163 -35.04 -6.29 -11.84
C ALA E 163 -36.52 -5.99 -12.07
N VAL E 164 -37.21 -5.67 -10.99
CA VAL E 164 -38.63 -5.36 -11.05
C VAL E 164 -38.86 -3.93 -10.62
N GLY E 165 -39.40 -3.11 -11.51
CA GLY E 165 -39.68 -1.73 -11.16
C GLY E 165 -41.18 -1.61 -10.87
N LYS E 166 -41.62 -0.41 -10.50
CA LYS E 166 -43.02 -0.17 -10.23
C LYS E 166 -43.40 1.14 -10.88
N ALA E 167 -44.16 1.06 -11.97
CA ALA E 167 -44.59 2.25 -12.70
C ALA E 167 -46.09 2.48 -12.57
N ASP E 168 -46.49 3.73 -12.37
CA ASP E 168 -47.90 4.08 -12.23
C ASP E 168 -48.58 3.07 -11.30
N GLY E 169 -47.95 2.79 -10.16
CA GLY E 169 -48.52 1.86 -9.20
C GLY E 169 -48.59 0.41 -9.64
N GLN E 170 -48.07 0.13 -10.84
CA GLN E 170 -48.08 -1.22 -11.40
C GLN E 170 -46.65 -1.79 -11.46
N LEU E 171 -46.48 -3.07 -11.12
CA LEU E 171 -45.17 -3.70 -11.14
C LEU E 171 -44.79 -4.09 -12.56
N VAL E 172 -43.54 -3.82 -12.94
CA VAL E 172 -43.08 -4.17 -14.28
C VAL E 172 -41.73 -4.86 -14.24
N LEU E 173 -41.52 -5.78 -15.17
CA LEU E 173 -40.29 -6.54 -15.24
C LEU E 173 -39.23 -5.86 -16.10
N ASP E 174 -37.99 -5.86 -15.62
CA ASP E 174 -36.86 -5.29 -16.36
C ASP E 174 -37.07 -3.84 -16.79
N PRO E 175 -37.32 -2.94 -15.84
CA PRO E 175 -37.53 -1.53 -16.18
C PRO E 175 -36.49 -0.88 -17.07
N MET E 176 -36.98 0.03 -17.92
CA MET E 176 -36.15 0.79 -18.84
C MET E 176 -35.74 2.05 -18.09
N LYS E 177 -34.94 2.91 -18.71
CA LYS E 177 -34.47 4.13 -18.07
C LYS E 177 -35.55 5.07 -17.56
N GLU E 178 -36.57 5.29 -18.39
CA GLU E 178 -37.68 6.19 -18.04
C GLU E 178 -38.43 5.67 -16.82
N GLU E 179 -38.58 4.36 -16.70
CA GLU E 179 -39.30 3.79 -15.58
C GLU E 179 -38.44 3.87 -14.33
N ASP E 180 -37.12 3.79 -14.51
CA ASP E 180 -36.21 3.87 -13.38
C ASP E 180 -36.16 5.31 -12.86
N ASN E 181 -36.09 6.26 -13.79
CA ASN E 181 -36.05 7.67 -13.43
C ASN E 181 -37.36 8.28 -12.93
N PHE E 182 -38.51 7.69 -13.28
CA PHE E 182 -39.80 8.27 -12.86
C PHE E 182 -40.78 7.31 -12.18
N GLY E 183 -40.36 6.09 -11.90
CA GLY E 183 -41.26 5.16 -11.24
C GLY E 183 -41.34 5.41 -9.74
N GLU E 184 -41.88 4.45 -9.01
CA GLU E 184 -42.01 4.59 -7.56
C GLU E 184 -41.14 3.56 -6.82
N ALA E 185 -40.46 2.70 -7.58
CA ALA E 185 -39.61 1.65 -7.00
C ALA E 185 -38.81 0.85 -8.02
N ASP E 186 -37.63 0.38 -7.60
CA ASP E 186 -36.74 -0.44 -8.41
C ASP E 186 -36.20 -1.55 -7.50
N MET E 187 -36.45 -2.80 -7.87
CA MET E 187 -36.04 -3.93 -7.05
C MET E 187 -35.30 -5.03 -7.81
N PRO E 188 -33.96 -5.01 -7.78
CA PRO E 188 -33.14 -6.03 -8.47
C PRO E 188 -32.99 -7.33 -7.69
N PHE E 189 -33.11 -8.46 -8.39
CA PHE E 189 -32.99 -9.79 -7.79
C PHE E 189 -31.96 -10.61 -8.56
N ALA E 190 -31.62 -11.76 -7.99
CA ALA E 190 -30.70 -12.70 -8.60
C ALA E 190 -30.96 -14.01 -7.89
N PHE E 191 -31.29 -15.06 -8.63
CA PHE E 191 -31.57 -16.36 -8.02
C PHE E 191 -30.62 -17.47 -8.45
N LEU E 192 -30.53 -18.50 -7.61
CA LEU E 192 -29.75 -19.67 -7.93
C LEU E 192 -30.73 -20.61 -8.62
N ILE E 193 -30.39 -21.09 -9.81
CA ILE E 193 -31.28 -21.96 -10.54
C ILE E 193 -30.58 -23.25 -10.91
N ARG E 194 -31.09 -24.38 -10.41
CA ARG E 194 -30.49 -25.67 -10.70
C ARG E 194 -31.12 -26.39 -11.89
N ASN E 195 -32.08 -27.27 -11.65
CA ASN E 195 -32.69 -27.99 -12.76
C ASN E 195 -33.91 -27.21 -13.22
N GLY E 196 -33.65 -26.07 -13.87
CA GLY E 196 -34.73 -25.24 -14.34
C GLY E 196 -35.62 -24.77 -13.20
N LYS E 197 -35.10 -24.84 -11.98
CA LYS E 197 -35.90 -24.44 -10.82
C LYS E 197 -35.25 -23.37 -9.94
N ILE E 198 -36.00 -22.33 -9.58
CA ILE E 198 -35.47 -21.30 -8.70
C ILE E 198 -35.21 -21.95 -7.34
N GLU E 199 -33.95 -22.00 -6.91
CA GLU E 199 -33.62 -22.64 -5.64
C GLU E 199 -33.71 -21.71 -4.43
N SER E 200 -33.18 -20.50 -4.56
CA SER E 200 -33.19 -19.52 -3.47
C SER E 200 -32.68 -18.19 -4.02
N ILE E 201 -32.69 -17.14 -3.20
CA ILE E 201 -32.21 -15.86 -3.69
C ILE E 201 -30.76 -15.59 -3.29
N ALA E 202 -29.98 -15.07 -4.25
CA ALA E 202 -28.59 -14.74 -4.05
C ALA E 202 -28.39 -13.24 -3.96
N LEU E 203 -29.30 -12.46 -4.54
CA LEU E 203 -29.20 -11.00 -4.47
C LEU E 203 -30.58 -10.39 -4.29
N LEU E 204 -30.69 -9.43 -3.38
CA LEU E 204 -31.96 -8.75 -3.11
C LEU E 204 -31.67 -7.33 -2.65
N GLN E 205 -32.31 -6.38 -3.30
CA GLN E 205 -32.12 -4.96 -3.02
C GLN E 205 -33.42 -4.28 -3.44
N MET E 206 -33.78 -3.21 -2.73
CA MET E 206 -34.99 -2.49 -3.05
C MET E 206 -34.90 -1.02 -2.66
N ASP E 207 -35.47 -0.18 -3.51
CA ASP E 207 -35.52 1.27 -3.31
C ASP E 207 -36.90 1.74 -3.75
N GLY E 208 -37.52 2.57 -2.93
CA GLY E 208 -38.82 3.08 -3.32
C GLY E 208 -39.85 3.06 -2.23
N ARG E 209 -41.10 2.89 -2.63
CA ARG E 209 -42.18 2.84 -1.68
C ARG E 209 -43.11 1.72 -2.13
N MET E 210 -43.07 0.60 -1.41
CA MET E 210 -43.92 -0.53 -1.75
C MET E 210 -44.71 -1.01 -0.55
N THR E 211 -45.82 -1.67 -0.81
CA THR E 211 -46.65 -2.22 0.24
C THR E 211 -46.22 -3.66 0.41
N ARG E 212 -46.37 -4.16 1.64
CA ARG E 212 -45.99 -5.52 1.98
C ARG E 212 -46.47 -6.55 0.94
N ASP E 213 -47.57 -6.27 0.25
CA ASP E 213 -48.05 -7.18 -0.78
C ASP E 213 -47.34 -6.98 -2.12
N GLU E 214 -46.97 -5.74 -2.42
CA GLU E 214 -46.29 -5.47 -3.67
C GLU E 214 -44.92 -6.18 -3.67
N VAL E 215 -44.27 -6.22 -2.51
CA VAL E 215 -42.99 -6.90 -2.38
C VAL E 215 -43.19 -8.36 -2.79
N LYS E 216 -44.13 -9.02 -2.11
CA LYS E 216 -44.44 -10.42 -2.38
C LYS E 216 -44.74 -10.74 -3.83
N GLN E 217 -45.39 -9.82 -4.53
CA GLN E 217 -45.72 -10.07 -5.93
C GLN E 217 -44.48 -9.88 -6.78
N ALA E 218 -43.65 -8.91 -6.40
CA ALA E 218 -42.41 -8.60 -7.13
C ALA E 218 -41.51 -9.83 -7.26
N ILE E 219 -41.40 -10.59 -6.19
CA ILE E 219 -40.60 -11.81 -6.18
C ILE E 219 -41.15 -12.73 -7.27
N GLU E 220 -42.47 -12.84 -7.32
CA GLU E 220 -43.12 -13.68 -8.30
C GLU E 220 -42.83 -13.23 -9.72
N LEU E 221 -42.91 -11.93 -9.95
CA LEU E 221 -42.63 -11.41 -11.27
C LEU E 221 -41.16 -11.67 -11.64
N ALA E 222 -40.27 -11.48 -10.67
CA ALA E 222 -38.84 -11.68 -10.91
C ALA E 222 -38.49 -13.13 -11.23
N LYS E 223 -39.08 -14.07 -10.49
CA LYS E 223 -38.80 -15.46 -10.75
C LYS E 223 -39.20 -15.84 -12.18
N LYS E 224 -40.30 -15.27 -12.65
CA LYS E 224 -40.76 -15.57 -14.00
C LYS E 224 -39.74 -15.14 -15.04
N GLY E 225 -39.26 -13.91 -14.92
CA GLY E 225 -38.27 -13.41 -15.86
C GLY E 225 -36.95 -14.16 -15.79
N ALA E 226 -36.58 -14.63 -14.60
CA ALA E 226 -35.34 -15.36 -14.39
C ALA E 226 -35.25 -16.69 -15.14
N LEU E 227 -36.34 -17.42 -15.18
CA LEU E 227 -36.34 -18.70 -15.89
C LEU E 227 -36.17 -18.44 -17.39
N GLN E 228 -36.83 -17.40 -17.88
CA GLN E 228 -36.72 -17.04 -19.28
C GLN E 228 -35.25 -16.75 -19.64
N ILE E 229 -34.62 -15.87 -18.84
CA ILE E 229 -33.23 -15.50 -19.06
C ILE E 229 -32.33 -16.72 -18.88
N TYR E 230 -32.77 -17.62 -18.01
CA TYR E 230 -32.04 -18.85 -17.74
C TYR E 230 -31.91 -19.72 -19.00
N GLU E 231 -33.00 -19.86 -19.75
CA GLU E 231 -32.96 -20.65 -20.97
C GLU E 231 -32.08 -19.99 -22.04
N MET E 232 -31.99 -18.67 -22.01
CA MET E 232 -31.14 -17.95 -22.96
C MET E 232 -29.68 -18.23 -22.62
N GLN E 233 -29.39 -18.33 -21.32
CA GLN E 233 -28.06 -18.62 -20.84
C GLN E 233 -27.67 -20.03 -21.24
N ARG E 234 -28.64 -20.95 -21.24
CA ARG E 234 -28.35 -22.33 -21.61
C ARG E 234 -28.13 -22.43 -23.13
N GLU E 235 -28.97 -21.74 -23.90
CA GLU E 235 -28.84 -21.75 -25.35
C GLU E 235 -27.46 -21.23 -25.76
N ALA E 236 -27.09 -20.07 -25.25
CA ALA E 236 -25.81 -19.47 -25.56
C ALA E 236 -24.65 -20.42 -25.34
N ILE E 237 -24.61 -21.05 -24.17
CA ILE E 237 -23.54 -21.97 -23.82
C ILE E 237 -23.51 -23.25 -24.64
N LEU E 238 -24.66 -23.92 -24.72
CA LEU E 238 -24.74 -25.16 -25.47
C LEU E 238 -24.35 -24.94 -26.94
N ARG E 239 -24.89 -23.90 -27.55
CA ARG E 239 -24.58 -23.60 -28.94
C ARG E 239 -23.05 -23.63 -29.14
N ARG E 240 -22.36 -22.80 -28.35
CA ARG E 240 -20.92 -22.65 -28.38
C ARG E 240 -20.08 -23.89 -28.10
N TYR E 241 -20.62 -24.83 -27.31
CA TYR E 241 -19.88 -26.05 -26.95
C TYR E 241 -20.15 -27.32 -27.75
N ILE E 242 -20.99 -27.22 -28.77
CA ILE E 242 -21.29 -28.38 -29.58
C ILE E 242 -20.00 -29.00 -30.14
N GLU E 243 -19.16 -28.17 -30.76
CA GLU E 243 -17.92 -28.63 -31.35
C GLU E 243 -16.96 -29.32 -30.37
N VAL E 244 -16.45 -28.61 -29.38
CA VAL E 244 -15.55 -29.24 -28.44
C VAL E 244 -16.18 -30.47 -27.80
N GLY E 245 -17.48 -30.40 -27.57
CA GLY E 245 -18.16 -31.51 -26.95
C GLY E 245 -17.99 -32.73 -27.85
N GLU E 246 -18.29 -32.57 -29.12
CA GLU E 246 -18.16 -33.66 -30.07
C GLU E 246 -16.72 -34.15 -30.10
N GLU E 247 -15.78 -33.21 -30.20
CA GLU E 247 -14.38 -33.58 -30.22
C GLU E 247 -14.06 -34.48 -29.03
N MET E 248 -14.40 -34.03 -27.84
CA MET E 248 -14.12 -34.79 -26.62
C MET E 248 -14.83 -36.13 -26.55
N ASP E 249 -16.05 -36.19 -27.11
CA ASP E 249 -16.82 -37.43 -27.10
C ASP E 249 -16.14 -38.47 -28.00
N GLU E 250 -15.48 -37.99 -29.05
CA GLU E 250 -14.79 -38.88 -29.97
C GLU E 250 -13.51 -39.47 -29.38
N ILE E 251 -12.73 -38.64 -28.71
CA ILE E 251 -11.48 -39.08 -28.10
C ILE E 251 -11.74 -40.02 -26.92
N THR E 252 -12.65 -39.60 -26.04
CA THR E 252 -13.02 -40.35 -24.84
C THR E 252 -14.02 -41.48 -25.09
N LYS F 10 11.35 35.38 -36.59
CA LYS F 10 11.96 34.27 -37.38
C LYS F 10 13.17 33.70 -36.65
N LEU F 11 13.05 32.43 -36.25
CA LEU F 11 14.09 31.73 -35.52
C LEU F 11 15.50 31.82 -36.10
N ILE F 12 15.68 31.43 -37.37
CA ILE F 12 17.00 31.48 -38.01
C ILE F 12 17.15 32.69 -38.94
N VAL F 13 18.16 33.52 -38.69
CA VAL F 13 18.40 34.72 -39.51
C VAL F 13 19.84 34.83 -39.98
N ASP F 14 20.07 34.62 -41.28
CA ASP F 14 21.41 34.71 -41.85
C ASP F 14 22.33 33.66 -41.25
N GLY F 15 21.85 32.43 -41.18
CA GLY F 15 22.63 31.34 -40.63
C GLY F 15 22.78 31.37 -39.11
N LEU F 16 22.04 32.23 -38.43
CA LEU F 16 22.15 32.30 -36.98
C LEU F 16 20.83 32.08 -36.26
N ARG F 17 20.94 31.52 -35.06
CA ARG F 17 19.78 31.26 -34.23
C ARG F 17 19.68 32.40 -33.22
N LEU F 18 18.48 32.58 -32.66
CA LEU F 18 18.25 33.63 -31.68
C LEU F 18 19.41 33.83 -30.70
N ASP F 19 19.70 32.80 -29.89
CA ASP F 19 20.78 32.89 -28.92
C ASP F 19 22.07 33.33 -29.59
N GLY F 20 22.12 33.19 -30.90
CA GLY F 20 23.30 33.59 -31.65
C GLY F 20 24.21 32.52 -32.21
N ARG F 21 23.94 31.24 -31.92
CA ARG F 21 24.83 30.20 -32.42
C ARG F 21 24.46 29.56 -33.75
N LYS F 22 25.39 28.76 -34.27
CA LYS F 22 25.24 28.08 -35.55
C LYS F 22 24.41 26.81 -35.38
N PHE F 23 23.84 26.32 -36.47
CA PHE F 23 23.01 25.13 -36.44
C PHE F 23 23.64 23.94 -35.73
N ASP F 24 24.96 23.80 -35.84
CA ASP F 24 25.65 22.67 -35.23
C ASP F 24 26.44 22.95 -33.95
N GLU F 25 25.94 23.87 -33.12
CA GLU F 25 26.59 24.23 -31.87
C GLU F 25 25.79 23.99 -30.58
N LEU F 26 26.45 23.45 -29.56
CA LEU F 26 25.80 23.19 -28.27
C LEU F 26 25.79 24.46 -27.38
N ARG F 27 24.87 24.53 -26.43
CA ARG F 27 24.80 25.69 -25.53
C ARG F 27 25.92 25.50 -24.51
N PRO F 28 26.22 26.54 -23.70
CA PRO F 28 27.29 26.35 -22.72
C PRO F 28 26.98 25.29 -21.65
N ILE F 29 27.93 24.38 -21.44
CA ILE F 29 27.78 23.29 -20.49
C ILE F 29 28.79 23.34 -19.35
N LYS F 30 28.35 22.96 -18.16
CA LYS F 30 29.21 22.93 -17.00
C LYS F 30 28.88 21.64 -16.25
N ILE F 31 29.90 20.88 -15.87
CA ILE F 31 29.69 19.62 -15.18
C ILE F 31 30.59 19.47 -13.96
N GLU F 32 30.03 18.92 -12.88
CA GLU F 32 30.79 18.70 -11.66
C GLU F 32 30.42 17.41 -10.96
N ALA F 33 31.40 16.54 -10.73
CA ALA F 33 31.16 15.26 -10.09
C ALA F 33 31.43 15.26 -8.59
N SER F 34 30.78 14.33 -7.89
CA SER F 34 30.93 14.15 -6.44
C SER F 34 30.65 15.40 -5.60
N VAL F 35 29.42 15.88 -5.65
CA VAL F 35 29.05 17.09 -4.93
C VAL F 35 28.15 16.86 -3.71
N LEU F 36 27.62 15.65 -3.55
CA LEU F 36 26.76 15.32 -2.43
C LEU F 36 27.47 14.32 -1.50
N LYS F 37 27.43 14.60 -0.21
CA LYS F 37 28.08 13.75 0.77
C LYS F 37 27.32 12.50 1.17
N ARG F 38 26.00 12.57 1.24
CA ARG F 38 25.26 11.39 1.65
C ARG F 38 24.84 10.41 0.55
N ALA F 39 25.15 10.75 -0.69
CA ALA F 39 24.82 9.88 -1.82
C ALA F 39 26.05 9.06 -2.25
N ASP F 40 25.81 7.85 -2.75
CA ASP F 40 26.89 6.98 -3.23
C ASP F 40 27.60 7.59 -4.45
N GLY F 41 26.84 8.34 -5.27
CA GLY F 41 27.38 8.99 -6.45
C GLY F 41 26.59 10.26 -6.75
N SER F 42 27.22 11.27 -7.33
CA SER F 42 26.49 12.50 -7.61
C SER F 42 27.09 13.37 -8.70
N CYS F 43 26.31 14.32 -9.18
CA CYS F 43 26.76 15.23 -10.23
C CYS F 43 25.86 16.46 -10.41
N TYR F 44 26.47 17.62 -10.49
CA TYR F 44 25.74 18.86 -10.73
C TYR F 44 26.01 19.14 -12.21
N LEU F 45 25.00 19.58 -12.94
CA LEU F 45 25.16 19.81 -14.38
C LEU F 45 24.33 21.00 -14.87
N GLU F 46 24.97 21.83 -15.68
CA GLU F 46 24.31 22.99 -16.25
C GLU F 46 24.39 22.86 -17.77
N MET F 47 23.21 22.91 -18.41
CA MET F 47 23.12 22.80 -19.85
C MET F 47 22.23 23.97 -20.28
N GLY F 48 22.87 25.12 -20.53
CA GLY F 48 22.13 26.32 -20.90
C GLY F 48 21.56 26.87 -19.60
N LYS F 49 20.29 27.23 -19.59
CA LYS F 49 19.65 27.73 -18.39
C LYS F 49 19.24 26.57 -17.47
N ASN F 50 19.53 25.34 -17.88
CA ASN F 50 19.22 24.15 -17.09
C ASN F 50 20.20 23.97 -15.94
N LYS F 51 19.69 23.69 -14.75
CA LYS F 51 20.50 23.44 -13.58
C LYS F 51 19.88 22.15 -13.00
N VAL F 52 20.64 21.07 -13.05
CA VAL F 52 20.15 19.78 -12.56
C VAL F 52 21.15 19.13 -11.62
N ILE F 53 20.66 18.26 -10.75
CA ILE F 53 21.52 17.56 -9.83
C ILE F 53 21.05 16.12 -9.71
N ALA F 54 21.98 15.19 -9.94
CA ALA F 54 21.67 13.76 -9.87
C ALA F 54 22.39 13.10 -8.73
N ALA F 55 21.72 12.18 -8.05
CA ALA F 55 22.31 11.43 -6.95
C ALA F 55 22.02 9.96 -7.18
N VAL F 56 22.87 9.08 -6.67
CA VAL F 56 22.67 7.64 -6.83
C VAL F 56 22.92 6.91 -5.52
N PHE F 57 22.09 5.93 -5.21
CA PHE F 57 22.28 5.16 -3.98
C PHE F 57 22.57 3.73 -4.37
N GLY F 58 23.86 3.47 -4.58
CA GLY F 58 24.40 2.19 -5.00
C GLY F 58 23.65 0.97 -4.56
N PRO F 59 23.98 -0.21 -5.12
CA PRO F 59 23.31 -1.46 -4.77
C PRO F 59 22.97 -1.57 -3.27
N ARG F 60 21.69 -1.43 -2.98
CA ARG F 60 21.19 -1.50 -1.61
C ARG F 60 20.11 -2.55 -1.48
N GLU F 61 19.68 -2.83 -0.25
CA GLU F 61 18.64 -3.82 -0.01
C GLU F 61 17.27 -3.28 -0.38
N VAL F 62 16.59 -3.90 -1.33
CA VAL F 62 15.24 -3.46 -1.69
C VAL F 62 14.30 -4.05 -0.63
N HIS F 63 13.89 -3.24 0.33
CA HIS F 63 13.03 -3.72 1.42
C HIS F 63 11.60 -4.13 1.04
N PRO F 64 10.99 -3.39 0.10
CA PRO F 64 9.63 -3.85 -0.22
C PRO F 64 9.80 -5.20 -0.96
N ARG F 65 10.14 -6.22 -0.19
CA ARG F 65 10.37 -7.58 -0.68
C ARG F 65 9.70 -8.13 -1.94
N HIS F 66 8.48 -7.70 -2.25
CA HIS F 66 7.80 -8.22 -3.45
C HIS F 66 8.44 -7.70 -4.74
N LEU F 67 9.11 -6.56 -4.66
CA LEU F 67 9.77 -6.01 -5.83
C LEU F 67 11.25 -6.45 -5.90
N GLN F 68 11.58 -7.53 -5.22
CA GLN F 68 12.95 -8.03 -5.19
C GLN F 68 13.21 -9.14 -6.21
N ASP F 69 14.02 -8.86 -7.23
CA ASP F 69 14.37 -9.83 -8.27
C ASP F 69 15.42 -10.78 -7.69
N PRO F 70 15.24 -12.08 -7.90
CA PRO F 70 16.18 -13.08 -7.37
C PRO F 70 17.46 -13.30 -8.17
N SER F 71 17.48 -12.80 -9.40
CA SER F 71 18.64 -13.00 -10.26
C SER F 71 19.41 -11.75 -10.70
N LYS F 72 18.87 -10.57 -10.46
CA LYS F 72 19.57 -9.35 -10.87
C LYS F 72 19.08 -8.13 -10.12
N ALA F 73 19.75 -7.01 -10.29
CA ALA F 73 19.34 -5.80 -9.61
C ALA F 73 18.26 -5.09 -10.42
N ILE F 74 17.40 -4.33 -9.74
CA ILE F 74 16.35 -3.61 -10.44
C ILE F 74 16.83 -2.18 -10.47
N ILE F 75 16.47 -1.45 -11.52
CA ILE F 75 16.88 -0.06 -11.65
C ILE F 75 15.68 0.87 -11.51
N ARG F 76 15.79 1.86 -10.61
CA ARG F 76 14.73 2.84 -10.41
C ARG F 76 15.30 4.23 -10.69
N TYR F 77 14.59 5.01 -11.49
CA TYR F 77 15.03 6.34 -11.86
C TYR F 77 13.90 7.33 -11.65
N ARG F 78 14.16 8.42 -10.95
CA ARG F 78 13.11 9.39 -10.75
C ARG F 78 13.48 10.79 -11.23
N TYR F 79 12.66 11.31 -12.14
CA TYR F 79 12.83 12.64 -12.71
C TYR F 79 11.86 13.55 -11.98
N ASN F 80 12.33 14.70 -11.52
CA ASN F 80 11.45 15.57 -10.77
C ASN F 80 11.81 17.05 -10.89
N MET F 81 10.79 17.88 -11.05
CA MET F 81 10.99 19.31 -11.15
C MET F 81 10.61 20.00 -9.85
N ALA F 82 11.50 20.88 -9.38
CA ALA F 82 11.27 21.64 -8.15
C ALA F 82 10.16 22.60 -8.48
N PRO F 83 9.28 22.86 -7.51
CA PRO F 83 8.19 23.79 -7.82
C PRO F 83 8.64 25.16 -8.33
N PHE F 84 9.89 25.52 -8.07
CA PHE F 84 10.42 26.82 -8.49
C PHE F 84 11.31 26.83 -9.73
N SER F 85 11.31 25.74 -10.50
CA SER F 85 12.17 25.65 -11.67
C SER F 85 11.54 26.14 -12.97
N VAL F 86 10.28 26.52 -12.91
CA VAL F 86 9.55 26.97 -14.08
C VAL F 86 9.06 28.41 -13.93
N GLU F 87 8.68 29.03 -15.05
CA GLU F 87 8.22 30.41 -15.04
C GLU F 87 7.01 30.54 -14.14
N GLU F 88 6.20 29.50 -14.10
CA GLU F 88 5.00 29.48 -13.29
C GLU F 88 5.06 28.34 -12.29
N ARG F 89 5.08 28.68 -11.00
CA ARG F 89 5.16 27.71 -9.93
C ARG F 89 4.41 26.40 -10.20
N LYS F 90 5.11 25.29 -10.04
CA LYS F 90 4.51 24.00 -10.29
C LYS F 90 4.17 23.27 -8.99
N ARG F 91 3.01 22.63 -9.00
CA ARG F 91 2.52 21.87 -7.86
C ARG F 91 3.44 20.67 -7.71
N PRO F 92 4.01 20.46 -6.52
CA PRO F 92 4.91 19.31 -6.33
C PRO F 92 4.22 17.97 -6.59
N GLY F 93 4.98 16.97 -6.97
CA GLY F 93 4.40 15.67 -7.24
C GLY F 93 4.55 15.27 -8.70
N PRO F 94 4.47 13.97 -9.01
CA PRO F 94 4.61 13.54 -10.40
C PRO F 94 3.41 13.84 -11.26
N ASP F 95 3.65 13.91 -12.56
CA ASP F 95 2.62 14.15 -13.55
C ASP F 95 2.86 13.06 -14.58
N ARG F 96 2.01 12.96 -15.59
CA ARG F 96 2.17 11.93 -16.60
C ARG F 96 3.49 12.10 -17.33
N ARG F 97 3.91 13.35 -17.51
CA ARG F 97 5.16 13.64 -18.19
C ARG F 97 6.35 13.16 -17.35
N SER F 98 6.35 13.52 -16.08
CA SER F 98 7.43 13.11 -15.19
C SER F 98 7.58 11.60 -15.20
N ILE F 99 6.45 10.90 -15.13
CA ILE F 99 6.45 9.46 -15.11
C ILE F 99 7.01 8.87 -16.41
N GLU F 100 6.72 9.49 -17.54
CA GLU F 100 7.23 8.96 -18.79
C GLU F 100 8.73 9.22 -18.93
N ILE F 101 9.18 10.39 -18.50
CA ILE F 101 10.59 10.67 -18.58
C ILE F 101 11.35 9.69 -17.68
N SER F 102 10.86 9.50 -16.46
CA SER F 102 11.50 8.58 -15.54
C SER F 102 11.66 7.18 -16.14
N LYS F 103 10.60 6.72 -16.81
CA LYS F 103 10.59 5.40 -17.44
C LYS F 103 11.61 5.18 -18.56
N VAL F 104 11.61 6.09 -19.53
CA VAL F 104 12.52 6.02 -20.67
C VAL F 104 13.97 6.19 -20.19
N SER F 105 14.19 6.97 -19.14
CA SER F 105 15.54 7.16 -18.60
C SER F 105 15.96 5.91 -17.86
N LYS F 106 15.02 5.32 -17.12
CA LYS F 106 15.29 4.11 -16.38
C LYS F 106 15.75 3.02 -17.36
N GLU F 107 15.11 2.96 -18.51
CA GLU F 107 15.42 1.95 -19.51
C GLU F 107 16.79 2.20 -20.15
N ALA F 108 17.17 3.46 -20.27
CA ALA F 108 18.45 3.79 -20.86
C ALA F 108 19.59 3.22 -20.02
N PHE F 109 19.43 3.16 -18.70
CA PHE F 109 20.52 2.64 -17.90
C PHE F 109 20.43 1.15 -17.66
N GLU F 110 19.24 0.60 -17.86
CA GLU F 110 18.97 -0.82 -17.69
C GLU F 110 19.79 -1.53 -18.75
N ALA F 111 19.89 -0.88 -19.91
CA ALA F 111 20.59 -1.40 -21.07
C ALA F 111 22.10 -1.31 -20.95
N VAL F 112 22.56 -0.54 -19.98
CA VAL F 112 23.99 -0.31 -19.81
C VAL F 112 24.57 -0.80 -18.49
N ILE F 113 23.74 -0.84 -17.45
CA ILE F 113 24.22 -1.30 -16.16
C ILE F 113 24.34 -2.81 -16.14
N MET F 114 25.36 -3.32 -15.45
CA MET F 114 25.55 -4.76 -15.36
C MET F 114 24.81 -5.30 -14.14
N LYS F 115 23.48 -5.27 -14.25
CA LYS F 115 22.55 -5.72 -13.20
C LYS F 115 22.73 -7.15 -12.66
N GLU F 116 23.29 -8.03 -13.47
CA GLU F 116 23.49 -9.40 -13.06
C GLU F 116 24.42 -9.50 -11.86
N LEU F 117 25.22 -8.46 -11.66
CA LEU F 117 26.16 -8.44 -10.54
C LEU F 117 25.55 -8.23 -9.16
N PHE F 118 24.28 -7.83 -9.09
CA PHE F 118 23.65 -7.58 -7.79
C PHE F 118 22.22 -8.09 -7.59
N PRO F 119 22.06 -9.42 -7.44
CA PRO F 119 20.72 -9.98 -7.24
C PRO F 119 20.10 -9.46 -5.94
N ARG F 120 18.77 -9.36 -5.92
CA ARG F 120 18.02 -8.93 -4.75
C ARG F 120 18.25 -7.49 -4.30
N SER F 121 19.08 -6.74 -5.00
CA SER F 121 19.36 -5.37 -4.61
C SER F 121 18.76 -4.36 -5.57
N ALA F 122 18.83 -3.09 -5.20
CA ALA F 122 18.31 -2.03 -6.04
C ALA F 122 19.33 -0.90 -6.22
N ILE F 123 19.25 -0.25 -7.38
CA ILE F 123 20.12 0.89 -7.68
C ILE F 123 19.17 2.03 -8.00
N ASP F 124 18.99 2.94 -7.05
CA ASP F 124 18.07 4.05 -7.24
C ASP F 124 18.75 5.32 -7.74
N ILE F 125 18.20 5.88 -8.81
CA ILE F 125 18.75 7.07 -9.41
C ILE F 125 17.80 8.23 -9.26
N PHE F 126 18.18 9.25 -8.50
CA PHE F 126 17.35 10.43 -8.30
C PHE F 126 17.91 11.65 -9.03
N VAL F 127 17.08 12.27 -9.85
CA VAL F 127 17.49 13.46 -10.59
C VAL F 127 16.49 14.60 -10.38
N GLU F 128 16.98 15.77 -9.96
CA GLU F 128 16.14 16.93 -9.72
C GLU F 128 16.59 18.10 -10.60
N VAL F 129 15.64 18.79 -11.23
CA VAL F 129 16.01 19.93 -12.05
C VAL F 129 15.63 21.15 -11.21
N LEU F 130 16.65 21.93 -10.84
CA LEU F 130 16.48 23.11 -10.01
C LEU F 130 15.95 24.28 -10.83
N GLN F 131 16.35 24.32 -12.09
CA GLN F 131 15.89 25.35 -13.01
C GLN F 131 15.81 24.72 -14.39
N ALA F 132 14.65 24.85 -15.03
CA ALA F 132 14.45 24.24 -16.34
C ALA F 132 14.48 25.16 -17.54
N ASP F 133 14.84 24.57 -18.67
CA ASP F 133 14.86 25.20 -19.98
C ASP F 133 14.69 24.02 -20.92
N ALA F 134 14.85 24.20 -22.22
CA ALA F 134 14.70 23.09 -23.15
C ALA F 134 15.77 22.04 -22.92
N GLY F 135 15.37 20.77 -22.96
CA GLY F 135 16.31 19.67 -22.80
C GLY F 135 16.68 19.15 -21.42
N SER F 136 15.99 19.58 -20.36
CA SER F 136 16.30 19.13 -19.00
C SER F 136 16.41 17.62 -18.95
N ARG F 137 15.52 16.96 -19.68
CA ARG F 137 15.49 15.50 -19.79
C ARG F 137 16.89 15.03 -20.15
N THR F 138 17.45 15.69 -21.16
CA THR F 138 18.78 15.45 -21.70
C THR F 138 19.88 15.85 -20.70
N ALA F 139 19.69 16.99 -20.05
CA ALA F 139 20.64 17.46 -19.07
C ALA F 139 20.78 16.37 -17.99
N CYS F 140 19.63 15.88 -17.52
CA CYS F 140 19.54 14.85 -16.49
C CYS F 140 20.23 13.53 -16.80
N LEU F 141 20.05 13.02 -18.02
CA LEU F 141 20.70 11.77 -18.39
C LEU F 141 22.22 11.91 -18.28
N ASN F 142 22.77 12.99 -18.84
CA ASN F 142 24.22 13.20 -18.78
C ASN F 142 24.70 13.28 -17.34
N ALA F 143 23.89 13.89 -16.46
CA ALA F 143 24.30 13.98 -15.06
C ALA F 143 24.20 12.62 -14.37
N ALA F 144 23.19 11.83 -14.72
CA ALA F 144 23.01 10.51 -14.11
C ALA F 144 24.18 9.61 -14.47
N SER F 145 24.60 9.68 -15.73
CA SER F 145 25.71 8.86 -16.20
C SER F 145 26.95 9.16 -15.37
N VAL F 146 27.30 10.43 -15.26
CA VAL F 146 28.44 10.83 -14.46
C VAL F 146 28.28 10.38 -13.01
N ALA F 147 27.05 10.47 -12.47
CA ALA F 147 26.77 10.07 -11.08
C ALA F 147 26.93 8.58 -10.88
N LEU F 148 26.54 7.80 -11.88
CA LEU F 148 26.66 6.36 -11.79
C LEU F 148 28.13 5.95 -11.80
N VAL F 149 28.93 6.59 -12.65
CA VAL F 149 30.35 6.31 -12.71
C VAL F 149 30.90 6.69 -11.35
N ASP F 150 30.54 7.89 -10.90
CA ASP F 150 30.95 8.42 -9.61
C ASP F 150 30.65 7.50 -8.41
N ALA F 151 29.69 6.58 -8.56
CA ALA F 151 29.34 5.68 -7.46
C ALA F 151 30.03 4.34 -7.64
N GLY F 152 30.65 4.15 -8.79
CA GLY F 152 31.33 2.89 -9.03
C GLY F 152 30.45 1.71 -9.37
N VAL F 153 29.34 1.92 -10.10
CA VAL F 153 28.51 0.77 -10.47
C VAL F 153 28.95 0.35 -11.86
N PRO F 154 29.14 -0.95 -12.06
CA PRO F 154 29.58 -1.52 -13.35
C PRO F 154 28.67 -1.14 -14.51
N MET F 155 29.24 -0.54 -15.55
CA MET F 155 28.47 -0.17 -16.73
C MET F 155 29.23 -0.62 -17.97
N LYS F 156 28.53 -0.75 -19.10
CA LYS F 156 29.18 -1.16 -20.33
C LYS F 156 29.97 0.00 -20.95
N GLY F 157 29.64 1.21 -20.51
CA GLY F 157 30.28 2.40 -21.01
C GLY F 157 29.50 3.60 -20.50
N MET F 158 29.69 4.77 -21.10
CA MET F 158 28.97 5.94 -20.67
C MET F 158 27.81 6.28 -21.55
N ILE F 159 26.85 7.01 -20.98
CA ILE F 159 25.67 7.43 -21.72
C ILE F 159 25.67 8.94 -21.86
N THR F 160 25.56 9.40 -23.11
CA THR F 160 25.54 10.82 -23.41
C THR F 160 24.29 11.14 -24.17
N SER F 161 23.69 12.28 -23.84
CA SER F 161 22.44 12.66 -24.47
C SER F 161 22.32 14.14 -24.84
N VAL F 162 21.68 14.38 -25.97
CA VAL F 162 21.46 15.72 -26.48
C VAL F 162 20.26 15.59 -27.38
N ALA F 163 19.67 16.71 -27.77
CA ALA F 163 18.51 16.68 -28.64
C ALA F 163 18.74 17.47 -29.92
N VAL F 164 18.01 17.11 -30.95
CA VAL F 164 18.12 17.82 -32.22
C VAL F 164 16.74 18.42 -32.46
N GLY F 165 16.71 19.61 -33.01
CA GLY F 165 15.44 20.24 -33.29
C GLY F 165 15.34 20.57 -34.76
N LYS F 166 14.31 21.32 -35.12
CA LYS F 166 14.12 21.72 -36.50
C LYS F 166 13.38 23.04 -36.50
N ALA F 167 14.05 24.08 -36.98
CA ALA F 167 13.48 25.42 -37.05
C ALA F 167 13.69 25.99 -38.45
N ASP F 168 12.68 26.69 -38.95
CA ASP F 168 12.75 27.27 -40.27
C ASP F 168 13.25 26.22 -41.26
N GLY F 169 12.80 24.98 -41.07
CA GLY F 169 13.17 23.90 -41.95
C GLY F 169 14.62 23.47 -41.92
N GLN F 170 15.30 23.76 -40.82
CA GLN F 170 16.72 23.39 -40.72
C GLN F 170 17.01 22.70 -39.39
N LEU F 171 17.70 21.58 -39.46
CA LEU F 171 18.05 20.84 -38.25
C LEU F 171 19.04 21.63 -37.40
N VAL F 172 18.78 21.69 -36.09
CA VAL F 172 19.66 22.40 -35.17
C VAL F 172 19.97 21.53 -33.96
N LEU F 173 21.18 21.68 -33.44
CA LEU F 173 21.66 20.91 -32.30
C LEU F 173 21.32 21.58 -30.96
N ASP F 174 20.88 20.78 -30.00
CA ASP F 174 20.50 21.26 -28.66
C ASP F 174 19.57 22.47 -28.68
N PRO F 175 18.36 22.31 -29.22
CA PRO F 175 17.39 23.40 -29.31
C PRO F 175 17.06 24.10 -27.99
N MET F 176 16.90 25.42 -28.07
CA MET F 176 16.57 26.26 -26.93
C MET F 176 15.05 26.28 -26.82
N LYS F 177 14.55 26.99 -25.81
CA LYS F 177 13.12 27.04 -25.59
C LYS F 177 12.31 27.55 -26.79
N GLU F 178 12.58 28.78 -27.24
CA GLU F 178 11.87 29.33 -28.39
C GLU F 178 11.82 28.35 -29.54
N GLU F 179 12.92 27.62 -29.74
CA GLU F 179 13.00 26.65 -30.83
C GLU F 179 12.12 25.43 -30.60
N ASP F 180 12.03 24.99 -29.36
CA ASP F 180 11.20 23.82 -29.06
C ASP F 180 9.72 24.21 -29.11
N ASN F 181 9.43 25.47 -28.78
CA ASN F 181 8.06 25.96 -28.77
C ASN F 181 7.53 26.38 -30.13
N PHE F 182 8.39 26.63 -31.10
CA PHE F 182 7.90 27.03 -32.41
C PHE F 182 8.50 26.26 -33.56
N GLY F 183 9.44 25.40 -33.25
CA GLY F 183 10.07 24.62 -34.30
C GLY F 183 9.10 23.62 -34.89
N GLU F 184 9.62 22.78 -35.77
CA GLU F 184 8.80 21.77 -36.41
C GLU F 184 9.04 20.37 -35.86
N ALA F 185 10.05 20.24 -34.99
CA ALA F 185 10.36 18.93 -34.41
C ALA F 185 11.38 18.99 -33.27
N ASP F 186 11.26 18.05 -32.34
CA ASP F 186 12.18 17.92 -31.21
C ASP F 186 12.49 16.45 -31.12
N MET F 187 13.76 16.10 -31.10
CA MET F 187 14.15 14.70 -31.06
C MET F 187 15.31 14.41 -30.11
N PRO F 188 15.01 14.08 -28.85
CA PRO F 188 16.07 13.78 -27.89
C PRO F 188 16.68 12.42 -28.12
N PHE F 189 18.01 12.32 -28.06
CA PHE F 189 18.75 11.06 -28.25
C PHE F 189 19.64 10.77 -27.06
N ALA F 190 20.04 9.50 -26.93
CA ALA F 190 20.98 9.06 -25.90
C ALA F 190 21.78 7.94 -26.53
N PHE F 191 23.11 8.07 -26.47
CA PHE F 191 23.99 7.06 -27.03
C PHE F 191 24.89 6.39 -26.01
N LEU F 192 25.22 5.14 -26.27
CA LEU F 192 26.17 4.42 -25.44
C LEU F 192 27.50 4.74 -26.12
N ILE F 193 28.47 5.25 -25.38
CA ILE F 193 29.75 5.56 -25.97
C ILE F 193 30.89 4.76 -25.35
N ARG F 194 31.63 4.04 -26.21
CA ARG F 194 32.77 3.26 -25.76
C ARG F 194 34.05 3.76 -26.40
N ASN F 195 35.05 4.06 -25.57
CA ASN F 195 36.34 4.55 -26.02
C ASN F 195 36.25 5.63 -27.11
N GLY F 196 35.45 6.66 -26.85
CA GLY F 196 35.30 7.75 -27.80
C GLY F 196 34.55 7.46 -29.09
N LYS F 197 33.84 6.34 -29.14
CA LYS F 197 33.08 6.00 -30.35
C LYS F 197 31.61 5.70 -30.00
N ILE F 198 30.69 6.10 -30.85
CA ILE F 198 29.28 5.83 -30.61
C ILE F 198 29.02 4.37 -30.92
N GLU F 199 28.61 3.59 -29.91
CA GLU F 199 28.34 2.16 -30.09
C GLU F 199 26.92 1.87 -30.59
N SER F 200 25.94 2.34 -29.84
CA SER F 200 24.56 2.12 -30.16
C SER F 200 23.70 3.16 -29.45
N ILE F 201 22.39 3.17 -29.73
CA ILE F 201 21.52 4.15 -29.08
C ILE F 201 20.81 3.53 -27.87
N ALA F 202 20.69 4.32 -26.80
CA ALA F 202 20.05 3.84 -25.58
C ALA F 202 18.69 4.50 -25.38
N LEU F 203 18.49 5.65 -26.02
CA LEU F 203 17.23 6.39 -25.92
C LEU F 203 16.94 7.12 -27.23
N LEU F 204 15.74 6.97 -27.74
CA LEU F 204 15.32 7.61 -28.98
C LEU F 204 13.83 7.95 -28.88
N GLN F 205 13.52 9.24 -28.96
CA GLN F 205 12.15 9.72 -28.92
C GLN F 205 12.04 10.83 -29.94
N MET F 206 10.84 11.04 -30.48
CA MET F 206 10.65 12.10 -31.45
C MET F 206 9.20 12.52 -31.62
N ASP F 207 9.00 13.83 -31.65
CA ASP F 207 7.70 14.46 -31.85
C ASP F 207 7.91 15.53 -32.90
N GLY F 208 7.04 15.57 -33.90
CA GLY F 208 7.18 16.59 -34.90
C GLY F 208 6.74 16.14 -36.28
N ARG F 209 7.47 16.61 -37.28
CA ARG F 209 7.20 16.28 -38.66
C ARG F 209 8.58 16.33 -39.31
N MET F 210 9.04 15.19 -39.80
CA MET F 210 10.35 15.12 -40.43
C MET F 210 10.30 14.17 -41.60
N THR F 211 11.23 14.33 -42.53
CA THR F 211 11.27 13.43 -43.65
C THR F 211 12.24 12.32 -43.28
N ARG F 212 12.12 11.18 -43.95
CA ARG F 212 12.98 10.03 -43.73
C ARG F 212 14.43 10.54 -43.77
N ASP F 213 14.70 11.43 -44.73
CA ASP F 213 16.03 12.00 -44.92
C ASP F 213 16.48 12.95 -43.79
N GLU F 214 15.56 13.68 -43.20
CA GLU F 214 15.89 14.57 -42.10
C GLU F 214 16.15 13.80 -40.80
N VAL F 215 15.53 12.64 -40.67
CA VAL F 215 15.73 11.83 -39.47
C VAL F 215 17.17 11.29 -39.45
N LYS F 216 17.63 10.80 -40.60
CA LYS F 216 18.99 10.28 -40.69
C LYS F 216 20.02 11.37 -40.42
N GLN F 217 19.81 12.53 -41.03
CA GLN F 217 20.70 13.66 -40.82
C GLN F 217 20.75 14.00 -39.33
N ALA F 218 19.57 14.00 -38.70
CA ALA F 218 19.43 14.30 -37.28
C ALA F 218 20.29 13.37 -36.42
N ILE F 219 20.34 12.09 -36.79
CA ILE F 219 21.14 11.11 -36.06
C ILE F 219 22.62 11.52 -36.19
N GLU F 220 22.99 11.98 -37.37
CA GLU F 220 24.36 12.41 -37.60
C GLU F 220 24.69 13.68 -36.82
N LEU F 221 23.78 14.65 -36.85
CA LEU F 221 23.99 15.90 -36.14
C LEU F 221 24.08 15.55 -34.64
N ALA F 222 23.20 14.67 -34.21
CA ALA F 222 23.15 14.24 -32.81
C ALA F 222 24.45 13.56 -32.37
N LYS F 223 24.92 12.62 -33.17
CA LYS F 223 26.17 11.92 -32.88
C LYS F 223 27.33 12.90 -32.70
N LYS F 224 27.36 13.94 -33.53
CA LYS F 224 28.42 14.94 -33.44
C LYS F 224 28.37 15.71 -32.13
N GLY F 225 27.16 16.03 -31.68
CA GLY F 225 27.04 16.75 -30.42
C GLY F 225 27.32 15.82 -29.23
N ALA F 226 26.88 14.57 -29.34
CA ALA F 226 27.09 13.61 -28.27
C ALA F 226 28.58 13.44 -27.96
N LEU F 227 29.40 13.22 -28.98
CA LEU F 227 30.83 13.07 -28.73
C LEU F 227 31.41 14.28 -28.01
N GLN F 228 30.98 15.49 -28.40
CA GLN F 228 31.48 16.72 -27.76
C GLN F 228 31.15 16.70 -26.26
N ILE F 229 29.91 16.35 -25.93
CA ILE F 229 29.48 16.30 -24.55
C ILE F 229 30.23 15.17 -23.85
N TYR F 230 30.53 14.11 -24.59
CA TYR F 230 31.27 12.97 -24.05
C TYR F 230 32.66 13.38 -23.52
N GLU F 231 33.32 14.28 -24.23
CA GLU F 231 34.64 14.72 -23.79
C GLU F 231 34.53 15.62 -22.55
N MET F 232 33.39 16.29 -22.39
CA MET F 232 33.21 17.13 -21.22
C MET F 232 32.90 16.26 -20.02
N GLN F 233 32.27 15.12 -20.25
CA GLN F 233 31.95 14.18 -19.17
C GLN F 233 33.25 13.56 -18.64
N ARG F 234 34.16 13.23 -19.55
CA ARG F 234 35.44 12.65 -19.19
C ARG F 234 36.25 13.65 -18.39
N GLU F 235 36.35 14.87 -18.90
CA GLU F 235 37.11 15.90 -18.23
C GLU F 235 36.62 16.14 -16.83
N ALA F 236 35.30 16.19 -16.65
CA ALA F 236 34.70 16.41 -15.34
C ALA F 236 35.07 15.29 -14.36
N ILE F 237 34.99 14.05 -14.81
CA ILE F 237 35.30 12.91 -13.97
C ILE F 237 36.77 12.82 -13.61
N LEU F 238 37.63 12.84 -14.62
CA LEU F 238 39.07 12.73 -14.42
C LEU F 238 39.56 13.85 -13.53
N ARG F 239 39.17 15.07 -13.85
CA ARG F 239 39.55 16.25 -13.08
C ARG F 239 39.31 15.96 -11.62
N ARG F 240 38.11 15.51 -11.33
CA ARG F 240 37.68 15.19 -9.99
C ARG F 240 38.35 13.98 -9.36
N TYR F 241 38.88 13.07 -10.17
CA TYR F 241 39.52 11.87 -9.65
C TYR F 241 41.03 11.77 -9.70
N ILE F 242 41.70 12.74 -10.31
CA ILE F 242 43.15 12.68 -10.40
C ILE F 242 43.81 12.44 -9.04
N GLU F 243 43.35 13.14 -8.02
CA GLU F 243 43.92 13.01 -6.69
C GLU F 243 43.79 11.63 -6.04
N VAL F 244 42.58 11.08 -5.93
CA VAL F 244 42.45 9.76 -5.32
C VAL F 244 43.15 8.70 -6.15
N GLY F 245 43.16 8.88 -7.46
CA GLY F 245 43.83 7.93 -8.33
C GLY F 245 45.29 7.83 -7.94
N GLU F 246 45.91 8.99 -7.74
CA GLU F 246 47.32 9.05 -7.37
C GLU F 246 47.51 8.41 -6.01
N GLU F 247 46.62 8.73 -5.08
CA GLU F 247 46.71 8.17 -3.76
C GLU F 247 46.66 6.65 -3.84
N MET F 248 45.70 6.13 -4.59
CA MET F 248 45.58 4.69 -4.70
C MET F 248 46.84 4.12 -5.34
N ASP F 249 47.31 4.80 -6.38
CA ASP F 249 48.52 4.36 -7.07
C ASP F 249 49.70 4.32 -6.11
N GLU F 250 49.81 5.32 -5.25
CA GLU F 250 50.88 5.35 -4.27
C GLU F 250 50.75 4.18 -3.29
N ILE F 251 49.56 4.02 -2.69
CA ILE F 251 49.31 2.96 -1.73
C ILE F 251 49.48 1.57 -2.32
N THR F 252 48.94 1.36 -3.51
CA THR F 252 49.01 0.08 -4.18
C THR F 252 50.31 -0.12 -4.95
N GLU G 3 21.72 -1.15 8.17
CA GLU G 3 22.49 -0.02 8.74
C GLU G 3 22.28 0.07 10.24
N ASP G 4 21.25 -0.63 10.71
CA ASP G 4 20.87 -0.68 12.13
C ASP G 4 22.07 -0.58 13.07
N ILE G 5 23.07 -1.42 12.83
CA ILE G 5 24.29 -1.43 13.65
C ILE G 5 25.26 -0.32 13.26
N LEU G 6 25.40 -0.08 11.96
CA LEU G 6 26.30 0.96 11.46
C LEU G 6 25.98 2.31 12.07
N VAL G 7 24.71 2.51 12.38
CA VAL G 7 24.27 3.74 13.01
C VAL G 7 24.42 3.48 14.50
N ASP G 8 24.36 2.21 14.88
CA ASP G 8 24.53 1.81 16.29
C ASP G 8 26.00 1.97 16.68
N ILE G 9 26.88 1.61 15.74
CA ILE G 9 28.32 1.71 15.95
C ILE G 9 28.66 3.16 16.21
N LYS G 10 28.29 4.02 15.25
CA LYS G 10 28.53 5.45 15.33
C LYS G 10 27.77 6.06 16.50
N ARG G 11 26.59 5.52 16.78
CA ARG G 11 25.76 5.99 17.87
C ARG G 11 26.55 5.78 19.16
N ASP G 12 27.10 4.57 19.30
CA ASP G 12 27.89 4.23 20.49
C ASP G 12 29.12 5.15 20.57
N TYR G 13 29.62 5.56 19.42
CA TYR G 13 30.77 6.45 19.39
C TYR G 13 30.35 7.80 19.96
N VAL G 14 29.26 8.34 19.44
CA VAL G 14 28.74 9.63 19.90
C VAL G 14 28.43 9.63 21.39
N LEU G 15 27.72 8.61 21.85
CA LEU G 15 27.35 8.47 23.26
C LEU G 15 28.59 8.37 24.11
N SER G 16 29.52 7.55 23.64
CA SER G 16 30.80 7.33 24.30
C SER G 16 31.54 8.65 24.54
N LYS G 17 31.43 9.57 23.60
CA LYS G 17 32.09 10.85 23.70
C LYS G 17 31.24 11.86 24.48
N LEU G 18 29.94 11.61 24.54
CA LEU G 18 29.06 12.50 25.26
C LEU G 18 29.36 12.30 26.74
N ARG G 19 29.61 11.03 27.09
CA ARG G 19 29.91 10.64 28.45
C ARG G 19 31.15 11.38 28.97
N ASP G 20 32.10 11.66 28.08
CA ASP G 20 33.31 12.36 28.47
C ASP G 20 33.17 13.87 28.27
N ASN G 21 31.94 14.29 27.97
CA ASN G 21 31.64 15.71 27.78
C ASN G 21 32.22 16.32 26.51
N GLU G 22 32.28 15.56 25.42
CA GLU G 22 32.83 16.08 24.17
C GLU G 22 31.98 15.67 22.96
N ARG G 23 32.04 16.48 21.90
CA ARG G 23 31.31 16.19 20.66
C ARG G 23 32.33 15.57 19.71
N ILE G 24 31.87 14.74 18.78
CA ILE G 24 32.80 14.06 17.88
C ILE G 24 33.55 14.92 16.87
N ASP G 25 33.24 16.21 16.78
CA ASP G 25 33.97 17.07 15.85
C ASP G 25 34.64 18.20 16.62
N GLY G 26 34.68 18.04 17.94
CA GLY G 26 35.31 19.02 18.79
C GLY G 26 34.55 20.31 18.99
N ARG G 27 33.30 20.36 18.56
CA ARG G 27 32.50 21.57 18.71
C ARG G 27 32.04 21.71 20.14
N GLY G 28 31.72 22.94 20.53
CA GLY G 28 31.22 23.18 21.86
C GLY G 28 29.74 22.82 21.84
N PHE G 29 29.17 22.52 22.99
CA PHE G 29 27.76 22.16 23.05
C PHE G 29 26.78 23.24 22.59
N ASP G 30 27.28 24.45 22.40
CA ASP G 30 26.42 25.56 21.97
C ASP G 30 26.84 26.25 20.68
N GLU G 31 27.67 25.59 19.85
CA GLU G 31 28.12 26.25 18.63
C GLU G 31 27.65 25.63 17.30
N PHE G 32 27.19 26.49 16.40
CA PHE G 32 26.73 26.06 15.08
C PHE G 32 27.93 25.80 14.18
N ARG G 33 27.74 24.94 13.18
CA ARG G 33 28.82 24.68 12.22
C ARG G 33 28.85 25.89 11.31
N LYS G 34 29.80 25.92 10.39
CA LYS G 34 29.93 27.04 9.47
C LYS G 34 28.67 27.23 8.64
N VAL G 35 28.31 28.49 8.40
CA VAL G 35 27.13 28.80 7.62
C VAL G 35 27.46 29.62 6.40
N GLU G 36 26.86 29.25 5.28
CA GLU G 36 27.08 29.95 4.03
C GLU G 36 25.69 30.20 3.43
N ILE G 37 25.45 31.45 3.04
CA ILE G 37 24.18 31.87 2.47
C ILE G 37 24.43 32.51 1.11
N ILE G 38 23.97 31.86 0.05
CA ILE G 38 24.15 32.36 -1.32
C ILE G 38 22.79 32.66 -1.95
N PRO G 39 22.52 33.95 -2.23
CA PRO G 39 21.24 34.30 -2.85
C PRO G 39 21.28 34.38 -4.39
N ASN G 40 20.11 34.31 -5.02
CA ASN G 40 19.94 34.38 -6.48
C ASN G 40 20.45 33.19 -7.29
N VAL G 41 20.45 32.01 -6.69
CA VAL G 41 20.94 30.81 -7.38
C VAL G 41 19.95 30.26 -8.41
N ILE G 42 18.71 30.72 -8.35
CA ILE G 42 17.67 30.29 -9.30
C ILE G 42 17.11 31.56 -9.93
N GLU G 43 17.72 32.01 -11.01
CA GLU G 43 17.30 33.24 -11.67
C GLU G 43 15.82 33.26 -12.11
N LYS G 44 15.27 32.11 -12.49
CA LYS G 44 13.86 32.09 -12.91
C LYS G 44 12.88 32.25 -11.75
N ALA G 45 13.36 32.14 -10.52
CA ALA G 45 12.50 32.31 -9.37
C ALA G 45 12.42 33.78 -9.02
N GLU G 46 11.39 34.17 -8.27
CA GLU G 46 11.24 35.55 -7.85
C GLU G 46 12.25 35.80 -6.73
N GLY G 47 12.59 34.72 -6.03
CA GLY G 47 13.52 34.78 -4.92
C GLY G 47 14.11 33.39 -4.69
N SER G 48 15.33 33.32 -4.16
CA SER G 48 15.97 32.02 -3.94
C SER G 48 17.20 32.17 -3.08
N ALA G 49 17.59 31.08 -2.42
CA ALA G 49 18.76 31.09 -1.57
C ALA G 49 19.26 29.67 -1.28
N LEU G 50 20.58 29.49 -1.38
CA LEU G 50 21.18 28.20 -1.07
C LEU G 50 21.85 28.39 0.27
N VAL G 51 21.60 27.49 1.21
CA VAL G 51 22.25 27.60 2.51
C VAL G 51 23.03 26.33 2.82
N LYS G 52 24.25 26.52 3.30
CA LYS G 52 25.11 25.39 3.67
C LYS G 52 25.38 25.53 5.14
N LEU G 53 25.06 24.48 5.88
CA LEU G 53 25.26 24.42 7.31
C LEU G 53 26.14 23.19 7.44
N GLY G 54 27.44 23.43 7.54
CA GLY G 54 28.35 22.31 7.59
C GLY G 54 28.23 21.72 6.20
N ASP G 55 27.99 20.41 6.10
CA ASP G 55 27.84 19.75 4.80
C ASP G 55 26.36 19.61 4.45
N THR G 56 25.50 20.21 5.25
CA THR G 56 24.07 20.15 4.97
C THR G 56 23.76 21.26 3.97
N GLN G 57 22.97 20.94 2.96
CA GLN G 57 22.61 21.91 1.94
C GLN G 57 21.14 21.94 1.63
N VAL G 58 20.61 23.14 1.42
CA VAL G 58 19.20 23.34 1.12
C VAL G 58 19.02 24.54 0.21
N VAL G 59 18.00 24.47 -0.64
CA VAL G 59 17.67 25.55 -1.56
C VAL G 59 16.20 25.88 -1.33
N VAL G 60 15.89 27.16 -1.26
CA VAL G 60 14.53 27.60 -1.09
C VAL G 60 14.21 28.49 -2.28
N GLY G 61 13.05 28.24 -2.89
CA GLY G 61 12.64 29.03 -4.03
C GLY G 61 11.36 29.74 -3.68
N VAL G 62 11.26 31.00 -4.10
CA VAL G 62 10.08 31.79 -3.84
C VAL G 62 9.46 32.17 -5.18
N LYS G 63 8.22 31.72 -5.39
CA LYS G 63 7.49 32.04 -6.62
C LYS G 63 6.31 32.89 -6.18
N MET G 64 6.04 33.97 -6.91
CA MET G 64 4.94 34.88 -6.62
C MET G 64 3.97 35.06 -7.77
N GLN G 65 2.68 35.15 -7.43
CA GLN G 65 1.62 35.33 -8.45
C GLN G 65 0.32 35.79 -7.82
N PRO G 66 -0.47 36.60 -8.56
CA PRO G 66 -1.74 37.09 -8.02
C PRO G 66 -2.78 35.97 -7.88
N GLY G 67 -3.61 36.07 -6.86
CA GLY G 67 -4.63 35.07 -6.62
C GLY G 67 -5.64 35.56 -5.60
N GLU G 68 -6.73 34.81 -5.43
CA GLU G 68 -7.78 35.18 -4.47
C GLU G 68 -7.42 34.80 -3.05
N PRO G 69 -7.67 35.73 -2.09
CA PRO G 69 -7.39 35.56 -0.66
C PRO G 69 -8.37 34.66 0.07
N TYR G 70 -8.07 34.41 1.34
CA TYR G 70 -8.91 33.59 2.18
C TYR G 70 -10.15 34.38 2.61
N PRO G 71 -11.34 33.82 2.38
CA PRO G 71 -12.59 34.49 2.74
C PRO G 71 -12.55 35.21 4.09
N ASP G 72 -11.93 34.59 5.09
CA ASP G 72 -11.84 35.21 6.41
C ASP G 72 -10.82 36.33 6.50
N THR G 73 -10.13 36.65 5.41
CA THR G 73 -9.11 37.70 5.42
C THR G 73 -8.92 38.39 4.07
N PRO G 74 -9.93 39.13 3.58
CA PRO G 74 -9.78 39.80 2.28
C PRO G 74 -8.77 40.95 2.27
N ASP G 75 -8.08 41.21 3.38
CA ASP G 75 -7.11 42.29 3.39
C ASP G 75 -5.67 41.85 3.65
N ARG G 76 -5.39 40.56 3.46
CA ARG G 76 -4.05 40.04 3.68
C ARG G 76 -3.61 39.11 2.56
N GLY G 77 -2.33 39.20 2.21
CA GLY G 77 -1.78 38.35 1.17
C GLY G 77 -1.61 36.95 1.73
N VAL G 78 -1.23 36.00 0.89
CA VAL G 78 -1.08 34.62 1.35
C VAL G 78 0.34 34.08 1.23
N ILE G 79 0.77 33.36 2.26
CA ILE G 79 2.10 32.74 2.29
C ILE G 79 1.96 31.23 2.54
N ILE G 80 2.36 30.41 1.57
CA ILE G 80 2.27 28.96 1.74
C ILE G 80 3.65 28.33 1.68
N VAL G 81 4.03 27.62 2.74
CA VAL G 81 5.34 26.99 2.83
C VAL G 81 5.24 25.48 2.68
N ASN G 82 6.11 24.93 1.85
CA ASN G 82 6.16 23.49 1.63
C ASN G 82 7.60 22.99 1.53
N ALA G 83 7.80 21.74 1.89
CA ALA G 83 9.13 21.16 1.85
C ALA G 83 9.21 19.85 1.09
N GLU G 84 10.34 19.63 0.44
CA GLU G 84 10.56 18.38 -0.26
C GLU G 84 11.85 17.80 0.30
N LEU G 85 11.73 16.90 1.27
CA LEU G 85 12.88 16.23 1.84
C LEU G 85 13.04 15.02 0.94
N VAL G 86 13.32 15.31 -0.32
CA VAL G 86 13.51 14.30 -1.35
C VAL G 86 14.54 13.26 -0.93
N PRO G 87 14.51 12.09 -1.58
CA PRO G 87 15.47 11.04 -1.24
C PRO G 87 16.95 11.32 -1.54
N LEU G 88 17.29 12.48 -2.07
CA LEU G 88 18.70 12.76 -2.33
C LEU G 88 19.40 13.33 -1.09
N ALA G 89 20.46 12.63 -0.70
CA ALA G 89 21.26 12.98 0.47
C ALA G 89 20.63 12.53 1.79
N SER G 90 20.08 11.32 1.79
CA SER G 90 19.43 10.70 2.95
C SER G 90 18.62 9.51 2.43
N PRO G 91 19.26 8.33 2.35
CA PRO G 91 18.61 7.11 1.86
C PRO G 91 17.45 6.67 2.73
N THR G 92 17.13 7.47 3.75
CA THR G 92 16.04 7.17 4.65
C THR G 92 14.75 7.81 4.13
N PHE G 93 14.90 8.82 3.29
CA PHE G 93 13.75 9.51 2.71
C PHE G 93 13.15 8.66 1.60
N GLU G 94 11.82 8.59 1.56
CA GLU G 94 11.13 7.80 0.55
C GLU G 94 10.31 8.69 -0.38
N PRO G 95 10.28 8.35 -1.68
CA PRO G 95 9.54 9.11 -2.68
C PRO G 95 8.03 8.82 -2.65
N PRO G 98 4.30 13.35 0.91
CA PRO G 98 5.09 14.03 1.95
C PRO G 98 5.17 13.26 3.25
N ASP G 99 6.38 13.20 3.80
CA ASP G 99 6.62 12.51 5.05
C ASP G 99 5.85 13.23 6.16
N GLU G 100 5.76 12.55 7.30
CA GLU G 100 5.13 13.08 8.50
C GLU G 100 6.13 14.13 8.99
N ASN G 101 7.36 14.03 8.48
CA ASN G 101 8.45 14.92 8.86
C ASN G 101 8.59 16.15 7.97
N SER G 102 8.29 16.00 6.69
CA SER G 102 8.36 17.15 5.79
C SER G 102 7.34 18.16 6.30
N ILE G 103 6.15 17.67 6.62
CA ILE G 103 5.08 18.51 7.12
C ILE G 103 5.56 19.31 8.31
N GLU G 104 6.07 18.61 9.32
CA GLU G 104 6.54 19.28 10.51
C GLU G 104 7.72 20.21 10.22
N LEU G 105 8.50 19.91 9.19
CA LEU G 105 9.64 20.79 8.86
C LEU G 105 9.13 22.07 8.24
N ALA G 106 8.18 21.94 7.32
CA ALA G 106 7.59 23.11 6.68
C ALA G 106 6.75 23.88 7.70
N ARG G 107 6.02 23.16 8.54
CA ARG G 107 5.20 23.83 9.54
C ARG G 107 6.01 24.73 10.44
N VAL G 108 7.11 24.22 11.00
CA VAL G 108 7.93 25.02 11.88
C VAL G 108 8.44 26.26 11.16
N VAL G 109 8.95 26.08 9.95
CA VAL G 109 9.43 27.22 9.17
C VAL G 109 8.34 28.27 9.03
N ASP G 110 7.16 27.81 8.62
CA ASP G 110 5.99 28.65 8.42
C ASP G 110 5.66 29.45 9.65
N ARG G 111 5.64 28.78 10.80
CA ARG G 111 5.30 29.43 12.04
C ARG G 111 6.23 30.60 12.35
N GLY G 112 7.53 30.38 12.21
CA GLY G 112 8.48 31.44 12.49
C GLY G 112 8.13 32.68 11.71
N ILE G 113 8.05 32.52 10.38
CA ILE G 113 7.72 33.62 9.48
C ILE G 113 6.39 34.30 9.77
N ARG G 114 5.42 33.49 10.17
CA ARG G 114 4.06 33.98 10.44
C ARG G 114 3.91 34.67 11.80
N GLU G 115 4.50 34.09 12.84
CA GLU G 115 4.40 34.65 14.17
C GLU G 115 5.20 35.93 14.36
N SER G 116 6.34 35.99 13.71
CA SER G 116 7.21 37.17 13.79
C SER G 116 6.69 38.21 12.80
N GLU G 117 5.71 37.81 12.00
CA GLU G 117 5.11 38.68 10.99
C GLU G 117 6.17 39.25 10.05
N ALA G 118 7.17 38.43 9.75
CA ALA G 118 8.29 38.84 8.88
C ALA G 118 7.86 39.40 7.54
N VAL G 119 6.66 39.06 7.10
CA VAL G 119 6.15 39.55 5.82
C VAL G 119 4.84 40.28 6.04
N ASP G 120 4.86 41.61 5.89
CA ASP G 120 3.66 42.41 6.05
C ASP G 120 2.65 42.04 4.94
N LEU G 121 1.84 41.03 5.21
CA LEU G 121 0.86 40.54 4.26
C LEU G 121 -0.19 41.58 3.86
N SER G 122 -0.44 42.55 4.72
CA SER G 122 -1.42 43.58 4.44
C SER G 122 -1.00 44.42 3.25
N LYS G 123 0.30 44.51 3.04
CA LYS G 123 0.82 45.28 1.92
C LYS G 123 0.90 44.54 0.60
N LEU G 124 0.26 43.37 0.53
CA LEU G 124 0.27 42.59 -0.71
C LEU G 124 -1.12 42.48 -1.31
N VAL G 125 -1.99 43.41 -0.93
CA VAL G 125 -3.36 43.44 -1.41
C VAL G 125 -3.39 44.18 -2.74
N ILE G 126 -4.24 43.72 -3.65
CA ILE G 126 -4.36 44.33 -4.96
C ILE G 126 -5.79 44.81 -5.16
N GLU G 127 -6.73 44.17 -4.47
CA GLU G 127 -8.14 44.54 -4.56
C GLU G 127 -8.91 43.86 -3.46
N GLU G 128 -9.11 44.59 -2.37
CA GLU G 128 -9.81 44.12 -1.18
C GLU G 128 -10.25 42.66 -1.17
N GLY G 129 -11.39 42.35 -1.77
CA GLY G 129 -11.83 40.97 -1.73
C GLY G 129 -11.73 40.20 -3.03
N GLU G 130 -10.62 40.37 -3.74
CA GLU G 130 -10.45 39.68 -5.00
C GLU G 130 -9.00 39.29 -5.24
N LYS G 131 -8.20 40.22 -5.76
CA LYS G 131 -6.79 39.96 -6.05
C LYS G 131 -5.81 40.29 -4.94
N VAL G 132 -4.93 39.33 -4.66
CA VAL G 132 -3.92 39.46 -3.63
C VAL G 132 -2.69 38.64 -4.08
N TRP G 133 -1.51 38.98 -3.54
CA TRP G 133 -0.31 38.24 -3.93
C TRP G 133 -0.21 36.97 -3.12
N ILE G 134 0.12 35.88 -3.82
CA ILE G 134 0.31 34.59 -3.18
C ILE G 134 1.81 34.33 -3.26
N VAL G 135 2.42 34.09 -2.11
CA VAL G 135 3.85 33.86 -2.02
C VAL G 135 4.13 32.40 -1.71
N PHE G 136 4.68 31.71 -2.69
CA PHE G 136 4.99 30.29 -2.53
C PHE G 136 6.43 30.08 -2.09
N VAL G 137 6.61 29.61 -0.86
CA VAL G 137 7.94 29.32 -0.33
C VAL G 137 8.16 27.80 -0.45
N ASP G 138 9.02 27.35 -1.36
CA ASP G 138 9.25 25.91 -1.48
C ASP G 138 10.67 25.49 -1.10
N ILE G 139 10.74 24.65 -0.06
CA ILE G 139 12.00 24.14 0.48
C ILE G 139 12.46 22.88 -0.24
N HIS G 140 13.74 22.78 -0.56
CA HIS G 140 14.23 21.59 -1.26
C HIS G 140 15.56 21.07 -0.74
N ALA G 141 15.51 20.02 0.09
CA ALA G 141 16.72 19.40 0.65
C ALA G 141 17.69 18.91 -0.46
N LEU G 142 18.97 19.24 -0.34
CA LEU G 142 19.95 18.78 -1.33
C LEU G 142 20.89 17.74 -0.72
N ASP G 143 21.42 18.04 0.46
CA ASP G 143 22.33 17.12 1.13
C ASP G 143 22.00 17.17 2.62
N ASP G 144 21.51 16.06 3.15
CA ASP G 144 21.14 15.97 4.56
C ASP G 144 22.24 15.47 5.47
N ASP G 145 22.90 16.37 6.21
CA ASP G 145 23.93 15.93 7.13
C ASP G 145 23.56 16.44 8.53
N GLY G 146 22.26 16.52 8.78
CA GLY G 146 21.79 16.97 10.08
C GLY G 146 21.27 18.40 10.09
N ASN G 147 20.26 18.61 10.93
CA ASN G 147 19.62 19.92 11.10
C ASN G 147 19.17 20.65 9.81
N LEU G 148 18.39 19.98 8.97
CA LEU G 148 17.87 20.62 7.76
C LEU G 148 16.88 21.71 8.18
N LEU G 149 16.30 21.55 9.37
CA LEU G 149 15.34 22.50 9.89
C LEU G 149 15.92 23.90 10.03
N ASP G 150 17.00 24.04 10.78
CA ASP G 150 17.60 25.35 10.96
C ASP G 150 18.17 25.90 9.66
N ALA G 151 18.71 25.02 8.84
CA ALA G 151 19.27 25.44 7.56
C ALA G 151 18.13 25.93 6.66
N SER G 152 17.02 25.19 6.65
CA SER G 152 15.86 25.57 5.84
C SER G 152 15.26 26.89 6.30
N ALA G 153 15.21 27.11 7.61
CA ALA G 153 14.67 28.35 8.14
C ALA G 153 15.53 29.55 7.73
N LEU G 154 16.86 29.34 7.68
CA LEU G 154 17.77 30.40 7.27
C LEU G 154 17.62 30.65 5.79
N ALA G 155 17.47 29.58 5.03
CA ALA G 155 17.31 29.70 3.58
C ALA G 155 15.99 30.36 3.22
N ALA G 156 14.95 30.07 4.01
CA ALA G 156 13.61 30.64 3.77
C ALA G 156 13.57 32.16 3.94
N ILE G 157 14.03 32.66 5.09
CA ILE G 157 14.00 34.09 5.30
C ILE G 157 14.98 34.78 4.34
N ALA G 158 16.11 34.15 4.06
CA ALA G 158 17.06 34.76 3.13
C ALA G 158 16.43 34.90 1.75
N ALA G 159 15.74 33.86 1.28
CA ALA G 159 15.13 33.93 -0.05
C ALA G 159 14.07 35.03 -0.11
N LEU G 160 13.29 35.16 0.95
CA LEU G 160 12.25 36.17 1.02
C LEU G 160 12.88 37.54 0.92
N MET G 161 14.02 37.72 1.58
CA MET G 161 14.70 39.00 1.55
C MET G 161 15.26 39.33 0.18
N ASN G 162 15.45 38.33 -0.67
CA ASN G 162 15.97 38.56 -2.01
C ASN G 162 14.83 38.46 -2.98
N THR G 163 13.63 38.31 -2.45
CA THR G 163 12.47 38.20 -3.32
C THR G 163 12.12 39.52 -3.99
N LYS G 164 11.86 39.45 -5.29
CA LYS G 164 11.50 40.62 -6.06
C LYS G 164 10.12 40.45 -6.68
N VAL G 165 9.15 41.20 -6.15
CA VAL G 165 7.78 41.16 -6.62
C VAL G 165 7.72 41.43 -8.13
N PRO G 166 7.18 40.46 -8.89
CA PRO G 166 7.08 40.61 -10.35
C PRO G 166 5.87 41.44 -10.80
N ALA G 167 5.87 42.72 -10.40
CA ALA G 167 4.77 43.60 -10.77
C ALA G 167 4.58 43.76 -12.28
N GLU G 168 5.67 44.08 -12.98
CA GLU G 168 5.65 44.27 -14.43
C GLU G 168 5.09 43.09 -15.20
N ARG G 169 5.56 41.89 -14.84
CA ARG G 169 5.13 40.66 -15.51
C ARG G 169 3.61 40.51 -15.52
N PHE G 170 2.97 40.99 -14.47
CA PHE G 170 1.51 40.89 -14.35
C PHE G 170 0.83 42.24 -14.56
N ASP G 171 1.54 43.13 -15.23
CA ASP G 171 1.08 44.49 -15.55
C ASP G 171 0.56 45.33 -14.39
N LEU G 172 1.06 45.08 -13.18
CA LEU G 172 0.64 45.84 -12.01
C LEU G 172 1.64 46.94 -11.63
N GLY G 173 2.45 47.40 -12.58
CA GLY G 173 3.39 48.45 -12.28
C GLY G 173 4.85 48.03 -12.22
N GLU G 174 5.67 48.90 -11.65
CA GLU G 174 7.11 48.64 -11.52
C GLU G 174 7.39 47.53 -10.51
N ASP G 175 8.47 46.79 -10.73
CA ASP G 175 8.88 45.73 -9.82
C ASP G 175 9.38 46.40 -8.54
N TYR G 176 9.43 45.64 -7.45
CA TYR G 176 9.92 46.16 -6.18
C TYR G 176 10.17 45.03 -5.20
N LEU G 177 11.01 45.28 -4.20
CA LEU G 177 11.32 44.26 -3.23
C LEU G 177 10.14 43.87 -2.37
N LEU G 178 10.10 42.61 -1.97
CA LEU G 178 9.03 42.10 -1.12
C LEU G 178 9.19 42.74 0.25
N PRO G 179 8.12 43.30 0.81
CA PRO G 179 8.26 43.91 2.13
C PRO G 179 8.53 42.89 3.23
N VAL G 180 9.67 43.02 3.90
CA VAL G 180 10.05 42.13 4.99
C VAL G 180 10.37 42.98 6.20
N ARG G 181 9.75 42.69 7.34
CA ARG G 181 9.94 43.49 8.54
C ARG G 181 10.64 42.79 9.68
N ASP G 182 10.78 41.47 9.62
CA ASP G 182 11.47 40.79 10.72
C ASP G 182 12.43 39.70 10.24
N LEU G 183 13.13 39.09 11.18
CA LEU G 183 14.13 38.09 10.87
C LEU G 183 14.08 36.84 11.72
N PRO G 184 13.12 35.94 11.42
CA PRO G 184 12.99 34.71 12.18
C PRO G 184 14.23 33.80 12.02
N VAL G 185 14.68 33.22 13.13
CA VAL G 185 15.82 32.32 13.12
C VAL G 185 15.54 31.23 14.14
N SER G 186 15.56 29.97 13.73
CA SER G 186 15.28 28.91 14.70
C SER G 186 16.56 28.17 15.06
N VAL G 187 16.57 27.62 16.27
CA VAL G 187 17.74 26.90 16.79
C VAL G 187 17.26 25.58 17.34
N THR G 188 17.75 24.49 16.74
CA THR G 188 17.37 23.15 17.15
C THR G 188 18.48 22.47 17.92
N SER G 189 18.12 21.77 18.97
CA SER G 189 19.12 21.08 19.76
C SER G 189 18.71 19.64 19.99
N LEU G 190 19.71 18.76 20.00
CA LEU G 190 19.49 17.35 20.26
C LEU G 190 19.49 17.24 21.79
N ILE G 191 18.60 16.41 22.35
CA ILE G 191 18.54 16.24 23.81
C ILE G 191 18.78 14.78 24.20
N VAL G 192 19.86 14.53 24.91
CA VAL G 192 20.19 13.18 25.37
C VAL G 192 20.28 13.28 26.87
N GLY G 193 19.34 12.67 27.57
CA GLY G 193 19.32 12.74 29.03
C GLY G 193 19.16 14.18 29.50
N ASN G 194 20.14 14.67 30.27
CA ASN G 194 20.14 16.04 30.78
C ASN G 194 21.23 16.86 30.09
N LYS G 195 21.56 16.49 28.86
CA LYS G 195 22.57 17.20 28.08
C LYS G 195 21.96 17.59 26.73
N TYR G 196 22.44 18.68 26.15
CA TYR G 196 21.93 19.12 24.85
C TYR G 196 23.05 19.43 23.88
N LEU G 197 22.85 19.07 22.62
CA LEU G 197 23.81 19.31 21.55
C LEU G 197 23.20 20.26 20.52
N VAL G 198 23.57 21.53 20.58
CA VAL G 198 23.05 22.51 19.63
C VAL G 198 23.56 22.21 18.22
N ASP G 199 22.67 22.40 17.24
CA ASP G 199 23.03 22.16 15.83
C ASP G 199 23.60 20.75 15.60
N PRO G 200 22.81 19.72 15.89
CA PRO G 200 23.22 18.33 15.72
C PRO G 200 23.53 17.93 14.27
N SER G 201 24.48 17.03 14.10
CA SER G 201 24.89 16.54 12.79
C SER G 201 24.21 15.21 12.51
N ARG G 202 24.18 14.80 11.25
CA ARG G 202 23.56 13.53 10.89
C ARG G 202 24.06 12.39 11.78
N GLU G 203 25.33 12.40 12.15
CA GLU G 203 25.87 11.34 12.99
C GLU G 203 25.40 11.40 14.42
N GLU G 204 25.41 12.59 15.00
CA GLU G 204 24.95 12.76 16.38
C GLU G 204 23.49 12.35 16.48
N MET G 205 22.73 12.63 15.42
CA MET G 205 21.32 12.29 15.37
C MET G 205 21.04 10.78 15.48
N SER G 206 22.07 9.97 15.20
CA SER G 206 21.96 8.51 15.26
C SER G 206 21.52 8.03 16.66
N VAL G 207 21.71 8.89 17.65
CA VAL G 207 21.35 8.59 19.03
C VAL G 207 19.83 8.57 19.21
N GLY G 208 19.12 9.31 18.37
CA GLY G 208 17.67 9.37 18.46
C GLY G 208 17.15 10.69 17.94
N ASP G 209 15.87 10.73 17.56
CA ASP G 209 15.28 11.95 17.04
C ASP G 209 14.57 12.72 18.16
N THR G 210 15.29 13.03 19.22
CA THR G 210 14.75 13.74 20.37
C THR G 210 15.31 15.16 20.42
N THR G 211 14.57 16.14 19.89
CA THR G 211 15.04 17.51 19.84
C THR G 211 14.14 18.59 20.49
N LEU G 212 14.56 19.84 20.34
CA LEU G 212 13.83 20.99 20.88
C LEU G 212 14.23 22.21 20.02
N THR G 213 13.25 22.81 19.36
CA THR G 213 13.51 23.97 18.51
C THR G 213 12.91 25.23 19.14
N ILE G 214 13.59 26.36 18.96
CA ILE G 214 13.15 27.64 19.49
C ILE G 214 13.40 28.68 18.41
N THR G 215 12.41 29.52 18.12
CA THR G 215 12.59 30.55 17.11
C THR G 215 12.35 31.93 17.68
N THR G 216 13.22 32.86 17.30
CA THR G 216 13.15 34.23 17.79
C THR G 216 13.12 35.25 16.67
N ASP G 217 12.75 36.49 17.00
CA ASP G 217 12.72 37.56 16.01
C ASP G 217 13.85 38.53 16.33
N LYS G 218 14.01 39.58 15.51
CA LYS G 218 15.08 40.54 15.68
C LYS G 218 15.25 41.13 17.08
N ASP G 219 14.14 41.25 17.81
CA ASP G 219 14.18 41.80 19.17
C ASP G 219 14.32 40.72 20.25
N ASP G 220 14.82 39.55 19.86
CA ASP G 220 15.06 38.45 20.79
C ASP G 220 13.86 37.85 21.53
N ASN G 221 12.65 38.07 21.02
CA ASN G 221 11.47 37.49 21.66
C ASN G 221 11.24 36.08 21.08
N VAL G 222 10.70 35.17 21.87
CA VAL G 222 10.45 33.82 21.39
C VAL G 222 9.17 33.90 20.57
N VAL G 223 9.22 33.36 19.36
CA VAL G 223 8.08 33.47 18.47
C VAL G 223 7.46 32.11 18.11
N ALA G 224 8.21 31.05 18.40
CA ALA G 224 7.77 29.67 18.17
C ALA G 224 8.65 28.67 18.95
N MET G 225 8.06 27.58 19.39
CA MET G 225 8.83 26.55 20.08
C MET G 225 8.28 25.19 19.70
N GLN G 226 9.16 24.22 19.54
CA GLN G 226 8.74 22.89 19.16
C GLN G 226 9.61 21.80 19.76
N LYS G 227 9.00 21.01 20.62
CA LYS G 227 9.66 19.90 21.26
C LYS G 227 9.26 18.68 20.44
N SER G 228 10.24 17.88 20.02
CA SER G 228 9.95 16.69 19.22
C SER G 228 10.65 15.41 19.67
N GLY G 229 10.04 14.28 19.35
CA GLY G 229 10.59 13.00 19.72
C GLY G 229 9.99 12.44 20.99
N GLY G 230 10.13 11.14 21.20
CA GLY G 230 9.57 10.52 22.38
C GLY G 230 10.46 10.56 23.61
N TYR G 231 10.60 11.73 24.24
CA TYR G 231 11.44 11.83 25.43
C TYR G 231 10.87 12.80 26.45
N LEU G 232 11.47 12.83 27.64
CA LEU G 232 11.02 13.71 28.71
C LEU G 232 12.01 14.86 28.88
N LEU G 233 11.49 16.08 28.81
CA LEU G 233 12.29 17.29 28.93
C LEU G 233 12.38 17.73 30.37
N ASP G 234 13.59 17.86 30.89
CA ASP G 234 13.81 18.32 32.26
C ASP G 234 13.62 19.84 32.24
N GLU G 235 12.95 20.36 33.27
CA GLU G 235 12.69 21.79 33.35
C GLU G 235 13.94 22.63 33.54
N LYS G 236 14.87 22.17 34.37
CA LYS G 236 16.11 22.92 34.56
C LYS G 236 16.80 23.09 33.20
N LEU G 237 16.92 21.97 32.49
CA LEU G 237 17.56 21.96 31.18
C LEU G 237 16.83 22.88 30.24
N PHE G 238 15.51 22.88 30.28
CA PHE G 238 14.76 23.74 29.39
C PHE G 238 15.02 25.20 29.68
N ASP G 239 15.13 25.52 30.97
CA ASP G 239 15.36 26.90 31.37
C ASP G 239 16.74 27.38 30.93
N GLU G 240 17.70 26.47 30.83
CA GLU G 240 19.05 26.83 30.42
C GLU G 240 19.16 26.92 28.90
N LEU G 241 18.59 25.93 28.23
CA LEU G 241 18.63 25.88 26.78
C LEU G 241 17.86 27.03 26.17
N LEU G 242 16.89 27.57 26.92
CA LEU G 242 16.09 28.70 26.43
C LEU G 242 16.99 29.89 26.09
N ASP G 243 17.83 30.31 27.04
CA ASP G 243 18.74 31.44 26.86
C ASP G 243 19.80 31.12 25.82
N VAL G 244 20.38 29.93 25.93
CA VAL G 244 21.40 29.48 24.98
C VAL G 244 20.88 29.63 23.54
N SER G 245 19.64 29.19 23.31
CA SER G 245 19.05 29.27 21.98
C SER G 245 18.87 30.72 21.50
N ILE G 246 18.33 31.57 22.36
CA ILE G 246 18.11 32.98 22.02
C ILE G 246 19.44 33.66 21.66
N ASN G 247 20.52 33.24 22.31
CA ASN G 247 21.83 33.82 22.07
C ASN G 247 22.39 33.37 20.72
N CYS G 248 22.23 32.09 20.40
CA CYS G 248 22.69 31.53 19.13
C CYS G 248 21.96 32.18 17.96
N ALA G 249 20.66 32.41 18.12
CA ALA G 249 19.88 33.01 17.05
C ALA G 249 20.38 34.42 16.77
N ARG G 250 20.75 35.13 17.83
CA ARG G 250 21.25 36.48 17.69
C ARG G 250 22.54 36.48 16.87
N LYS G 251 23.47 35.57 17.19
CA LYS G 251 24.73 35.49 16.42
C LYS G 251 24.44 35.18 14.94
N LEU G 252 23.57 34.22 14.68
CA LEU G 252 23.23 33.87 13.30
C LEU G 252 22.53 35.05 12.63
N ARG G 253 21.77 35.80 13.40
CA ARG G 253 21.05 36.93 12.85
C ARG G 253 22.07 37.95 12.29
N GLU G 254 23.30 37.89 12.79
CA GLU G 254 24.33 38.82 12.32
C GLU G 254 24.79 38.52 10.89
N LYS G 255 24.61 37.28 10.44
CA LYS G 255 25.02 36.93 9.07
C LYS G 255 24.14 37.62 8.04
N PHE G 256 23.08 38.29 8.48
CA PHE G 256 22.17 38.97 7.57
C PHE G 256 22.48 40.45 7.42
N LYS G 257 23.44 40.94 8.20
CA LYS G 257 23.84 42.34 8.10
C LYS G 257 24.99 42.41 7.10
N GLU H 3 -8.06 -13.18 17.71
CA GLU H 3 -9.25 -13.97 18.15
C GLU H 3 -9.78 -14.82 17.00
N ASP H 4 -8.86 -15.49 16.30
CA ASP H 4 -9.20 -16.35 15.17
C ASP H 4 -10.22 -17.43 15.59
N ILE H 5 -10.06 -17.95 16.79
CA ILE H 5 -10.96 -18.98 17.30
C ILE H 5 -11.80 -18.43 18.45
N LEU H 6 -11.32 -17.36 19.10
CA LEU H 6 -12.05 -16.76 20.21
C LEU H 6 -13.45 -16.42 19.74
N VAL H 7 -13.59 -16.19 18.44
CA VAL H 7 -14.87 -15.91 17.85
C VAL H 7 -15.58 -17.25 17.82
N ASP H 8 -14.85 -18.29 17.42
CA ASP H 8 -15.40 -19.65 17.34
C ASP H 8 -15.79 -20.19 18.71
N ILE H 9 -15.12 -19.73 19.76
CA ILE H 9 -15.48 -20.20 21.10
C ILE H 9 -16.88 -19.71 21.43
N LYS H 10 -17.11 -18.42 21.24
CA LYS H 10 -18.44 -17.89 21.51
C LYS H 10 -19.35 -18.11 20.31
N ARG H 11 -18.77 -18.47 19.18
CA ARG H 11 -19.55 -18.75 18.00
C ARG H 11 -20.23 -20.08 18.29
N ASP H 12 -19.46 -20.98 18.91
CA ASP H 12 -19.96 -22.31 19.26
C ASP H 12 -21.05 -22.23 20.30
N TYR H 13 -20.89 -21.33 21.27
CA TYR H 13 -21.87 -21.14 22.32
C TYR H 13 -23.18 -20.65 21.68
N VAL H 14 -23.09 -19.58 20.89
CA VAL H 14 -24.26 -19.03 20.22
C VAL H 14 -24.95 -20.13 19.41
N LEU H 15 -24.17 -20.86 18.62
CA LEU H 15 -24.71 -21.93 17.79
C LEU H 15 -25.27 -23.05 18.67
N SER H 16 -24.57 -23.33 19.76
CA SER H 16 -24.97 -24.35 20.70
C SER H 16 -26.39 -24.11 21.20
N LYS H 17 -26.67 -22.88 21.62
CA LYS H 17 -27.98 -22.52 22.12
C LYS H 17 -28.99 -22.31 21.02
N LEU H 18 -28.51 -22.10 19.79
CA LEU H 18 -29.41 -21.90 18.66
C LEU H 18 -30.06 -23.25 18.37
N ARG H 19 -29.30 -24.32 18.58
CA ARG H 19 -29.80 -25.67 18.37
C ARG H 19 -30.96 -25.93 19.33
N ASP H 20 -30.82 -25.48 20.58
CA ASP H 20 -31.85 -25.66 21.59
C ASP H 20 -32.95 -24.61 21.42
N ASN H 21 -32.80 -23.80 20.38
CA ASN H 21 -33.76 -22.76 20.05
C ASN H 21 -33.90 -21.64 21.09
N GLU H 22 -32.76 -21.14 21.55
CA GLU H 22 -32.72 -20.07 22.54
C GLU H 22 -31.62 -19.08 22.14
N ARG H 23 -31.69 -17.86 22.68
CA ARG H 23 -30.65 -16.89 22.39
C ARG H 23 -29.77 -16.73 23.62
N ILE H 24 -28.52 -16.35 23.39
CA ILE H 24 -27.54 -16.17 24.45
C ILE H 24 -27.95 -15.32 25.67
N ASP H 25 -28.52 -14.15 25.46
CA ASP H 25 -28.92 -13.31 26.58
C ASP H 25 -30.40 -13.50 26.94
N GLY H 26 -31.05 -14.51 26.36
CA GLY H 26 -32.43 -14.75 26.69
C GLY H 26 -33.54 -13.98 25.99
N ARG H 27 -33.24 -13.14 25.00
CA ARG H 27 -34.31 -12.41 24.31
C ARG H 27 -35.04 -13.35 23.38
N GLY H 28 -36.11 -12.85 22.77
CA GLY H 28 -36.88 -13.63 21.83
C GLY H 28 -36.30 -13.34 20.46
N PHE H 29 -36.54 -14.23 19.49
CA PHE H 29 -36.00 -14.05 18.15
C PHE H 29 -36.58 -12.85 17.41
N ASP H 30 -37.43 -12.07 18.06
CA ASP H 30 -38.02 -10.91 17.41
C ASP H 30 -38.03 -9.68 18.29
N GLU H 31 -37.14 -9.64 19.28
CA GLU H 31 -37.12 -8.47 20.16
C GLU H 31 -35.76 -7.76 20.19
N PHE H 32 -35.82 -6.44 20.05
CA PHE H 32 -34.62 -5.60 20.08
C PHE H 32 -34.14 -5.44 21.52
N ARG H 33 -32.88 -5.07 21.70
CA ARG H 33 -32.36 -4.84 23.05
C ARG H 33 -32.99 -3.50 23.43
N LYS H 34 -32.80 -3.08 24.67
CA LYS H 34 -33.37 -1.82 25.12
C LYS H 34 -32.75 -0.63 24.35
N VAL H 35 -33.61 0.19 23.73
CA VAL H 35 -33.15 1.34 22.96
C VAL H 35 -33.21 2.65 23.72
N GLU H 36 -32.21 3.49 23.50
CA GLU H 36 -32.15 4.78 24.17
C GLU H 36 -31.73 5.86 23.17
N ILE H 37 -32.56 6.89 23.01
CA ILE H 37 -32.28 7.99 22.09
C ILE H 37 -32.13 9.28 22.89
N ILE H 38 -31.08 10.06 22.61
CA ILE H 38 -30.82 11.30 23.35
C ILE H 38 -30.43 12.45 22.43
N PRO H 39 -31.36 13.38 22.16
CA PRO H 39 -31.12 14.56 21.29
C PRO H 39 -30.25 15.67 21.89
N ASN H 40 -29.81 16.60 21.04
CA ASN H 40 -28.98 17.74 21.44
C ASN H 40 -27.71 17.42 22.22
N VAL H 41 -26.84 16.57 21.70
CA VAL H 41 -25.62 16.25 22.45
C VAL H 41 -24.39 17.03 21.94
N ILE H 42 -24.50 17.56 20.73
CA ILE H 42 -23.44 18.35 20.14
C ILE H 42 -24.06 19.71 19.84
N GLU H 43 -24.07 20.56 20.86
CA GLU H 43 -24.65 21.90 20.73
C GLU H 43 -24.19 22.66 19.50
N LYS H 44 -22.90 22.60 19.19
CA LYS H 44 -22.40 23.31 18.02
C LYS H 44 -23.02 22.85 16.70
N ALA H 45 -23.55 21.64 16.66
CA ALA H 45 -24.17 21.13 15.45
C ALA H 45 -25.59 21.67 15.29
N GLU H 46 -26.11 21.69 14.08
CA GLU H 46 -27.47 22.18 13.86
C GLU H 46 -28.47 21.14 14.37
N GLY H 47 -28.00 19.89 14.41
CA GLY H 47 -28.80 18.78 14.87
C GLY H 47 -27.88 17.63 15.26
N SER H 48 -28.36 16.77 16.15
CA SER H 48 -27.58 15.62 16.60
C SER H 48 -28.44 14.70 17.46
N ALA H 49 -27.85 13.58 17.85
CA ALA H 49 -28.54 12.60 18.68
C ALA H 49 -27.60 11.45 18.94
N LEU H 50 -27.68 10.90 20.15
CA LEU H 50 -26.87 9.76 20.52
C LEU H 50 -27.84 8.64 20.81
N VAL H 51 -27.62 7.46 20.26
CA VAL H 51 -28.53 6.39 20.60
C VAL H 51 -27.77 5.17 21.10
N LYS H 52 -28.28 4.60 22.18
CA LYS H 52 -27.68 3.41 22.78
C LYS H 52 -28.64 2.28 22.47
N LEU H 53 -28.14 1.25 21.79
CA LEU H 53 -28.93 0.09 21.43
C LEU H 53 -28.19 -1.04 22.12
N GLY H 54 -28.77 -1.56 23.20
CA GLY H 54 -28.05 -2.59 23.92
C GLY H 54 -26.84 -1.83 24.42
N ASP H 55 -25.65 -2.37 24.21
CA ASP H 55 -24.44 -1.68 24.63
C ASP H 55 -23.76 -0.97 23.46
N THR H 56 -24.37 -1.09 22.28
CA THR H 56 -23.88 -0.46 21.06
C THR H 56 -24.17 1.04 21.13
N GLN H 57 -23.28 1.88 20.59
CA GLN H 57 -23.52 3.33 20.61
C GLN H 57 -23.13 4.05 19.34
N VAL H 58 -23.95 5.02 18.95
CA VAL H 58 -23.69 5.80 17.76
C VAL H 58 -24.10 7.24 17.98
N VAL H 59 -23.40 8.15 17.30
CA VAL H 59 -23.69 9.56 17.37
C VAL H 59 -23.86 10.06 15.95
N VAL H 60 -24.84 10.90 15.72
CA VAL H 60 -25.03 11.46 14.40
C VAL H 60 -25.13 12.96 14.60
N GLY H 61 -24.44 13.71 13.74
CA GLY H 61 -24.44 15.16 13.82
C GLY H 61 -24.91 15.67 12.47
N VAL H 62 -25.58 16.81 12.47
CA VAL H 62 -26.07 17.38 11.22
C VAL H 62 -25.58 18.79 11.11
N LYS H 63 -25.07 19.14 9.93
CA LYS H 63 -24.55 20.48 9.67
C LYS H 63 -25.16 20.99 8.40
N MET H 64 -25.53 22.26 8.40
CA MET H 64 -26.14 22.85 7.21
C MET H 64 -25.43 24.11 6.78
N GLN H 65 -25.49 24.40 5.49
CA GLN H 65 -24.88 25.59 4.93
C GLN H 65 -25.38 25.71 3.49
N PRO H 66 -25.63 26.95 3.03
CA PRO H 66 -26.11 27.14 1.66
C PRO H 66 -25.05 26.78 0.62
N GLY H 67 -25.50 26.26 -0.52
CA GLY H 67 -24.59 25.87 -1.58
C GLY H 67 -25.34 25.80 -2.89
N GLU H 68 -24.65 25.36 -3.95
CA GLU H 68 -25.27 25.25 -5.26
C GLU H 68 -25.93 23.89 -5.47
N PRO H 69 -27.17 23.89 -5.98
CA PRO H 69 -27.89 22.63 -6.21
C PRO H 69 -27.33 21.83 -7.37
N TYR H 70 -27.91 20.66 -7.60
CA TYR H 70 -27.52 19.80 -8.70
C TYR H 70 -28.17 20.40 -9.94
N PRO H 71 -27.37 20.66 -10.99
CA PRO H 71 -27.89 21.24 -12.22
C PRO H 71 -29.20 20.59 -12.69
N ASP H 72 -29.44 19.35 -12.23
CA ASP H 72 -30.64 18.63 -12.59
C ASP H 72 -31.82 18.97 -11.69
N THR H 73 -31.57 19.14 -10.41
CA THR H 73 -32.62 19.45 -9.45
C THR H 73 -32.50 20.82 -8.79
N PRO H 74 -32.60 21.91 -9.59
CA PRO H 74 -32.49 23.29 -9.10
C PRO H 74 -33.64 23.75 -8.18
N ASP H 75 -34.66 22.91 -8.02
CA ASP H 75 -35.80 23.27 -7.17
C ASP H 75 -35.82 22.47 -5.87
N ARG H 76 -34.68 21.85 -5.54
CA ARG H 76 -34.58 21.04 -4.33
C ARG H 76 -33.27 21.23 -3.54
N GLY H 77 -33.30 20.83 -2.27
CA GLY H 77 -32.12 20.93 -1.42
C GLY H 77 -31.23 19.72 -1.61
N VAL H 78 -30.19 19.60 -0.79
CA VAL H 78 -29.29 18.47 -0.91
C VAL H 78 -28.99 17.80 0.43
N ILE H 79 -29.04 16.47 0.44
CA ILE H 79 -28.73 15.69 1.64
C ILE H 79 -27.57 14.75 1.36
N ILE H 80 -26.52 14.82 2.17
CA ILE H 80 -25.38 13.94 1.95
C ILE H 80 -25.16 13.11 3.24
N VAL H 81 -24.95 11.81 3.09
CA VAL H 81 -24.77 10.96 4.26
C VAL H 81 -23.39 10.33 4.23
N ASN H 82 -22.74 10.32 5.36
CA ASN H 82 -21.42 9.73 5.47
C ASN H 82 -21.29 9.07 6.82
N ALA H 83 -20.47 8.04 6.85
CA ALA H 83 -20.23 7.28 8.05
C ALA H 83 -18.73 7.10 8.29
N GLU H 84 -18.33 6.97 9.55
CA GLU H 84 -16.93 6.80 9.90
C GLU H 84 -16.94 5.70 10.91
N LEU H 85 -16.69 4.49 10.40
CA LEU H 85 -16.64 3.33 11.29
C LEU H 85 -15.23 3.35 11.87
N VAL H 86 -14.96 4.43 12.59
CA VAL H 86 -13.64 4.64 13.18
C VAL H 86 -13.13 3.51 14.13
N PRO H 87 -11.81 3.38 14.18
CA PRO H 87 -11.14 2.38 15.02
C PRO H 87 -11.62 2.44 16.45
N LEU H 88 -12.21 3.57 16.84
CA LEU H 88 -12.72 3.78 18.19
C LEU H 88 -13.72 2.71 18.58
N ALA H 89 -14.64 2.40 17.65
CA ALA H 89 -15.70 1.43 17.89
C ALA H 89 -15.29 -0.03 18.07
N SER H 90 -14.23 -0.46 17.40
CA SER H 90 -13.75 -1.84 17.50
C SER H 90 -12.38 -2.05 16.84
N PRO H 91 -11.64 -3.07 17.31
CA PRO H 91 -10.30 -3.45 16.81
C PRO H 91 -10.23 -3.85 15.35
N THR H 92 -11.38 -4.20 14.79
CA THR H 92 -11.44 -4.61 13.38
C THR H 92 -11.54 -3.41 12.46
N PHE H 93 -11.83 -2.24 13.03
CA PHE H 93 -11.95 -1.01 12.24
C PHE H 93 -10.60 -0.40 11.87
N GLU H 94 -10.18 -0.63 10.63
CA GLU H 94 -8.92 -0.13 10.10
C GLU H 94 -8.87 1.41 10.17
N PRO H 95 -7.78 1.97 10.71
CA PRO H 95 -7.64 3.43 10.82
C PRO H 95 -7.29 4.17 9.52
N GLY H 96 -8.16 4.04 8.51
CA GLY H 96 -7.93 4.71 7.24
C GLY H 96 -9.19 5.30 6.62
N PRO H 97 -9.23 5.44 5.28
CA PRO H 97 -10.37 6.00 4.53
C PRO H 97 -11.62 5.09 4.52
N PRO H 98 -12.76 5.61 4.00
CA PRO H 98 -14.01 4.83 3.94
C PRO H 98 -13.89 3.41 3.42
N ASP H 99 -14.23 2.46 4.30
CA ASP H 99 -14.21 1.05 3.98
C ASP H 99 -15.34 0.73 3.00
N GLU H 100 -15.42 -0.54 2.63
CA GLU H 100 -16.43 -1.04 1.74
C GLU H 100 -17.71 -1.20 2.58
N ASN H 101 -17.54 -1.18 3.89
CA ASN H 101 -18.65 -1.31 4.83
C ASN H 101 -19.23 0.01 5.31
N SER H 102 -18.39 1.04 5.46
CA SER H 102 -18.88 2.34 5.88
C SER H 102 -19.74 2.87 4.74
N ILE H 103 -19.28 2.64 3.53
CA ILE H 103 -19.99 3.09 2.34
C ILE H 103 -21.36 2.46 2.28
N GLU H 104 -21.45 1.15 2.47
CA GLU H 104 -22.74 0.50 2.42
C GLU H 104 -23.68 0.94 3.54
N LEU H 105 -23.13 1.11 4.73
CA LEU H 105 -23.93 1.52 5.88
C LEU H 105 -24.55 2.88 5.59
N ALA H 106 -23.72 3.82 5.18
CA ALA H 106 -24.19 5.17 4.88
C ALA H 106 -25.20 5.16 3.75
N ARG H 107 -25.01 4.30 2.76
CA ARG H 107 -25.95 4.24 1.64
C ARG H 107 -27.33 3.74 2.06
N VAL H 108 -27.38 2.68 2.85
CA VAL H 108 -28.66 2.14 3.32
C VAL H 108 -29.41 3.24 4.07
N VAL H 109 -28.76 3.79 5.09
CA VAL H 109 -29.32 4.89 5.88
C VAL H 109 -29.80 6.00 4.93
N ASP H 110 -29.00 6.30 3.91
CA ASP H 110 -29.37 7.34 2.94
C ASP H 110 -30.62 6.94 2.12
N ARG H 111 -30.73 5.67 1.76
CA ARG H 111 -31.87 5.19 1.01
C ARG H 111 -33.12 5.31 1.85
N GLY H 112 -33.02 4.94 3.11
CA GLY H 112 -34.18 5.05 3.96
C GLY H 112 -34.68 6.49 4.03
N ILE H 113 -33.78 7.44 4.19
CA ILE H 113 -34.15 8.84 4.29
C ILE H 113 -34.56 9.43 2.95
N ARG H 114 -33.87 9.02 1.91
CA ARG H 114 -34.15 9.55 0.57
C ARG H 114 -35.43 8.98 -0.05
N GLU H 115 -35.61 7.66 0.02
CA GLU H 115 -36.77 7.00 -0.58
C GLU H 115 -38.07 7.18 0.19
N SER H 116 -37.99 7.60 1.45
CA SER H 116 -39.22 7.80 2.22
C SER H 116 -39.59 9.29 2.30
N GLU H 117 -38.72 10.10 1.72
CA GLU H 117 -38.92 11.55 1.65
C GLU H 117 -39.13 12.11 3.04
N ALA H 118 -38.21 11.77 3.94
CA ALA H 118 -38.27 12.21 5.33
C ALA H 118 -38.02 13.71 5.49
N VAL H 119 -37.32 14.32 4.54
CA VAL H 119 -37.08 15.75 4.59
C VAL H 119 -37.61 16.38 3.31
N ASP H 120 -38.42 17.45 3.43
CA ASP H 120 -38.97 18.16 2.24
C ASP H 120 -37.89 19.04 1.60
N LEU H 121 -37.10 18.41 0.75
CA LEU H 121 -36.00 19.09 0.10
C LEU H 121 -36.46 20.31 -0.69
N SER H 122 -37.68 20.27 -1.19
CA SER H 122 -38.16 21.42 -1.94
C SER H 122 -38.36 22.68 -1.10
N LYS H 123 -38.41 22.51 0.21
CA LYS H 123 -38.58 23.62 1.14
C LYS H 123 -37.25 24.17 1.61
N LEU H 124 -36.18 23.79 0.93
CA LEU H 124 -34.83 24.24 1.33
C LEU H 124 -34.13 25.05 0.25
N VAL H 125 -34.91 25.57 -0.69
CA VAL H 125 -34.37 26.40 -1.78
C VAL H 125 -34.27 27.85 -1.30
N ILE H 126 -33.12 28.47 -1.53
CA ILE H 126 -32.92 29.87 -1.11
C ILE H 126 -33.03 30.79 -2.33
N GLU H 127 -32.58 30.27 -3.48
CA GLU H 127 -32.62 31.02 -4.73
C GLU H 127 -32.55 30.04 -5.89
N GLU H 128 -33.71 29.82 -6.53
CA GLU H 128 -33.85 28.90 -7.67
C GLU H 128 -32.61 28.80 -8.55
N GLY H 129 -31.96 27.64 -8.53
CA GLY H 129 -30.78 27.44 -9.36
C GLY H 129 -29.47 28.05 -8.88
N GLU H 130 -29.51 28.80 -7.76
CA GLU H 130 -28.29 29.40 -7.25
C GLU H 130 -27.94 28.97 -5.83
N LYS H 131 -28.77 29.31 -4.87
CA LYS H 131 -28.50 28.91 -3.49
C LYS H 131 -29.57 28.01 -2.92
N VAL H 132 -29.11 26.91 -2.35
CA VAL H 132 -29.99 25.91 -1.77
C VAL H 132 -29.31 25.41 -0.51
N TRP H 133 -30.10 24.93 0.45
CA TRP H 133 -29.49 24.40 1.67
C TRP H 133 -28.86 23.05 1.40
N ILE H 134 -27.71 22.82 2.02
CA ILE H 134 -27.03 21.54 1.88
C ILE H 134 -26.95 20.94 3.28
N VAL H 135 -27.55 19.77 3.44
CA VAL H 135 -27.60 19.04 4.71
C VAL H 135 -26.62 17.89 4.78
N PHE H 136 -25.67 18.00 5.70
CA PHE H 136 -24.68 16.96 5.89
C PHE H 136 -25.08 16.09 7.07
N VAL H 137 -25.27 14.80 6.82
CA VAL H 137 -25.59 13.86 7.87
C VAL H 137 -24.34 13.01 8.07
N ASP H 138 -23.64 13.20 9.17
CA ASP H 138 -22.43 12.42 9.42
C ASP H 138 -22.61 11.45 10.61
N ILE H 139 -22.46 10.15 10.33
CA ILE H 139 -22.61 9.11 11.33
C ILE H 139 -21.26 8.79 11.97
N HIS H 140 -21.25 8.56 13.27
CA HIS H 140 -20.00 8.27 13.96
C HIS H 140 -20.14 7.17 15.04
N ALA H 141 -19.61 5.98 14.75
CA ALA H 141 -19.67 4.87 15.69
C ALA H 141 -18.82 5.15 16.92
N LEU H 142 -19.30 4.73 18.08
CA LEU H 142 -18.57 4.94 19.33
C LEU H 142 -18.25 3.62 20.01
N ASP H 143 -19.18 2.67 19.88
CA ASP H 143 -19.04 1.35 20.48
C ASP H 143 -19.78 0.33 19.63
N ASP H 144 -19.05 -0.59 19.03
CA ASP H 144 -19.67 -1.59 18.17
C ASP H 144 -20.02 -2.86 18.93
N ASP H 145 -21.28 -3.03 19.34
CA ASP H 145 -21.68 -4.24 20.02
C ASP H 145 -22.70 -4.95 19.18
N GLY H 146 -22.66 -4.69 17.87
CA GLY H 146 -23.59 -5.34 16.98
C GLY H 146 -24.68 -4.40 16.54
N ASN H 147 -25.09 -4.57 15.30
CA ASN H 147 -26.14 -3.78 14.68
C ASN H 147 -25.98 -2.25 14.73
N LEU H 148 -24.83 -1.77 14.25
CA LEU H 148 -24.54 -0.34 14.17
C LEU H 148 -25.49 0.28 13.14
N LEU H 149 -25.87 -0.53 12.16
CA LEU H 149 -26.75 -0.09 11.09
C LEU H 149 -28.09 0.43 11.59
N ASP H 150 -28.81 -0.40 12.36
CA ASP H 150 -30.11 -0.02 12.90
C ASP H 150 -29.95 1.14 13.88
N ALA H 151 -28.91 1.05 14.69
CA ALA H 151 -28.61 2.08 15.66
C ALA H 151 -28.35 3.38 14.90
N SER H 152 -27.71 3.26 13.73
CA SER H 152 -27.41 4.44 12.91
C SER H 152 -28.66 5.02 12.28
N ALA H 153 -29.53 4.16 11.76
CA ALA H 153 -30.76 4.64 11.16
C ALA H 153 -31.55 5.45 12.18
N LEU H 154 -31.69 4.95 13.40
CA LEU H 154 -32.40 5.66 14.45
C LEU H 154 -31.75 6.99 14.77
N ALA H 155 -30.43 6.98 14.97
CA ALA H 155 -29.73 8.23 15.28
C ALA H 155 -29.92 9.23 14.16
N ALA H 156 -29.84 8.76 12.92
CA ALA H 156 -30.02 9.63 11.77
C ALA H 156 -31.33 10.43 11.80
N ILE H 157 -32.49 9.78 11.95
CA ILE H 157 -33.72 10.56 11.97
C ILE H 157 -33.83 11.36 13.26
N ALA H 158 -33.42 10.76 14.37
CA ALA H 158 -33.48 11.46 15.64
C ALA H 158 -32.71 12.78 15.51
N ALA H 159 -31.56 12.72 14.82
CA ALA H 159 -30.73 13.91 14.62
C ALA H 159 -31.41 14.90 13.69
N LEU H 160 -32.02 14.39 12.62
CA LEU H 160 -32.72 15.25 11.67
C LEU H 160 -33.90 15.94 12.35
N MET H 161 -34.55 15.23 13.27
CA MET H 161 -35.70 15.74 14.02
C MET H 161 -35.34 16.78 15.07
N ASN H 162 -34.05 16.96 15.28
CA ASN H 162 -33.56 17.93 16.25
C ASN H 162 -32.79 19.03 15.53
N THR H 163 -32.66 18.91 14.21
CA THR H 163 -31.90 19.92 13.50
C THR H 163 -32.66 21.24 13.33
N LYS H 164 -31.92 22.33 13.48
CA LYS H 164 -32.47 23.67 13.33
C LYS H 164 -31.74 24.38 12.20
N VAL H 165 -32.47 24.72 11.14
CA VAL H 165 -31.86 25.43 10.01
C VAL H 165 -31.21 26.70 10.60
N PRO H 166 -29.93 26.93 10.29
CA PRO H 166 -29.25 28.12 10.82
C PRO H 166 -29.36 29.36 9.94
N ALA H 167 -30.59 29.84 9.71
CA ALA H 167 -30.80 31.02 8.87
C ALA H 167 -30.14 32.30 9.38
N GLU H 168 -30.24 32.57 10.68
CA GLU H 168 -29.63 33.79 11.22
C GLU H 168 -28.16 33.92 10.87
N ARG H 169 -27.41 32.84 11.09
CA ARG H 169 -25.98 32.80 10.83
C ARG H 169 -25.61 33.18 9.40
N PHE H 170 -26.49 32.86 8.46
CA PHE H 170 -26.26 33.16 7.06
C PHE H 170 -27.20 34.27 6.57
N ASP H 171 -27.54 35.18 7.49
CA ASP H 171 -28.45 36.30 7.22
C ASP H 171 -29.66 35.99 6.36
N LEU H 172 -30.27 34.83 6.56
CA LEU H 172 -31.42 34.44 5.78
C LEU H 172 -32.69 34.37 6.65
N GLY H 173 -32.65 35.06 7.78
CA GLY H 173 -33.81 35.07 8.66
C GLY H 173 -33.64 34.40 10.01
N GLU H 174 -34.75 34.11 10.64
CA GLU H 174 -34.80 33.47 11.96
C GLU H 174 -34.61 31.95 11.82
N ASP H 175 -33.93 31.33 12.79
CA ASP H 175 -33.70 29.89 12.78
C ASP H 175 -35.03 29.14 12.98
N TYR H 176 -35.16 27.99 12.33
CA TYR H 176 -36.37 27.21 12.44
C TYR H 176 -36.14 25.71 12.26
N LEU H 177 -37.10 24.91 12.73
CA LEU H 177 -37.06 23.45 12.63
C LEU H 177 -36.89 22.99 11.20
N LEU H 178 -36.04 21.98 10.98
CA LEU H 178 -35.89 21.46 9.64
C LEU H 178 -37.18 20.70 9.36
N PRO H 179 -37.85 20.98 8.24
CA PRO H 179 -39.09 20.28 7.96
C PRO H 179 -38.94 18.78 7.72
N VAL H 180 -39.24 17.98 8.74
CA VAL H 180 -39.20 16.53 8.63
C VAL H 180 -40.63 16.00 8.46
N ARG H 181 -40.85 15.09 7.50
CA ARG H 181 -42.19 14.58 7.27
C ARG H 181 -42.40 13.05 7.23
N ASP H 182 -41.51 12.29 7.84
CA ASP H 182 -41.67 10.85 7.88
C ASP H 182 -40.63 10.24 8.80
N LEU H 183 -40.84 8.99 9.23
CA LEU H 183 -39.92 8.33 10.14
C LEU H 183 -39.35 7.00 9.66
N PRO H 184 -38.32 7.02 8.81
CA PRO H 184 -37.73 5.77 8.32
C PRO H 184 -37.12 5.00 9.48
N VAL H 185 -37.28 3.69 9.48
CA VAL H 185 -36.69 2.87 10.54
C VAL H 185 -36.22 1.53 9.97
N SER H 186 -34.97 1.17 10.28
CA SER H 186 -34.40 -0.09 9.78
C SER H 186 -34.42 -1.22 10.78
N VAL H 187 -34.62 -2.43 10.28
CA VAL H 187 -34.64 -3.61 11.12
C VAL H 187 -33.74 -4.66 10.46
N THR H 188 -32.64 -4.94 11.12
CA THR H 188 -31.66 -5.89 10.61
C THR H 188 -31.76 -7.22 11.32
N SER H 189 -31.64 -8.30 10.56
CA SER H 189 -31.69 -9.62 11.14
C SER H 189 -30.52 -10.50 10.65
N LEU H 190 -30.02 -11.33 11.57
CA LEU H 190 -28.94 -12.25 11.29
C LEU H 190 -29.60 -13.53 10.82
N ILE H 191 -29.20 -14.03 9.66
CA ILE H 191 -29.77 -15.26 9.12
C ILE H 191 -28.81 -16.44 9.27
N VAL H 192 -29.24 -17.48 9.96
CA VAL H 192 -28.39 -18.66 10.11
C VAL H 192 -29.24 -19.85 9.66
N GLY H 193 -28.93 -20.39 8.48
CA GLY H 193 -29.72 -21.50 7.98
C GLY H 193 -31.14 -21.04 7.71
N ASN H 194 -32.10 -21.57 8.47
CA ASN H 194 -33.50 -21.19 8.31
C ASN H 194 -34.03 -20.51 9.57
N LYS H 195 -33.11 -19.87 10.29
CA LYS H 195 -33.45 -19.16 11.51
C LYS H 195 -32.91 -17.74 11.39
N TYR H 196 -33.66 -16.79 11.95
CA TYR H 196 -33.27 -15.39 11.94
C TYR H 196 -33.22 -14.84 13.36
N LEU H 197 -32.32 -13.89 13.60
CA LEU H 197 -32.22 -13.28 14.92
C LEU H 197 -32.34 -11.77 14.68
N VAL H 198 -33.43 -11.18 15.15
CA VAL H 198 -33.62 -9.75 14.97
C VAL H 198 -32.69 -8.98 15.89
N ASP H 199 -32.12 -7.90 15.38
CA ASP H 199 -31.17 -7.08 16.14
C ASP H 199 -30.06 -7.93 16.74
N PRO H 200 -29.22 -8.53 15.90
CA PRO H 200 -28.11 -9.36 16.40
C PRO H 200 -27.07 -8.55 17.16
N SER H 201 -26.44 -9.21 18.13
CA SER H 201 -25.40 -8.60 18.93
C SER H 201 -24.04 -8.95 18.32
N ARG H 202 -22.99 -8.34 18.86
CA ARG H 202 -21.63 -8.58 18.41
C ARG H 202 -21.32 -10.08 18.47
N GLU H 203 -21.70 -10.71 19.57
CA GLU H 203 -21.43 -12.13 19.77
C GLU H 203 -22.18 -13.04 18.81
N GLU H 204 -23.41 -12.67 18.49
CA GLU H 204 -24.22 -13.46 17.57
C GLU H 204 -23.66 -13.30 16.15
N MET H 205 -23.12 -12.13 15.86
CA MET H 205 -22.54 -11.86 14.53
C MET H 205 -21.36 -12.78 14.26
N SER H 206 -20.88 -13.43 15.32
CA SER H 206 -19.75 -14.34 15.21
C SER H 206 -20.06 -15.50 14.28
N VAL H 207 -21.34 -15.82 14.14
CA VAL H 207 -21.74 -16.93 13.27
C VAL H 207 -21.44 -16.63 11.81
N GLY H 208 -21.45 -15.35 11.45
CA GLY H 208 -21.19 -14.96 10.08
C GLY H 208 -21.80 -13.62 9.78
N ASP H 209 -21.42 -13.01 8.64
CA ASP H 209 -21.93 -11.69 8.28
C ASP H 209 -23.09 -11.80 7.28
N THR H 210 -23.98 -12.75 7.52
CA THR H 210 -25.12 -12.98 6.63
C THR H 210 -26.42 -12.37 7.16
N THR H 211 -26.76 -11.18 6.68
CA THR H 211 -27.95 -10.48 7.16
C THR H 211 -29.03 -10.11 6.14
N LEU H 212 -30.03 -9.39 6.62
CA LEU H 212 -31.16 -8.93 5.81
C LEU H 212 -31.68 -7.69 6.52
N THR H 213 -31.78 -6.57 5.79
CA THR H 213 -32.27 -5.31 6.35
C THR H 213 -33.50 -4.81 5.64
N ILE H 214 -34.50 -4.42 6.41
CA ILE H 214 -35.77 -3.90 5.88
C ILE H 214 -36.13 -2.58 6.57
N THR H 215 -36.36 -1.54 5.76
CA THR H 215 -36.70 -0.23 6.28
C THR H 215 -38.13 0.12 5.90
N THR H 216 -38.87 0.70 6.83
CA THR H 216 -40.26 1.08 6.60
C THR H 216 -40.50 2.55 6.94
N ASP H 217 -41.64 3.06 6.49
CA ASP H 217 -42.02 4.45 6.75
C ASP H 217 -43.13 4.46 7.80
N LYS H 218 -43.67 5.65 8.08
CA LYS H 218 -44.75 5.79 9.06
C LYS H 218 -46.05 5.02 8.75
N ASP H 219 -46.34 4.83 7.47
CA ASP H 219 -47.55 4.10 7.07
C ASP H 219 -47.26 2.63 6.82
N ASP H 220 -46.16 2.16 7.38
CA ASP H 220 -45.72 0.77 7.29
C ASP H 220 -45.33 0.17 5.95
N ASN H 221 -45.13 1.01 4.94
CA ASN H 221 -44.72 0.51 3.65
C ASN H 221 -43.19 0.32 3.66
N VAL H 222 -42.71 -0.60 2.83
CA VAL H 222 -41.29 -0.89 2.71
C VAL H 222 -40.66 0.16 1.81
N VAL H 223 -39.67 0.87 2.34
CA VAL H 223 -38.99 1.92 1.59
C VAL H 223 -37.53 1.55 1.19
N ALA H 224 -37.02 0.44 1.71
CA ALA H 224 -35.68 0.02 1.36
C ALA H 224 -35.40 -1.39 1.88
N MET H 225 -34.68 -2.18 1.09
CA MET H 225 -34.28 -3.54 1.50
C MET H 225 -32.87 -3.83 1.07
N GLN H 226 -32.12 -4.53 1.92
CA GLN H 226 -30.74 -4.88 1.58
C GLN H 226 -30.36 -6.25 2.14
N LYS H 227 -29.99 -7.14 1.25
CA LYS H 227 -29.53 -8.48 1.63
C LYS H 227 -28.00 -8.38 1.62
N SER H 228 -27.33 -8.84 2.66
CA SER H 228 -25.88 -8.69 2.67
C SER H 228 -25.17 -9.88 3.23
N GLY H 229 -24.08 -10.24 2.59
CA GLY H 229 -23.30 -11.40 2.97
C GLY H 229 -23.44 -12.44 1.88
N GLY H 230 -22.55 -13.42 1.88
CA GLY H 230 -22.61 -14.42 0.84
C GLY H 230 -23.33 -15.67 1.31
N TYR H 231 -24.66 -15.68 1.17
CA TYR H 231 -25.47 -16.81 1.56
C TYR H 231 -26.71 -16.79 0.70
N LEU H 232 -27.44 -17.90 0.72
CA LEU H 232 -28.67 -18.03 -0.05
C LEU H 232 -29.85 -17.83 0.90
N LEU H 233 -30.80 -17.00 0.49
CA LEU H 233 -31.97 -16.67 1.28
C LEU H 233 -33.18 -17.52 0.87
N ASP H 234 -33.77 -18.25 1.81
CA ASP H 234 -34.95 -19.05 1.51
C ASP H 234 -36.13 -18.08 1.36
N GLU H 235 -36.90 -18.23 0.28
CA GLU H 235 -38.05 -17.36 0.04
C GLU H 235 -39.09 -17.44 1.15
N LYS H 236 -39.13 -18.57 1.86
CA LYS H 236 -40.08 -18.74 2.96
C LYS H 236 -39.66 -17.86 4.14
N LEU H 237 -38.43 -18.04 4.60
CA LEU H 237 -37.91 -17.27 5.70
C LEU H 237 -38.15 -15.80 5.40
N PHE H 238 -37.80 -15.40 4.17
CA PHE H 238 -37.98 -14.02 3.73
C PHE H 238 -39.43 -13.57 3.86
N ASP H 239 -40.37 -14.45 3.56
CA ASP H 239 -41.79 -14.12 3.66
C ASP H 239 -42.19 -13.88 5.13
N GLU H 240 -41.69 -14.73 6.01
CA GLU H 240 -42.00 -14.57 7.43
C GLU H 240 -41.29 -13.35 7.98
N LEU H 241 -40.00 -13.24 7.68
CA LEU H 241 -39.18 -12.14 8.15
C LEU H 241 -39.74 -10.77 7.75
N LEU H 242 -40.26 -10.67 6.54
CA LEU H 242 -40.82 -9.42 6.05
C LEU H 242 -41.85 -8.85 7.04
N ASP H 243 -42.75 -9.70 7.52
CA ASP H 243 -43.77 -9.23 8.44
C ASP H 243 -43.23 -8.93 9.81
N VAL H 244 -42.34 -9.77 10.32
CA VAL H 244 -41.76 -9.55 11.63
C VAL H 244 -41.02 -8.21 11.72
N SER H 245 -40.29 -7.88 10.67
CA SER H 245 -39.55 -6.63 10.61
C SER H 245 -40.45 -5.38 10.60
N ILE H 246 -41.52 -5.41 9.81
CA ILE H 246 -42.45 -4.29 9.75
C ILE H 246 -43.05 -4.05 11.14
N ASN H 247 -43.28 -5.13 11.86
CA ASN H 247 -43.86 -5.04 13.19
C ASN H 247 -42.84 -4.40 14.14
N CYS H 248 -41.65 -5.01 14.23
CA CYS H 248 -40.58 -4.49 15.08
C CYS H 248 -40.34 -3.01 14.82
N ALA H 249 -40.36 -2.65 13.54
CA ALA H 249 -40.15 -1.27 13.12
C ALA H 249 -41.19 -0.35 13.73
N ARG H 250 -42.43 -0.84 13.80
CA ARG H 250 -43.54 -0.06 14.36
C ARG H 250 -43.34 0.19 15.85
N LYS H 251 -42.95 -0.84 16.60
CA LYS H 251 -42.71 -0.64 18.03
C LYS H 251 -41.60 0.37 18.25
N LEU H 252 -40.53 0.28 17.47
CA LEU H 252 -39.43 1.22 17.62
C LEU H 252 -39.89 2.63 17.29
N ARG H 253 -40.68 2.76 16.22
CA ARG H 253 -41.18 4.07 15.82
C ARG H 253 -41.95 4.77 16.94
N GLU H 254 -42.44 4.00 17.92
CA GLU H 254 -43.17 4.57 19.05
C GLU H 254 -42.25 5.52 19.81
N LYS H 255 -41.02 5.07 20.04
CA LYS H 255 -40.03 5.87 20.78
C LYS H 255 -39.94 7.29 20.28
N PHE H 256 -40.37 7.54 19.05
CA PHE H 256 -40.30 8.90 18.49
C PHE H 256 -41.40 9.85 18.91
N LYS H 257 -42.35 9.35 19.70
CA LYS H 257 -43.42 10.20 20.22
C LYS H 257 -42.89 10.72 21.54
N GLU H 258 -41.56 10.67 21.67
CA GLU H 258 -40.87 11.11 22.88
C GLU H 258 -41.05 10.06 23.97
N GLU I 3 9.36 -16.14 -10.25
CA GLU I 3 8.13 -15.88 -11.05
C GLU I 3 8.27 -16.38 -12.49
N ASP I 4 7.26 -17.10 -12.95
CA ASP I 4 7.23 -17.64 -14.29
C ASP I 4 5.96 -18.47 -14.43
N ILE I 5 5.56 -18.73 -15.66
CA ILE I 5 4.36 -19.53 -15.91
C ILE I 5 4.64 -20.45 -17.10
N LEU I 6 4.88 -19.83 -18.26
CA LEU I 6 5.16 -20.55 -19.49
C LEU I 6 6.11 -19.68 -20.31
N VAL I 7 6.44 -18.52 -19.77
CA VAL I 7 7.29 -17.55 -20.42
C VAL I 7 8.62 -18.10 -20.93
N ASP I 8 9.45 -18.60 -20.01
CA ASP I 8 10.76 -19.13 -20.42
C ASP I 8 10.65 -20.21 -21.48
N ILE I 9 9.74 -21.16 -21.29
CA ILE I 9 9.56 -22.23 -22.25
C ILE I 9 9.20 -21.62 -23.60
N LYS I 10 8.22 -20.73 -23.60
CA LYS I 10 7.80 -20.08 -24.83
C LYS I 10 8.91 -19.14 -25.33
N ARG I 11 9.64 -18.53 -24.40
CA ARG I 11 10.73 -17.63 -24.75
C ARG I 11 11.84 -18.40 -25.43
N ASP I 12 12.15 -19.58 -24.89
CA ASP I 12 13.19 -20.45 -25.46
C ASP I 12 12.79 -20.87 -26.87
N TYR I 13 11.51 -21.18 -27.03
CA TYR I 13 10.96 -21.59 -28.32
C TYR I 13 11.02 -20.45 -29.33
N VAL I 14 10.56 -19.26 -28.92
CA VAL I 14 10.59 -18.13 -29.83
C VAL I 14 12.01 -17.82 -30.26
N LEU I 15 12.95 -17.88 -29.32
CA LEU I 15 14.36 -17.61 -29.66
C LEU I 15 14.92 -18.75 -30.51
N SER I 16 14.48 -19.97 -30.22
CA SER I 16 14.94 -21.14 -30.96
C SER I 16 14.67 -21.01 -32.45
N LYS I 17 13.43 -20.70 -32.81
CA LYS I 17 13.09 -20.55 -34.22
C LYS I 17 13.70 -19.30 -34.85
N LEU I 18 13.98 -18.29 -34.03
CA LEU I 18 14.56 -17.06 -34.53
C LEU I 18 15.93 -17.33 -35.14
N ARG I 19 16.67 -18.23 -34.52
CA ARG I 19 17.99 -18.59 -35.01
C ARG I 19 17.94 -19.17 -36.41
N ASP I 20 16.77 -19.66 -36.80
CA ASP I 20 16.59 -20.23 -38.13
C ASP I 20 15.91 -19.18 -39.00
N ASN I 21 15.75 -17.99 -38.45
CA ASN I 21 15.12 -16.88 -39.17
C ASN I 21 13.67 -17.11 -39.56
N GLU I 22 12.91 -17.67 -38.62
CA GLU I 22 11.49 -17.95 -38.82
C GLU I 22 10.73 -17.43 -37.61
N ARG I 23 9.47 -17.07 -37.81
CA ARG I 23 8.63 -16.59 -36.71
C ARG I 23 7.73 -17.78 -36.39
N ILE I 24 7.39 -17.99 -35.13
CA ILE I 24 6.58 -19.16 -34.77
C ILE I 24 5.27 -19.34 -35.52
N ASP I 25 4.69 -18.25 -36.04
CA ASP I 25 3.43 -18.36 -36.79
C ASP I 25 3.73 -18.43 -38.28
N GLY I 26 5.02 -18.50 -38.59
CA GLY I 26 5.43 -18.59 -39.98
C GLY I 26 5.37 -17.33 -40.82
N ARG I 27 4.92 -16.21 -40.28
CA ARG I 27 4.87 -15.02 -41.11
C ARG I 27 6.23 -14.33 -41.20
N GLY I 28 6.36 -13.44 -42.18
CA GLY I 28 7.61 -12.72 -42.38
C GLY I 28 7.89 -11.63 -41.36
N PHE I 29 9.15 -11.25 -41.22
CA PHE I 29 9.54 -10.23 -40.27
C PHE I 29 9.00 -8.84 -40.55
N ASP I 30 8.43 -8.64 -41.75
CA ASP I 30 7.88 -7.34 -42.09
C ASP I 30 6.39 -7.43 -42.30
N GLU I 31 5.76 -8.53 -41.91
CA GLU I 31 4.33 -8.61 -42.12
C GLU I 31 3.45 -8.52 -40.88
N PHE I 32 2.40 -7.69 -40.99
CA PHE I 32 1.45 -7.51 -39.91
C PHE I 32 0.51 -8.69 -39.90
N ARG I 33 -0.28 -8.80 -38.83
CA ARG I 33 -1.29 -9.83 -38.75
C ARG I 33 -2.53 -9.21 -39.42
N LYS I 34 -3.55 -10.01 -39.68
CA LYS I 34 -4.77 -9.51 -40.31
C LYS I 34 -5.41 -8.40 -39.46
N VAL I 35 -5.90 -7.35 -40.11
CA VAL I 35 -6.53 -6.25 -39.40
C VAL I 35 -7.97 -6.02 -39.79
N GLU I 36 -8.82 -5.83 -38.78
CA GLU I 36 -10.24 -5.56 -39.00
C GLU I 36 -10.55 -4.24 -38.28
N ILE I 37 -11.18 -3.31 -38.99
CA ILE I 37 -11.54 -2.03 -38.40
C ILE I 37 -13.06 -1.93 -38.46
N ILE I 38 -13.70 -1.90 -37.29
CA ILE I 38 -15.16 -1.82 -37.20
C ILE I 38 -15.61 -0.56 -36.47
N PRO I 39 -16.06 0.45 -37.22
CA PRO I 39 -16.50 1.71 -36.61
C PRO I 39 -17.92 1.69 -36.12
N ASN I 40 -18.30 2.74 -35.39
CA ASN I 40 -19.65 2.88 -34.85
C ASN I 40 -20.16 1.67 -34.04
N VAL I 41 -19.53 1.38 -32.91
CA VAL I 41 -19.96 0.24 -32.10
C VAL I 41 -20.56 0.63 -30.77
N ILE I 42 -20.34 1.87 -30.36
CA ILE I 42 -20.89 2.36 -29.10
C ILE I 42 -21.78 3.55 -29.44
N GLU I 43 -22.98 3.26 -29.92
CA GLU I 43 -23.93 4.31 -30.30
C GLU I 43 -23.99 5.51 -29.35
N LYS I 44 -23.90 5.28 -28.05
CA LYS I 44 -23.95 6.41 -27.11
C LYS I 44 -22.71 7.29 -27.10
N ALA I 45 -21.77 7.05 -28.00
CA ALA I 45 -20.56 7.86 -28.01
C ALA I 45 -20.52 8.75 -29.24
N GLU I 46 -19.89 9.91 -29.11
CA GLU I 46 -19.79 10.84 -30.22
C GLU I 46 -19.01 10.14 -31.35
N GLY I 47 -18.05 9.30 -30.98
CA GLY I 47 -17.27 8.54 -31.95
C GLY I 47 -16.94 7.17 -31.36
N SER I 48 -16.61 6.18 -32.19
CA SER I 48 -16.28 4.86 -31.65
C SER I 48 -15.77 3.88 -32.70
N ALA I 49 -14.85 3.00 -32.30
CA ALA I 49 -14.31 2.01 -33.21
C ALA I 49 -13.67 0.84 -32.49
N LEU I 50 -13.81 -0.35 -33.07
CA LEU I 50 -13.22 -1.56 -32.53
C LEU I 50 -12.22 -2.05 -33.55
N VAL I 51 -11.05 -2.47 -33.09
CA VAL I 51 -10.05 -2.98 -34.02
C VAL I 51 -9.55 -4.36 -33.61
N LYS I 52 -9.35 -5.21 -34.60
CA LYS I 52 -8.81 -6.53 -34.35
C LYS I 52 -7.47 -6.66 -35.09
N LEU I 53 -6.42 -6.88 -34.31
CA LEU I 53 -5.08 -7.06 -34.85
C LEU I 53 -4.73 -8.46 -34.39
N GLY I 54 -5.04 -9.43 -35.25
CA GLY I 54 -4.81 -10.82 -34.90
C GLY I 54 -5.90 -11.18 -33.90
N ASP I 55 -5.52 -11.80 -32.79
CA ASP I 55 -6.46 -12.17 -31.73
C ASP I 55 -6.50 -11.03 -30.70
N THR I 56 -5.77 -9.95 -30.96
CA THR I 56 -5.73 -8.78 -30.06
C THR I 56 -6.92 -7.87 -30.36
N GLN I 57 -7.57 -7.34 -29.33
CA GLN I 57 -8.73 -6.48 -29.56
C GLN I 57 -8.78 -5.24 -28.69
N VAL I 58 -9.25 -4.14 -29.27
CA VAL I 58 -9.36 -2.91 -28.53
C VAL I 58 -10.51 -2.06 -29.06
N VAL I 59 -11.12 -1.29 -28.16
CA VAL I 59 -12.22 -0.38 -28.49
C VAL I 59 -11.84 1.01 -28.01
N VAL I 60 -12.20 2.00 -28.82
CA VAL I 60 -11.92 3.39 -28.49
C VAL I 60 -13.20 4.20 -28.57
N GLY I 61 -13.43 5.01 -27.55
CA GLY I 61 -14.62 5.85 -27.54
C GLY I 61 -14.24 7.32 -27.56
N VAL I 62 -14.97 8.11 -28.33
CA VAL I 62 -14.73 9.53 -28.41
C VAL I 62 -15.93 10.28 -27.84
N LYS I 63 -15.71 11.05 -26.79
CA LYS I 63 -16.77 11.83 -26.17
C LYS I 63 -16.38 13.31 -26.27
N MET I 64 -17.38 14.16 -26.50
CA MET I 64 -17.14 15.60 -26.64
C MET I 64 -18.12 16.46 -25.84
N GLN I 65 -17.58 17.50 -25.23
CA GLN I 65 -18.38 18.44 -24.46
C GLN I 65 -17.63 19.77 -24.42
N PRO I 66 -18.36 20.89 -24.53
CA PRO I 66 -17.68 22.18 -24.50
C PRO I 66 -17.02 22.39 -23.14
N GLY I 67 -15.97 23.18 -23.12
CA GLY I 67 -15.27 23.45 -21.89
C GLY I 67 -14.30 24.60 -22.10
N GLU I 68 -13.58 24.95 -21.05
CA GLU I 68 -12.62 26.04 -21.17
C GLU I 68 -11.25 25.54 -21.61
N PRO I 69 -10.58 26.31 -22.48
CA PRO I 69 -9.26 26.01 -23.03
C PRO I 69 -8.15 26.33 -22.04
N TYR I 70 -6.94 25.88 -22.34
CA TYR I 70 -5.80 26.15 -21.46
C TYR I 70 -5.44 27.63 -21.60
N PRO I 71 -4.98 28.25 -20.51
CA PRO I 71 -4.62 29.67 -20.49
C PRO I 71 -3.43 30.07 -21.36
N ASP I 72 -2.99 29.20 -22.25
CA ASP I 72 -1.86 29.51 -23.13
C ASP I 72 -2.25 29.32 -24.60
N THR I 73 -3.38 28.66 -24.82
CA THR I 73 -3.86 28.40 -26.18
C THR I 73 -5.37 28.63 -26.36
N PRO I 74 -5.86 29.81 -25.97
CA PRO I 74 -7.29 30.16 -26.09
C PRO I 74 -7.82 30.01 -27.50
N ASP I 75 -6.94 30.00 -28.49
CA ASP I 75 -7.38 29.84 -29.88
C ASP I 75 -7.44 28.36 -30.23
N ARG I 76 -7.26 27.48 -29.25
CA ARG I 76 -7.25 26.03 -29.53
C ARG I 76 -8.19 25.13 -28.72
N GLY I 77 -8.81 24.19 -29.42
CA GLY I 77 -9.69 23.24 -28.76
C GLY I 77 -8.80 22.29 -27.97
N VAL I 78 -9.38 21.29 -27.32
CA VAL I 78 -8.59 20.35 -26.51
C VAL I 78 -8.82 18.88 -26.78
N ILE I 79 -7.74 18.11 -26.83
CA ILE I 79 -7.83 16.67 -27.03
C ILE I 79 -7.13 15.98 -25.85
N ILE I 80 -7.86 15.15 -25.13
CA ILE I 80 -7.31 14.42 -24.01
C ILE I 80 -7.40 12.93 -24.28
N VAL I 81 -6.25 12.25 -24.33
CA VAL I 81 -6.21 10.82 -24.59
C VAL I 81 -5.80 10.03 -23.33
N ASN I 82 -6.61 9.02 -22.98
CA ASN I 82 -6.36 8.20 -21.80
C ASN I 82 -6.67 6.74 -22.14
N ALA I 83 -5.99 5.80 -21.47
CA ALA I 83 -6.20 4.37 -21.74
C ALA I 83 -6.38 3.52 -20.50
N GLU I 84 -7.21 2.50 -20.61
CA GLU I 84 -7.39 1.57 -19.50
C GLU I 84 -7.01 0.17 -19.97
N LEU I 85 -5.91 -0.34 -19.45
CA LEU I 85 -5.45 -1.68 -19.79
C LEU I 85 -6.05 -2.57 -18.71
N VAL I 86 -7.39 -2.59 -18.70
CA VAL I 86 -8.16 -3.35 -17.74
C VAL I 86 -7.64 -4.75 -17.48
N PRO I 87 -7.81 -5.21 -16.24
CA PRO I 87 -7.38 -6.54 -15.80
C PRO I 87 -8.12 -7.65 -16.53
N LEU I 88 -9.15 -7.28 -17.29
CA LEU I 88 -9.93 -8.26 -18.05
C LEU I 88 -9.23 -8.59 -19.36
N ALA I 89 -8.34 -7.69 -19.78
CA ALA I 89 -7.58 -7.89 -21.03
C ALA I 89 -6.50 -8.97 -20.90
N SER I 90 -5.93 -9.09 -19.69
CA SER I 90 -4.89 -10.09 -19.43
C SER I 90 -4.69 -10.30 -17.92
N PRO I 91 -4.26 -11.51 -17.52
CA PRO I 91 -4.02 -11.85 -16.11
C PRO I 91 -2.94 -11.00 -15.45
N THR I 92 -2.12 -10.34 -16.25
CA THR I 92 -1.04 -9.51 -15.73
C THR I 92 -1.49 -8.09 -15.42
N PHE I 93 -2.57 -7.64 -16.07
CA PHE I 93 -3.09 -6.30 -15.84
C PHE I 93 -3.68 -6.13 -14.44
N GLU I 94 -3.04 -5.28 -13.65
CA GLU I 94 -3.43 -4.98 -12.27
C GLU I 94 -4.66 -4.08 -12.17
N PRO I 95 -5.59 -4.39 -11.26
CA PRO I 95 -6.82 -3.62 -11.05
C PRO I 95 -6.61 -2.38 -10.17
N GLY I 96 -6.52 -1.21 -10.79
CA GLY I 96 -6.34 0.01 -10.03
C GLY I 96 -6.04 1.21 -10.91
N PRO I 97 -5.28 2.21 -10.40
CA PRO I 97 -4.95 3.40 -11.19
C PRO I 97 -4.01 3.05 -12.36
N PRO I 98 -3.88 3.96 -13.35
CA PRO I 98 -3.01 3.70 -14.49
C PRO I 98 -1.52 3.50 -14.17
N ASP I 99 -0.94 2.48 -14.78
CA ASP I 99 0.47 2.16 -14.59
C ASP I 99 1.36 2.99 -15.52
N GLU I 100 2.62 2.60 -15.63
CA GLU I 100 3.56 3.30 -16.50
C GLU I 100 3.21 2.96 -17.94
N ASN I 101 2.81 1.71 -18.15
CA ASN I 101 2.48 1.21 -19.47
C ASN I 101 1.19 1.79 -20.06
N SER I 102 0.20 1.95 -19.20
CA SER I 102 -1.07 2.51 -19.64
C SER I 102 -0.82 3.95 -20.07
N ILE I 103 -0.07 4.67 -19.25
CA ILE I 103 0.26 6.07 -19.52
C ILE I 103 1.09 6.25 -20.78
N GLU I 104 2.04 5.35 -21.01
CA GLU I 104 2.89 5.46 -22.20
C GLU I 104 2.15 5.11 -23.50
N LEU I 105 1.24 4.15 -23.44
CA LEU I 105 0.50 3.74 -24.63
C LEU I 105 -0.39 4.89 -25.05
N ALA I 106 -0.92 5.61 -24.07
CA ALA I 106 -1.80 6.74 -24.35
C ALA I 106 -0.98 7.90 -24.91
N ARG I 107 0.19 8.16 -24.35
CA ARG I 107 0.98 9.27 -24.85
C ARG I 107 1.36 9.11 -26.31
N VAL I 108 1.72 7.90 -26.70
CA VAL I 108 2.09 7.69 -28.09
C VAL I 108 0.89 7.91 -28.99
N VAL I 109 -0.25 7.29 -28.65
CA VAL I 109 -1.46 7.46 -29.46
C VAL I 109 -1.75 8.94 -29.57
N ASP I 110 -1.51 9.66 -28.48
CA ASP I 110 -1.74 11.11 -28.39
C ASP I 110 -0.75 11.95 -29.20
N ARG I 111 0.47 11.47 -29.36
CA ARG I 111 1.50 12.21 -30.09
C ARG I 111 1.32 12.16 -31.59
N GLY I 112 0.86 11.02 -32.11
CA GLY I 112 0.65 10.87 -33.54
C GLY I 112 -0.53 11.69 -34.06
N ILE I 113 -1.57 11.80 -33.25
CA ILE I 113 -2.75 12.56 -33.64
C ILE I 113 -2.38 14.05 -33.63
N ARG I 114 -1.75 14.47 -32.54
CA ARG I 114 -1.35 15.84 -32.33
C ARG I 114 -0.23 16.35 -33.28
N GLU I 115 0.86 15.60 -33.38
CA GLU I 115 1.97 16.01 -34.24
C GLU I 115 1.66 15.93 -35.73
N SER I 116 0.75 15.06 -36.13
CA SER I 116 0.38 15.00 -37.55
C SER I 116 -0.78 16.00 -37.76
N GLU I 117 -1.23 16.63 -36.67
CA GLU I 117 -2.35 17.58 -36.71
C GLU I 117 -3.54 17.02 -37.49
N ALA I 118 -3.95 15.80 -37.16
CA ALA I 118 -5.08 15.16 -37.82
C ALA I 118 -6.38 15.91 -37.55
N VAL I 119 -6.44 16.60 -36.42
CA VAL I 119 -7.62 17.36 -36.04
C VAL I 119 -7.27 18.84 -35.87
N ASP I 120 -7.87 19.70 -36.70
CA ASP I 120 -7.59 21.13 -36.62
C ASP I 120 -8.24 21.70 -35.36
N LEU I 121 -7.44 21.86 -34.32
CA LEU I 121 -7.94 22.37 -33.03
C LEU I 121 -8.40 23.82 -33.02
N SER I 122 -7.96 24.61 -34.00
CA SER I 122 -8.37 26.01 -34.06
C SER I 122 -9.82 26.06 -34.52
N LYS I 123 -10.22 25.04 -35.27
CA LYS I 123 -11.57 24.91 -35.79
C LYS I 123 -12.56 24.42 -34.72
N LEU I 124 -12.12 24.36 -33.46
CA LEU I 124 -12.98 23.89 -32.38
C LEU I 124 -13.18 24.92 -31.26
N VAL I 125 -13.05 26.19 -31.62
CA VAL I 125 -13.22 27.28 -30.66
C VAL I 125 -14.68 27.77 -30.69
N ILE I 126 -15.20 28.12 -29.52
CA ILE I 126 -16.56 28.62 -29.43
C ILE I 126 -16.51 30.07 -28.94
N GLU I 127 -15.61 30.34 -28.01
CA GLU I 127 -15.43 31.67 -27.46
C GLU I 127 -13.96 31.88 -27.08
N GLU I 128 -13.26 32.66 -27.90
CA GLU I 128 -11.84 32.98 -27.74
C GLU I 128 -11.18 32.40 -26.50
N GLY I 129 -11.50 32.95 -25.33
CA GLY I 129 -10.90 32.43 -24.12
C GLY I 129 -11.90 31.95 -23.10
N GLU I 130 -13.05 31.46 -23.56
CA GLU I 130 -14.09 30.98 -22.66
C GLU I 130 -14.54 29.54 -22.94
N LYS I 131 -14.92 29.26 -24.18
CA LYS I 131 -15.37 27.91 -24.52
C LYS I 131 -14.81 27.34 -25.80
N VAL I 132 -14.43 26.06 -25.74
CA VAL I 132 -13.93 25.35 -26.89
C VAL I 132 -14.36 23.91 -26.68
N TRP I 133 -14.35 23.13 -27.75
CA TRP I 133 -14.71 21.74 -27.63
C TRP I 133 -13.61 20.95 -26.93
N ILE I 134 -14.01 19.95 -26.15
CA ILE I 134 -13.08 19.11 -25.44
C ILE I 134 -13.29 17.70 -25.96
N VAL I 135 -12.27 17.13 -26.60
CA VAL I 135 -12.34 15.80 -27.15
C VAL I 135 -11.66 14.76 -26.27
N PHE I 136 -12.45 13.83 -25.72
CA PHE I 136 -11.92 12.77 -24.88
C PHE I 136 -11.79 11.50 -25.71
N VAL I 137 -10.56 10.98 -25.82
CA VAL I 137 -10.32 9.75 -26.57
C VAL I 137 -9.95 8.71 -25.52
N ASP I 138 -10.89 7.81 -25.22
CA ASP I 138 -10.67 6.78 -24.23
C ASP I 138 -10.47 5.39 -24.82
N ILE I 139 -9.26 4.87 -24.61
CA ILE I 139 -8.85 3.56 -25.12
C ILE I 139 -9.15 2.50 -24.07
N HIS I 140 -9.79 1.42 -24.48
CA HIS I 140 -10.17 0.37 -23.54
C HIS I 140 -9.76 -1.00 -24.07
N ALA I 141 -8.71 -1.59 -23.48
CA ALA I 141 -8.22 -2.89 -23.95
C ALA I 141 -9.20 -4.02 -23.65
N LEU I 142 -9.48 -4.87 -24.63
CA LEU I 142 -10.40 -5.97 -24.42
C LEU I 142 -9.70 -7.34 -24.37
N ASP I 143 -8.72 -7.53 -25.25
CA ASP I 143 -7.98 -8.79 -25.31
C ASP I 143 -6.54 -8.46 -25.68
N ASP I 144 -5.59 -8.78 -24.79
CA ASP I 144 -4.19 -8.49 -25.07
C ASP I 144 -3.45 -9.69 -25.62
N ASP I 145 -3.26 -9.74 -26.93
CA ASP I 145 -2.56 -10.85 -27.56
C ASP I 145 -1.35 -10.29 -28.30
N GLY I 146 -0.93 -9.10 -27.90
CA GLY I 146 0.21 -8.46 -28.52
C GLY I 146 -0.05 -7.19 -29.31
N ASN I 147 0.84 -6.23 -29.12
CA ASN I 147 0.78 -4.97 -29.82
C ASN I 147 -0.52 -4.19 -29.65
N LEU I 148 -0.89 -3.89 -28.42
CA LEU I 148 -2.09 -3.11 -28.18
C LEU I 148 -1.84 -1.68 -28.67
N LEU I 149 -0.58 -1.25 -28.61
CA LEU I 149 -0.22 0.09 -29.05
C LEU I 149 -0.71 0.38 -30.47
N ASP I 150 -0.29 -0.43 -31.43
CA ASP I 150 -0.71 -0.20 -32.82
C ASP I 150 -2.21 -0.35 -32.99
N ALA I 151 -2.78 -1.38 -32.39
CA ALA I 151 -4.21 -1.60 -32.48
C ALA I 151 -4.96 -0.39 -31.94
N SER I 152 -4.39 0.25 -30.92
CA SER I 152 -5.00 1.42 -30.31
C SER I 152 -4.90 2.66 -31.20
N ALA I 153 -3.74 2.84 -31.82
CA ALA I 153 -3.52 3.98 -32.70
C ALA I 153 -4.48 3.93 -33.88
N LEU I 154 -4.57 2.76 -34.51
CA LEU I 154 -5.47 2.58 -35.65
C LEU I 154 -6.91 2.84 -35.21
N ALA I 155 -7.27 2.29 -34.04
CA ALA I 155 -8.60 2.43 -33.51
C ALA I 155 -8.92 3.86 -33.16
N ALA I 156 -7.95 4.56 -32.61
CA ALA I 156 -8.16 5.93 -32.21
C ALA I 156 -8.47 6.79 -33.41
N ILE I 157 -7.65 6.68 -34.47
CA ILE I 157 -7.86 7.51 -35.64
C ILE I 157 -9.11 7.10 -36.41
N ALA I 158 -9.46 5.83 -36.32
CA ALA I 158 -10.64 5.33 -37.00
C ALA I 158 -11.87 5.87 -36.27
N ALA I 159 -11.75 6.06 -34.96
CA ALA I 159 -12.84 6.57 -34.15
C ALA I 159 -13.05 8.05 -34.41
N LEU I 160 -11.95 8.80 -34.52
CA LEU I 160 -12.03 10.23 -34.79
C LEU I 160 -12.71 10.42 -36.14
N MET I 161 -12.24 9.71 -37.14
CA MET I 161 -12.81 9.79 -38.49
C MET I 161 -14.31 9.48 -38.51
N ASN I 162 -14.83 8.95 -37.42
CA ASN I 162 -16.26 8.63 -37.39
C ASN I 162 -16.96 9.36 -36.28
N THR I 163 -16.33 10.41 -35.79
CA THR I 163 -16.87 11.21 -34.71
C THR I 163 -17.85 12.26 -35.25
N LYS I 164 -18.91 12.50 -34.50
CA LYS I 164 -19.95 13.45 -34.88
C LYS I 164 -20.05 14.49 -33.75
N VAL I 165 -19.73 15.74 -34.06
CA VAL I 165 -19.79 16.80 -33.04
C VAL I 165 -21.20 17.05 -32.54
N PRO I 166 -21.44 16.82 -31.25
CA PRO I 166 -22.75 17.01 -30.59
C PRO I 166 -23.12 18.48 -30.34
N ALA I 167 -23.16 19.26 -31.41
CA ALA I 167 -23.49 20.69 -31.29
C ALA I 167 -24.88 20.92 -30.73
N GLU I 168 -25.87 20.36 -31.43
CA GLU I 168 -27.26 20.48 -31.08
C GLU I 168 -27.54 20.17 -29.63
N ARG I 169 -26.87 19.16 -29.07
CA ARG I 169 -27.07 18.78 -27.67
C ARG I 169 -26.77 19.91 -26.71
N PHE I 170 -25.92 20.85 -27.11
CA PHE I 170 -25.56 21.97 -26.26
C PHE I 170 -26.06 23.29 -26.82
N ASP I 171 -26.98 23.22 -27.77
CA ASP I 171 -27.55 24.42 -28.40
C ASP I 171 -26.46 25.33 -28.95
N LEU I 172 -25.48 24.73 -29.64
CA LEU I 172 -24.38 25.49 -30.21
C LEU I 172 -24.31 25.39 -31.73
N GLY I 173 -25.37 24.89 -32.34
CA GLY I 173 -25.37 24.77 -33.79
C GLY I 173 -25.90 23.43 -34.23
N GLU I 174 -25.68 23.09 -35.49
CA GLU I 174 -26.13 21.81 -36.03
C GLU I 174 -24.95 20.84 -36.09
N ASP I 175 -25.20 19.58 -35.77
CA ASP I 175 -24.16 18.54 -35.78
C ASP I 175 -23.39 18.44 -37.09
N TYR I 176 -22.16 17.94 -37.00
CA TYR I 176 -21.32 17.76 -38.17
C TYR I 176 -20.16 16.81 -37.87
N LEU I 177 -19.58 16.25 -38.94
CA LEU I 177 -18.46 15.34 -38.81
C LEU I 177 -17.18 16.05 -38.39
N LEU I 178 -16.46 15.45 -37.45
CA LEU I 178 -15.21 16.01 -36.99
C LEU I 178 -14.33 16.03 -38.21
N PRO I 179 -13.87 17.21 -38.61
CA PRO I 179 -13.02 17.28 -39.79
C PRO I 179 -11.63 16.73 -39.52
N VAL I 180 -11.35 15.53 -40.03
CA VAL I 180 -10.03 14.92 -39.85
C VAL I 180 -9.21 15.17 -41.11
N ARG I 181 -8.05 15.80 -40.95
CA ARG I 181 -7.20 16.14 -42.09
C ARG I 181 -5.97 15.27 -42.34
N ASP I 182 -5.67 14.33 -41.46
CA ASP I 182 -4.51 13.46 -41.67
C ASP I 182 -4.82 12.06 -41.14
N LEU I 183 -3.90 11.13 -41.34
CA LEU I 183 -4.11 9.74 -40.94
C LEU I 183 -2.86 9.12 -40.32
N PRO I 184 -2.61 9.37 -39.03
CA PRO I 184 -1.43 8.81 -38.35
C PRO I 184 -1.56 7.29 -38.18
N VAL I 185 -0.45 6.58 -38.32
CA VAL I 185 -0.43 5.13 -38.18
C VAL I 185 0.92 4.82 -37.56
N SER I 186 0.94 3.89 -36.62
CA SER I 186 2.19 3.55 -35.97
C SER I 186 2.55 2.09 -36.16
N VAL I 187 3.83 1.84 -36.29
CA VAL I 187 4.31 0.49 -36.50
C VAL I 187 5.26 0.15 -35.39
N THR I 188 4.90 -0.88 -34.62
CA THR I 188 5.70 -1.32 -33.51
C THR I 188 6.38 -2.64 -33.80
N SER I 189 7.68 -2.69 -33.54
CA SER I 189 8.47 -3.90 -33.76
C SER I 189 9.20 -4.34 -32.49
N LEU I 190 9.39 -5.65 -32.39
CA LEU I 190 10.09 -6.23 -31.25
C LEU I 190 11.54 -6.32 -31.72
N ILE I 191 12.47 -5.86 -30.90
CA ILE I 191 13.87 -5.91 -31.25
C ILE I 191 14.53 -6.99 -30.42
N VAL I 192 15.00 -8.04 -31.09
CA VAL I 192 15.67 -9.13 -30.40
C VAL I 192 17.09 -9.22 -30.96
N GLY I 193 18.04 -8.59 -30.27
CA GLY I 193 19.40 -8.60 -30.76
C GLY I 193 19.55 -7.71 -31.97
N ASN I 194 20.06 -8.27 -33.06
CA ASN I 194 20.21 -7.49 -34.28
C ASN I 194 19.12 -7.83 -35.27
N LYS I 195 18.01 -8.33 -34.74
CA LYS I 195 16.88 -8.69 -35.57
C LYS I 195 15.62 -8.01 -35.02
N TYR I 196 14.69 -7.71 -35.90
CA TYR I 196 13.44 -7.09 -35.51
C TYR I 196 12.25 -7.89 -36.03
N LEU I 197 11.15 -7.82 -35.30
CA LEU I 197 9.91 -8.50 -35.69
C LEU I 197 8.81 -7.47 -35.75
N VAL I 198 8.27 -7.24 -36.95
CA VAL I 198 7.20 -6.26 -37.06
C VAL I 198 5.93 -6.87 -36.48
N ASP I 199 5.15 -6.05 -35.77
CA ASP I 199 3.90 -6.45 -35.15
C ASP I 199 4.00 -7.69 -34.28
N PRO I 200 4.71 -7.60 -33.15
CA PRO I 200 4.88 -8.74 -32.26
C PRO I 200 3.59 -9.23 -31.56
N SER I 201 3.57 -10.50 -31.22
CA SER I 201 2.43 -11.12 -30.55
C SER I 201 2.74 -11.29 -29.07
N ARG I 202 1.73 -11.69 -28.31
CA ARG I 202 1.86 -11.90 -26.87
C ARG I 202 2.95 -12.94 -26.63
N GLU I 203 2.89 -14.05 -27.35
CA GLU I 203 3.89 -15.08 -27.19
C GLU I 203 5.30 -14.61 -27.55
N GLU I 204 5.43 -13.87 -28.65
CA GLU I 204 6.73 -13.36 -29.03
C GLU I 204 7.26 -12.38 -27.97
N MET I 205 6.35 -11.62 -27.37
CA MET I 205 6.71 -10.65 -26.33
C MET I 205 7.34 -11.29 -25.10
N SER I 206 7.26 -12.63 -25.01
CA SER I 206 7.80 -13.39 -23.89
C SER I 206 9.31 -13.22 -23.78
N VAL I 207 9.91 -12.77 -24.87
CA VAL I 207 11.34 -12.57 -24.94
C VAL I 207 11.75 -11.33 -24.12
N GLY I 208 10.86 -10.37 -24.02
CA GLY I 208 11.15 -9.16 -23.28
C GLY I 208 10.46 -7.97 -23.92
N ASP I 209 10.17 -6.94 -23.14
CA ASP I 209 9.49 -5.75 -23.65
C ASP I 209 10.44 -4.75 -24.34
N THR I 210 11.13 -5.19 -25.39
CA THR I 210 12.08 -4.33 -26.08
C THR I 210 11.61 -3.97 -27.49
N THR I 211 11.08 -2.75 -27.64
CA THR I 211 10.54 -2.32 -28.93
C THR I 211 10.92 -0.94 -29.44
N LEU I 212 10.45 -0.66 -30.65
CA LEU I 212 10.68 0.59 -31.34
C LEU I 212 9.39 0.87 -32.09
N THR I 213 8.82 2.05 -31.88
CA THR I 213 7.58 2.42 -32.55
C THR I 213 7.82 3.69 -33.38
N ILE I 214 7.41 3.64 -34.64
CA ILE I 214 7.55 4.77 -35.55
C ILE I 214 6.16 5.14 -36.11
N THR I 215 5.76 6.40 -35.99
CA THR I 215 4.47 6.84 -36.49
C THR I 215 4.63 7.78 -37.70
N THR I 216 3.88 7.49 -38.75
CA THR I 216 3.92 8.24 -40.00
C THR I 216 2.60 8.95 -40.29
N ASP I 217 2.65 9.97 -41.15
CA ASP I 217 1.43 10.68 -41.55
C ASP I 217 1.09 10.25 -42.99
N LYS I 218 0.04 10.81 -43.58
CA LYS I 218 -0.34 10.41 -44.93
C LYS I 218 0.68 10.66 -46.08
N ASP I 219 1.63 11.57 -45.88
CA ASP I 219 2.62 11.85 -46.92
C ASP I 219 3.91 11.08 -46.69
N ASP I 220 3.88 10.10 -45.79
CA ASP I 220 5.05 9.28 -45.48
C ASP I 220 6.14 9.95 -44.64
N ASN I 221 5.80 11.04 -43.95
CA ASN I 221 6.77 11.72 -43.09
C ASN I 221 6.69 11.12 -41.69
N VAL I 222 7.83 11.06 -41.01
CA VAL I 222 7.84 10.55 -39.64
C VAL I 222 7.25 11.69 -38.81
N VAL I 223 6.42 11.35 -37.83
CA VAL I 223 5.76 12.37 -37.04
C VAL I 223 5.88 12.08 -35.56
N ALA I 224 6.26 10.85 -35.24
CA ALA I 224 6.44 10.41 -33.85
C ALA I 224 7.26 9.13 -33.82
N MET I 225 8.23 9.07 -32.91
CA MET I 225 9.07 7.88 -32.74
C MET I 225 9.27 7.62 -31.25
N GLN I 226 9.37 6.35 -30.89
CA GLN I 226 9.53 5.99 -29.48
C GLN I 226 10.21 4.64 -29.28
N LYS I 227 11.38 4.66 -28.65
CA LYS I 227 12.09 3.44 -28.34
C LYS I 227 11.71 3.09 -26.91
N SER I 228 11.41 1.82 -26.65
CA SER I 228 11.02 1.39 -25.31
C SER I 228 11.68 0.10 -24.87
N GLY I 229 11.92 0.00 -23.57
CA GLY I 229 12.54 -1.19 -23.02
C GLY I 229 14.03 -0.99 -22.82
N GLY I 230 14.60 -1.79 -21.92
CA GLY I 230 16.02 -1.66 -21.63
C GLY I 230 16.88 -2.47 -22.58
N TYR I 231 17.22 -1.88 -23.73
CA TYR I 231 18.06 -2.56 -24.71
C TYR I 231 18.81 -1.53 -25.53
N LEU I 232 19.82 -1.98 -26.25
CA LEU I 232 20.61 -1.11 -27.10
C LEU I 232 20.15 -1.29 -28.53
N LEU I 233 19.98 -0.18 -29.24
CA LEU I 233 19.53 -0.21 -30.62
C LEU I 233 20.69 0.03 -31.59
N ASP I 234 20.96 -0.95 -32.45
CA ASP I 234 22.02 -0.81 -33.45
C ASP I 234 21.55 0.22 -34.46
N GLU I 235 22.41 1.20 -34.74
CA GLU I 235 22.06 2.25 -35.68
C GLU I 235 21.72 1.69 -37.07
N LYS I 236 22.34 0.58 -37.45
CA LYS I 236 22.05 0.02 -38.76
C LYS I 236 20.70 -0.70 -38.81
N LEU I 237 20.23 -1.18 -37.66
CA LEU I 237 18.94 -1.84 -37.63
C LEU I 237 17.91 -0.73 -37.74
N PHE I 238 18.19 0.39 -37.09
CA PHE I 238 17.31 1.54 -37.14
C PHE I 238 17.12 2.05 -38.58
N ASP I 239 18.22 2.16 -39.32
CA ASP I 239 18.17 2.62 -40.71
C ASP I 239 17.25 1.74 -41.54
N GLU I 240 17.33 0.43 -41.31
CA GLU I 240 16.53 -0.51 -42.05
C GLU I 240 15.06 -0.48 -41.63
N LEU I 241 14.83 -0.53 -40.32
CA LEU I 241 13.49 -0.54 -39.75
C LEU I 241 12.73 0.75 -40.04
N LEU I 242 13.44 1.86 -40.11
CA LEU I 242 12.81 3.12 -40.42
C LEU I 242 12.07 3.03 -41.74
N ASP I 243 12.76 2.57 -42.77
CA ASP I 243 12.18 2.44 -44.10
C ASP I 243 11.13 1.36 -44.14
N VAL I 244 11.43 0.22 -43.53
CA VAL I 244 10.49 -0.88 -43.50
C VAL I 244 9.20 -0.39 -42.83
N SER I 245 9.36 0.34 -41.73
CA SER I 245 8.23 0.91 -40.99
C SER I 245 7.38 1.87 -41.81
N ILE I 246 8.03 2.70 -42.62
CA ILE I 246 7.32 3.66 -43.47
C ILE I 246 6.55 2.90 -44.55
N ASN I 247 7.09 1.77 -44.99
CA ASN I 247 6.46 0.93 -46.02
C ASN I 247 5.25 0.15 -45.45
N CYS I 248 5.36 -0.27 -44.19
CA CYS I 248 4.28 -1.01 -43.51
C CYS I 248 3.15 -0.08 -43.14
N ALA I 249 3.50 1.14 -42.75
CA ALA I 249 2.49 2.11 -42.38
C ALA I 249 1.66 2.41 -43.62
N ARG I 250 2.34 2.53 -44.76
CA ARG I 250 1.66 2.81 -46.02
C ARG I 250 0.65 1.70 -46.36
N LYS I 251 1.04 0.43 -46.21
CA LYS I 251 0.10 -0.67 -46.50
C LYS I 251 -1.09 -0.60 -45.55
N LEU I 252 -0.83 -0.37 -44.26
CA LEU I 252 -1.94 -0.31 -43.30
C LEU I 252 -2.86 0.86 -43.59
N ARG I 253 -2.31 1.97 -44.06
CA ARG I 253 -3.11 3.16 -44.34
C ARG I 253 -4.10 2.89 -45.46
N GLU I 254 -3.95 1.76 -46.15
CA GLU I 254 -4.87 1.42 -47.21
C GLU I 254 -6.23 0.92 -46.70
N LYS I 255 -6.22 0.24 -45.55
CA LYS I 255 -7.45 -0.30 -44.96
C LYS I 255 -8.48 0.80 -44.73
N PHE I 256 -8.03 2.03 -44.49
CA PHE I 256 -8.95 3.13 -44.23
C PHE I 256 -9.73 3.57 -45.47
N LYS I 257 -9.43 2.96 -46.61
CA LYS I 257 -10.13 3.31 -47.85
C LYS I 257 -11.40 2.46 -47.94
#